data_8VIW
#
_entry.id   8VIW
#
_cell.length_a   1.00
_cell.length_b   1.00
_cell.length_c   1.00
_cell.angle_alpha   90.00
_cell.angle_beta   90.00
_cell.angle_gamma   90.00
#
_symmetry.space_group_name_H-M   'P 1'
#
loop_
_entity.id
_entity.type
_entity.pdbx_description
1 polymer 'Heparosan synthase B'
2 branched 'beta-D-glucopyranuronic acid-(1-4)-2-deoxy-2-(sulfoamino)-alpha-D-glucopyranose-(1-4)-beta-D-glucopyranuronic acid-(1-4)-2-deoxy-2-(sulfoamino)-alpha-D-glucopyranose-(1-4)-beta-D-glucopyranuronic acid'
3 non-polymer 'MANGANESE (II) ION'
4 non-polymer "URIDINE-5'-DIPHOSPHATE"
5 water water
#
_entity_poly.entity_id   1
_entity_poly.type   'polypeptide(L)'
_entity_poly.pdbx_seq_one_letter_code
;GSAAADKQTTSITDLYNEVAKSDLGLVKETNSANPLVSIIMTSHNTAQFIEASINSLLLQTYKNIEIIIVDDDSSDNTFE
IASRIANTTSKVRVFRLNSNLGTYFAKNTGILKSKGDIIFFQDSDDVCHHERIERCVNILLANKETIAVRCAYSRLAPET
QHIIKVNNMDYRLGFITLGMHRKVFQEIGFFNCTTKGSDDEFFHRIAKYYGKEKIKNLLLPLYYNTMRENSLFTDMVEWI
DNHNIIQKMSDTRQHYATLFQAMHNETASHDFKNLFQFPRIYDALPVPQEMSKLSNPKIPVYINICSIPSRIAQLRRIIG
ILKNQCDHFHIYLDGYVEIPDFIKNLGNKATVVHCKDKDNSIRDNGKFILLEELIEKNQDGYYITCDDDIIYPSDYINTM
IKKLNEYDDKAVIGLHGILFPSRMTKYFSADRLVYSFYKPLEKDKAVNVLGTGTVSFRVSLFNQFSLSDFTHSGMADIYF
SLLCKKNNILQICISRPANWLTEDNRDSETLYHQYRDNDEQQTQLIMENGPWGYSSIYPLVKNHPKFTDLIPCLPFYFL
;
_entity_poly.pdbx_strand_id   A,B,C,D
#
# COMPACT_ATOMS: atom_id res chain seq x y z
N THR A 9 25.14 -20.76 21.62
CA THR A 9 24.75 -19.40 21.31
C THR A 9 24.26 -18.66 22.54
N THR A 10 24.92 -17.56 22.88
CA THR A 10 24.54 -16.77 24.04
C THR A 10 23.23 -16.04 23.77
N SER A 11 22.36 -16.01 24.78
CA SER A 11 21.05 -15.37 24.67
C SER A 11 20.95 -14.23 25.69
N ILE A 12 19.84 -13.50 25.62
CA ILE A 12 19.65 -12.37 26.52
C ILE A 12 19.41 -12.85 27.95
N THR A 13 18.89 -14.07 28.11
CA THR A 13 18.76 -14.63 29.45
C THR A 13 20.13 -14.79 30.11
N ASP A 14 21.13 -15.20 29.33
CA ASP A 14 22.49 -15.27 29.85
C ASP A 14 23.01 -13.89 30.23
N LEU A 15 22.66 -12.87 29.43
CA LEU A 15 23.06 -11.51 29.78
C LEU A 15 22.45 -11.05 31.09
N TYR A 16 21.16 -11.34 31.29
CA TYR A 16 20.51 -10.97 32.54
C TYR A 16 21.10 -11.74 33.72
N ASN A 17 21.42 -13.02 33.52
CA ASN A 17 22.06 -13.80 34.58
C ASN A 17 23.43 -13.23 34.93
N GLU A 18 24.20 -12.83 33.92
CA GLU A 18 25.51 -12.23 34.18
C GLU A 18 25.38 -10.89 34.91
N VAL A 19 24.38 -10.09 34.52
CA VAL A 19 24.15 -8.82 35.20
C VAL A 19 23.78 -9.04 36.66
N ALA A 20 22.87 -9.99 36.91
CA ALA A 20 22.46 -10.28 38.28
C ALA A 20 23.59 -10.89 39.10
N LYS A 21 24.50 -11.61 38.45
CA LYS A 21 25.59 -12.24 39.18
C LYS A 21 26.63 -11.21 39.63
N SER A 22 26.90 -10.21 38.80
CA SER A 22 27.89 -9.20 39.11
C SER A 22 27.34 -8.22 40.12
N ASP A 23 28.18 -7.84 41.09
CA ASP A 23 27.81 -6.91 42.15
C ASP A 23 28.23 -5.48 41.84
N LEU A 24 28.78 -5.23 40.65
CA LEU A 24 29.24 -3.89 40.30
C LEU A 24 28.07 -2.91 40.23
N GLY A 25 28.29 -1.71 40.74
CA GLY A 25 27.26 -0.70 40.76
C GLY A 25 26.31 -0.77 41.94
N LEU A 26 26.57 -1.64 42.91
CA LEU A 26 25.72 -1.76 44.08
C LEU A 26 26.41 -1.22 45.32
N ALA A 33 23.15 10.75 48.59
CA ALA A 33 21.88 11.30 48.15
C ALA A 33 21.45 10.69 46.83
N ASN A 34 20.28 11.10 46.34
CA ASN A 34 19.72 10.60 45.08
C ASN A 34 19.35 11.80 44.21
N PRO A 35 20.32 12.33 43.47
CA PRO A 35 20.04 13.48 42.60
C PRO A 35 19.11 13.09 41.45
N LEU A 36 18.39 14.09 40.94
CA LEU A 36 17.48 13.86 39.83
C LEU A 36 18.25 13.44 38.59
N VAL A 37 17.79 12.39 37.93
CA VAL A 37 18.44 11.84 36.75
C VAL A 37 17.46 11.93 35.59
N SER A 38 17.89 12.59 34.51
CA SER A 38 17.06 12.77 33.33
C SER A 38 17.55 11.83 32.25
N ILE A 39 16.66 10.96 31.77
CA ILE A 39 16.96 10.03 30.69
C ILE A 39 16.32 10.59 29.42
N ILE A 40 17.13 10.81 28.40
CA ILE A 40 16.69 11.49 27.18
C ILE A 40 16.56 10.44 26.08
N MET A 41 15.36 10.33 25.54
CA MET A 41 15.04 9.38 24.49
C MET A 41 14.78 10.13 23.19
N THR A 42 15.24 9.58 22.08
CA THR A 42 15.02 10.14 20.76
C THR A 42 14.20 9.14 19.94
N SER A 43 13.07 9.58 19.42
CA SER A 43 12.15 8.71 18.70
C SER A 43 11.97 9.21 17.28
N HIS A 44 12.02 8.30 16.32
CA HIS A 44 11.77 8.63 14.92
C HIS A 44 11.27 7.37 14.23
N ASN A 45 9.95 7.31 14.01
CA ASN A 45 9.30 6.17 13.34
C ASN A 45 9.60 4.86 14.05
N THR A 46 9.57 4.87 15.37
CA THR A 46 9.80 3.70 16.19
C THR A 46 8.61 3.41 17.08
N ALA A 47 7.40 3.51 16.52
CA ALA A 47 6.18 3.29 17.28
C ALA A 47 6.05 1.85 17.77
N GLN A 48 6.72 0.90 17.12
CA GLN A 48 6.63 -0.48 17.55
C GLN A 48 7.42 -0.74 18.82
N PHE A 49 8.45 0.07 19.09
CA PHE A 49 9.36 -0.19 20.20
C PHE A 49 9.40 0.90 21.24
N ILE A 50 8.84 2.09 20.97
CA ILE A 50 8.99 3.20 21.92
C ILE A 50 8.22 2.91 23.20
N GLU A 51 7.05 2.28 23.10
CA GLU A 51 6.28 1.96 24.28
C GLU A 51 7.03 0.97 25.17
N ALA A 52 7.65 -0.03 24.57
CA ALA A 52 8.45 -0.98 25.33
C ALA A 52 9.65 -0.29 25.97
N SER A 53 10.27 0.64 25.24
CA SER A 53 11.42 1.37 25.79
C SER A 53 11.02 2.20 27.00
N ILE A 54 9.90 2.92 26.91
CA ILE A 54 9.45 3.73 28.03
C ILE A 54 9.04 2.85 29.21
N ASN A 55 8.42 1.70 28.93
CA ASN A 55 8.08 0.77 30.00
C ASN A 55 9.35 0.26 30.70
N SER A 56 10.39 -0.03 29.93
CA SER A 56 11.65 -0.47 30.52
C SER A 56 12.28 0.62 31.36
N LEU A 57 12.19 1.87 30.89
CA LEU A 57 12.74 2.99 31.67
C LEU A 57 11.95 3.23 32.94
N LEU A 58 10.64 3.03 32.91
CA LEU A 58 9.82 3.23 34.10
C LEU A 58 10.00 2.12 35.13
N LEU A 59 10.58 0.99 34.74
CA LEU A 59 10.80 -0.12 35.65
C LEU A 59 12.16 -0.06 36.35
N GLN A 60 12.92 1.01 36.15
CA GLN A 60 14.23 1.12 36.78
C GLN A 60 14.11 1.24 38.28
N THR A 61 15.04 0.63 39.00
CA THR A 61 15.02 0.67 40.46
C THR A 61 15.34 2.07 40.99
N TYR A 62 15.97 2.92 40.20
CA TYR A 62 16.25 4.30 40.59
C TYR A 62 14.96 5.08 40.44
N LYS A 63 14.28 5.33 41.56
CA LYS A 63 12.96 5.94 41.51
C LYS A 63 13.03 7.41 41.09
N ASN A 64 14.00 8.16 41.62
CA ASN A 64 14.11 9.59 41.36
C ASN A 64 14.67 9.81 39.96
N ILE A 65 13.80 9.62 38.96
CA ILE A 65 14.17 9.81 37.57
C ILE A 65 13.07 10.57 36.84
N GLU A 66 13.44 11.20 35.74
CA GLU A 66 12.50 11.77 34.79
C GLU A 66 12.92 11.35 33.40
N ILE A 67 11.94 11.25 32.50
CA ILE A 67 12.15 10.75 31.15
C ILE A 67 11.76 11.85 30.18
N ILE A 68 12.76 12.48 29.57
CA ILE A 68 12.53 13.50 28.55
C ILE A 68 12.62 12.82 27.20
N ILE A 69 11.52 12.84 26.45
CA ILE A 69 11.42 12.18 25.16
C ILE A 69 11.28 13.25 24.09
N VAL A 70 12.08 13.14 23.03
CA VAL A 70 12.04 14.07 21.91
C VAL A 70 11.76 13.27 20.64
N ASP A 71 10.75 13.71 19.90
CA ASP A 71 10.32 13.03 18.68
C ASP A 71 10.89 13.80 17.48
N ASP A 72 11.62 13.08 16.63
CA ASP A 72 12.30 13.70 15.49
C ASP A 72 11.40 13.68 14.25
N ASP A 73 10.22 14.26 14.41
CA ASP A 73 9.21 14.39 13.36
C ASP A 73 8.87 13.03 12.75
N SER A 74 8.34 12.15 13.60
CA SER A 74 7.93 10.83 13.16
C SER A 74 6.69 10.93 12.27
N SER A 75 6.61 10.06 11.27
CA SER A 75 5.47 10.02 10.38
C SER A 75 4.40 9.03 10.82
N ASP A 76 4.68 8.20 11.82
CA ASP A 76 3.76 7.22 12.38
C ASP A 76 3.20 7.75 13.69
N ASN A 77 2.52 6.90 14.45
CA ASN A 77 1.85 7.29 15.69
C ASN A 77 2.77 7.17 16.89
N THR A 78 4.08 7.35 16.67
CA THR A 78 5.04 7.33 17.76
C THR A 78 4.77 8.45 18.77
N PHE A 79 4.52 9.66 18.26
CA PHE A 79 4.27 10.79 19.15
C PHE A 79 2.97 10.62 19.92
N GLU A 80 1.96 9.98 19.31
CA GLU A 80 0.71 9.74 20.03
C GLU A 80 0.93 8.81 21.22
N ILE A 81 1.69 7.73 21.02
CA ILE A 81 1.99 6.82 22.12
C ILE A 81 2.80 7.53 23.20
N ALA A 82 3.79 8.32 22.78
CA ALA A 82 4.61 9.04 23.74
C ALA A 82 3.78 10.02 24.55
N SER A 83 2.86 10.74 23.89
CA SER A 83 2.01 11.69 24.59
C SER A 83 1.05 10.98 25.55
N ARG A 84 0.52 9.82 25.14
CA ARG A 84 -0.36 9.06 26.02
C ARG A 84 0.39 8.60 27.27
N ILE A 85 1.61 8.10 27.10
CA ILE A 85 2.38 7.64 28.26
C ILE A 85 2.77 8.82 29.13
N ALA A 86 3.08 9.96 28.53
CA ALA A 86 3.39 11.16 29.30
C ALA A 86 2.18 11.65 30.08
N ASN A 87 0.97 11.43 29.55
CA ASN A 87 -0.23 11.77 30.30
C ASN A 87 -0.52 10.77 31.41
N THR A 88 -0.10 9.51 31.25
CA THR A 88 -0.37 8.53 32.29
C THR A 88 0.41 8.82 33.57
N THR A 89 1.68 9.21 33.44
CA THR A 89 2.55 9.38 34.60
C THR A 89 3.29 10.71 34.52
N SER A 90 3.68 11.22 35.68
CA SER A 90 4.36 12.51 35.76
C SER A 90 5.86 12.42 35.53
N LYS A 91 6.41 11.23 35.41
CA LYS A 91 7.84 11.06 35.19
C LYS A 91 8.24 11.19 33.73
N VAL A 92 7.28 11.34 32.82
CA VAL A 92 7.54 11.37 31.39
C VAL A 92 7.09 12.71 30.84
N ARG A 93 8.01 13.42 30.17
CA ARG A 93 7.70 14.67 29.49
C ARG A 93 8.15 14.53 28.04
N VAL A 94 7.23 14.82 27.12
CA VAL A 94 7.42 14.52 25.70
C VAL A 94 7.33 15.81 24.90
N PHE A 95 8.30 16.03 24.02
CA PHE A 95 8.31 17.13 23.07
C PHE A 95 8.55 16.56 21.68
N ARG A 96 8.06 17.26 20.67
CA ARG A 96 8.20 16.81 19.29
C ARG A 96 8.86 17.90 18.45
N LEU A 97 9.87 17.51 17.68
CA LEU A 97 10.48 18.41 16.72
C LEU A 97 9.66 18.40 15.43
N ASN A 98 9.31 19.60 14.95
CA ASN A 98 8.48 19.69 13.75
C ASN A 98 9.25 19.35 12.48
N SER A 99 10.57 19.27 12.54
CA SER A 99 11.38 18.90 11.39
C SER A 99 12.40 17.84 11.82
N ASN A 100 12.81 17.02 10.85
CA ASN A 100 13.75 15.93 11.12
C ASN A 100 15.17 16.50 11.10
N LEU A 101 15.82 16.48 12.25
CA LEU A 101 17.15 17.06 12.40
C LEU A 101 18.18 16.08 12.95
N GLY A 102 17.85 14.80 13.01
CA GLY A 102 18.77 13.80 13.52
C GLY A 102 18.58 13.54 14.99
N THR A 103 19.25 12.48 15.47
CA THR A 103 19.10 12.07 16.86
C THR A 103 19.84 12.99 17.81
N TYR A 104 20.98 13.56 17.39
CA TYR A 104 21.77 14.37 18.31
C TYR A 104 21.15 15.74 18.56
N PHE A 105 20.47 16.30 17.57
CA PHE A 105 19.70 17.52 17.80
C PHE A 105 18.60 17.27 18.84
N ALA A 106 17.94 16.13 18.74
CA ALA A 106 16.93 15.77 19.72
C ALA A 106 17.55 15.56 21.09
N LYS A 107 18.73 14.96 21.15
CA LYS A 107 19.43 14.79 22.43
C LYS A 107 19.75 16.13 23.06
N ASN A 108 20.24 17.08 22.27
CA ASN A 108 20.55 18.40 22.80
C ASN A 108 19.28 19.14 23.24
N THR A 109 18.19 18.99 22.50
CA THR A 109 16.92 19.58 22.90
C THR A 109 16.45 18.98 24.23
N GLY A 110 16.61 17.68 24.39
CA GLY A 110 16.27 17.06 25.66
C GLY A 110 17.14 17.53 26.80
N ILE A 111 18.42 17.77 26.51
CA ILE A 111 19.32 18.32 27.53
C ILE A 111 18.85 19.70 27.95
N LEU A 112 18.47 20.54 26.99
CA LEU A 112 17.96 21.87 27.32
C LEU A 112 16.67 21.79 28.12
N LYS A 113 15.78 20.87 27.77
CA LYS A 113 14.51 20.74 28.47
C LYS A 113 14.62 19.98 29.78
N SER A 114 15.75 19.32 30.05
CA SER A 114 15.88 18.53 31.27
C SER A 114 16.12 19.43 32.47
N LYS A 115 15.92 18.85 33.65
CA LYS A 115 16.15 19.55 34.90
C LYS A 115 17.08 18.82 35.86
N GLY A 116 17.42 17.55 35.59
CA GLY A 116 18.25 16.81 36.51
C GLY A 116 19.72 17.19 36.42
N ASP A 117 20.44 16.82 37.48
CA ASP A 117 21.88 17.07 37.53
C ASP A 117 22.68 15.99 36.83
N ILE A 118 22.07 14.86 36.49
CA ILE A 118 22.73 13.77 35.78
C ILE A 118 21.91 13.46 34.53
N ILE A 119 22.60 13.24 33.42
CA ILE A 119 21.96 13.03 32.12
C ILE A 119 22.35 11.67 31.59
N PHE A 120 21.35 10.86 31.22
CA PHE A 120 21.58 9.58 30.56
C PHE A 120 20.80 9.56 29.25
N PHE A 121 21.16 8.62 28.39
CA PHE A 121 20.56 8.52 27.07
C PHE A 121 20.08 7.09 26.80
N GLN A 122 19.05 6.97 25.98
CA GLN A 122 18.53 5.68 25.56
C GLN A 122 17.67 5.87 24.31
N ASP A 123 17.98 5.11 23.26
CA ASP A 123 17.23 5.22 22.02
C ASP A 123 15.83 4.64 22.19
N SER A 124 14.90 5.12 21.36
CA SER A 124 13.52 4.66 21.47
C SER A 124 13.36 3.23 20.99
N ASP A 125 14.14 2.81 19.99
CA ASP A 125 14.03 1.45 19.48
C ASP A 125 14.71 0.42 20.38
N ASP A 126 15.41 0.86 21.42
CA ASP A 126 16.16 -0.02 22.30
C ASP A 126 15.56 0.00 23.70
N VAL A 127 15.83 -1.06 24.44
CA VAL A 127 15.37 -1.19 25.82
C VAL A 127 16.59 -1.47 26.70
N CYS A 128 16.43 -1.18 27.99
CA CYS A 128 17.53 -1.26 28.94
C CYS A 128 17.15 -2.18 30.10
N HIS A 129 18.18 -2.68 30.78
CA HIS A 129 17.96 -3.48 31.97
C HIS A 129 17.37 -2.62 33.07
N HIS A 130 16.59 -3.26 33.95
CA HIS A 130 15.90 -2.53 35.00
C HIS A 130 16.81 -2.11 36.15
N GLU A 131 18.13 -2.27 36.00
CA GLU A 131 19.09 -1.84 37.02
C GLU A 131 20.24 -1.06 36.40
N ARG A 132 20.07 -0.57 35.17
CA ARG A 132 21.17 0.14 34.51
C ARG A 132 21.46 1.47 35.17
N ILE A 133 20.41 2.27 35.40
CA ILE A 133 20.62 3.64 35.87
C ILE A 133 21.14 3.65 37.30
N GLU A 134 20.66 2.74 38.15
CA GLU A 134 21.14 2.68 39.52
C GLU A 134 22.64 2.37 39.57
N ARG A 135 23.06 1.32 38.85
CA ARG A 135 24.47 0.95 38.82
C ARG A 135 25.32 2.05 38.22
N CYS A 136 24.85 2.66 37.14
CA CYS A 136 25.63 3.71 36.48
C CYS A 136 25.79 4.93 37.38
N VAL A 137 24.72 5.32 38.09
CA VAL A 137 24.80 6.46 38.99
C VAL A 137 25.72 6.14 40.17
N ASN A 138 25.65 4.91 40.68
CA ASN A 138 26.54 4.53 41.78
C ASN A 138 28.01 4.58 41.34
N ILE A 139 28.30 4.10 40.14
CA ILE A 139 29.67 4.15 39.63
C ILE A 139 30.11 5.59 39.41
N LEU A 140 29.19 6.42 38.87
CA LEU A 140 29.52 7.81 38.59
C LEU A 140 29.83 8.59 39.86
N LEU A 141 29.03 8.38 40.90
CA LEU A 141 29.17 9.14 42.14
C LEU A 141 30.05 8.43 43.17
N ALA A 142 30.64 7.28 42.82
CA ALA A 142 31.56 6.62 43.75
C ALA A 142 32.78 7.48 44.01
N ASN A 143 33.32 8.13 42.98
CA ASN A 143 34.46 9.02 43.11
C ASN A 143 34.06 10.43 42.69
N LYS A 144 34.50 11.41 43.47
CA LYS A 144 34.10 12.79 43.21
C LYS A 144 34.66 13.30 41.88
N GLU A 145 35.90 12.93 41.56
CA GLU A 145 36.53 13.42 40.34
C GLU A 145 35.94 12.82 39.07
N THR A 146 35.13 11.76 39.19
CA THR A 146 34.52 11.15 38.02
C THR A 146 33.55 12.12 37.35
N ILE A 147 33.62 12.20 36.03
CA ILE A 147 32.78 13.12 35.28
C ILE A 147 31.77 12.40 34.38
N ALA A 148 32.03 11.15 34.00
CA ALA A 148 31.10 10.44 33.14
C ALA A 148 31.31 8.94 33.31
N VAL A 149 30.24 8.18 33.05
CA VAL A 149 30.25 6.74 33.15
C VAL A 149 29.54 6.16 31.92
N ARG A 150 30.10 5.09 31.38
CA ARG A 150 29.49 4.38 30.27
C ARG A 150 29.47 2.88 30.58
N CYS A 151 28.47 2.19 30.05
CA CYS A 151 28.33 0.75 30.25
C CYS A 151 28.19 0.06 28.90
N ALA A 152 28.60 -1.20 28.86
CA ALA A 152 28.60 -1.95 27.62
C ALA A 152 27.18 -2.22 27.12
N TYR A 153 27.03 -2.26 25.80
CA TYR A 153 25.76 -2.54 25.13
C TYR A 153 25.87 -3.82 24.30
N SER A 154 24.76 -4.21 23.69
CA SER A 154 24.74 -5.40 22.85
C SER A 154 23.67 -5.25 21.79
N ARG A 155 23.78 -6.07 20.75
CA ARG A 155 22.84 -6.08 19.63
C ARG A 155 21.97 -7.32 19.71
N LEU A 156 20.66 -7.15 19.55
CA LEU A 156 19.70 -8.22 19.66
C LEU A 156 18.77 -8.24 18.47
N ALA A 157 18.38 -9.43 18.05
CA ALA A 157 17.36 -9.59 17.02
C ALA A 157 15.98 -9.53 17.65
N PRO A 158 15.09 -8.64 17.21
CA PRO A 158 13.78 -8.53 17.87
C PRO A 158 12.91 -9.77 17.73
N GLU A 159 13.16 -10.62 16.74
CA GLU A 159 12.31 -11.78 16.51
C GLU A 159 12.70 -12.94 17.43
N THR A 160 13.93 -13.42 17.30
CA THR A 160 14.38 -14.59 18.06
C THR A 160 14.94 -14.23 19.43
N GLN A 161 15.10 -12.94 19.74
CA GLN A 161 15.67 -12.45 21.00
C GLN A 161 17.08 -12.98 21.25
N HIS A 162 17.79 -13.35 20.19
CA HIS A 162 19.16 -13.81 20.31
C HIS A 162 20.12 -12.63 20.26
N ILE A 163 21.40 -12.90 20.50
CA ILE A 163 22.43 -11.88 20.54
C ILE A 163 23.10 -11.80 19.18
N ILE A 164 23.15 -10.60 18.62
CA ILE A 164 23.87 -10.34 17.37
C ILE A 164 25.29 -9.93 17.76
N LYS A 165 26.22 -10.87 17.70
CA LYS A 165 27.60 -10.58 18.09
C LYS A 165 28.22 -9.60 17.12
N VAL A 166 28.92 -8.61 17.66
CA VAL A 166 29.60 -7.58 16.88
C VAL A 166 31.10 -7.75 17.08
N ASN A 167 31.82 -7.93 15.98
CA ASN A 167 33.27 -8.15 16.00
C ASN A 167 33.63 -9.34 16.90
N ASN A 168 32.82 -10.40 16.81
CA ASN A 168 33.04 -11.64 17.56
C ASN A 168 33.06 -11.40 19.06
N MET A 169 32.22 -10.47 19.53
CA MET A 169 32.08 -10.20 20.96
C MET A 169 30.61 -10.03 21.29
N ASP A 170 30.20 -10.60 22.43
CA ASP A 170 28.79 -10.54 22.82
C ASP A 170 28.37 -9.11 23.14
N TYR A 171 29.14 -8.43 23.99
CA TYR A 171 28.84 -7.05 24.35
C TYR A 171 30.12 -6.23 24.32
N ARG A 172 29.98 -4.97 23.93
CA ARG A 172 31.10 -4.05 23.79
C ARG A 172 30.71 -2.70 24.37
N LEU A 173 31.72 -1.94 24.80
CA LEU A 173 31.48 -0.61 25.33
C LEU A 173 30.98 0.31 24.22
N GLY A 174 29.97 1.11 24.53
CA GLY A 174 29.37 1.99 23.55
C GLY A 174 29.35 3.44 23.97
N PHE A 175 28.68 4.28 23.18
CA PHE A 175 28.60 5.70 23.47
C PHE A 175 27.20 6.20 23.73
N ILE A 176 26.16 5.47 23.31
CA ILE A 176 24.80 5.84 23.63
C ILE A 176 24.53 5.67 25.12
N THR A 177 25.19 4.69 25.75
CA THR A 177 24.99 4.42 27.16
C THR A 177 25.78 5.36 28.07
N LEU A 178 26.56 6.26 27.51
CA LEU A 178 27.38 7.16 28.31
C LEU A 178 26.50 8.15 29.07
N GLY A 179 26.76 8.26 30.36
CA GLY A 179 26.03 9.20 31.20
C GLY A 179 27.00 10.08 31.97
N MET A 180 26.62 11.34 32.16
CA MET A 180 27.50 12.33 32.74
C MET A 180 26.69 13.32 33.56
N HIS A 181 27.39 14.28 34.15
CA HIS A 181 26.75 15.32 34.94
C HIS A 181 26.12 16.38 34.03
N ARG A 182 25.26 17.20 34.63
CA ARG A 182 24.63 18.28 33.86
C ARG A 182 25.64 19.36 33.49
N LYS A 183 26.63 19.59 34.34
CA LYS A 183 27.61 20.65 34.09
C LYS A 183 28.56 20.33 32.94
N VAL A 184 28.56 19.08 32.46
CA VAL A 184 29.44 18.74 31.35
C VAL A 184 29.03 19.49 30.08
N PHE A 185 27.73 19.58 29.83
CA PHE A 185 27.26 20.18 28.58
C PHE A 185 27.39 21.69 28.56
N GLN A 186 27.58 22.33 29.72
CA GLN A 186 27.75 23.78 29.76
C GLN A 186 29.21 24.21 29.76
N GLU A 187 30.15 23.26 29.70
CA GLU A 187 31.57 23.58 29.68
C GLU A 187 32.26 23.24 28.37
N ILE A 188 31.78 22.24 27.64
CA ILE A 188 32.40 21.84 26.38
C ILE A 188 31.34 21.80 25.29
N GLY A 189 30.25 22.55 25.48
CA GLY A 189 29.21 22.54 24.48
C GLY A 189 28.37 21.28 24.52
N PHE A 190 27.60 21.10 23.46
CA PHE A 190 26.66 19.99 23.34
C PHE A 190 27.11 19.05 22.22
N PHE A 191 26.28 18.06 21.92
CA PHE A 191 26.57 17.15 20.82
C PHE A 191 26.61 17.89 19.49
N ASN A 192 27.51 17.46 18.60
CA ASN A 192 27.55 18.02 17.27
C ASN A 192 26.31 17.59 16.49
N CYS A 193 25.65 18.56 15.86
CA CYS A 193 24.37 18.30 15.19
C CYS A 193 24.64 17.66 13.83
N THR A 194 24.91 16.35 13.87
CA THR A 194 25.11 15.55 12.68
C THR A 194 24.16 14.37 12.69
N THR A 195 24.03 13.71 11.53
CA THR A 195 23.15 12.55 11.44
C THR A 195 23.65 11.39 12.29
N LYS A 196 24.95 11.13 12.26
CA LYS A 196 25.51 9.97 12.96
C LYS A 196 26.99 10.22 13.22
N GLY A 197 27.53 9.45 14.16
CA GLY A 197 28.92 9.54 14.53
C GLY A 197 29.27 10.64 15.50
N SER A 198 28.29 11.44 15.94
CA SER A 198 28.57 12.52 16.87
C SER A 198 28.80 12.04 18.29
N ASP A 199 28.33 10.84 18.64
CA ASP A 199 28.57 10.32 19.98
C ASP A 199 30.05 10.04 20.22
N ASP A 200 30.73 9.47 19.23
CA ASP A 200 32.17 9.25 19.34
C ASP A 200 32.91 10.57 19.46
N GLU A 201 32.50 11.57 18.68
CA GLU A 201 33.13 12.88 18.76
C GLU A 201 32.94 13.50 20.14
N PHE A 202 31.74 13.39 20.70
CA PHE A 202 31.49 13.94 22.02
C PHE A 202 32.29 13.22 23.09
N PHE A 203 32.37 11.89 22.99
CA PHE A 203 33.16 11.12 23.96
C PHE A 203 34.64 11.49 23.89
N HIS A 204 35.18 11.63 22.68
CA HIS A 204 36.57 12.03 22.55
C HIS A 204 36.79 13.46 23.01
N ARG A 205 35.79 14.33 22.84
CA ARG A 205 35.88 15.68 23.37
C ARG A 205 35.96 15.67 24.89
N ILE A 206 35.14 14.84 25.54
CA ILE A 206 35.19 14.72 26.99
C ILE A 206 36.55 14.19 27.43
N ALA A 207 37.07 13.18 26.73
CA ALA A 207 38.36 12.62 27.07
C ALA A 207 39.48 13.65 26.92
N LYS A 208 39.40 14.46 25.87
CA LYS A 208 40.43 15.49 25.65
C LYS A 208 40.35 16.58 26.69
N TYR A 209 39.14 16.99 27.08
CA TYR A 209 39.01 18.08 28.04
C TYR A 209 39.34 17.62 29.45
N TYR A 210 38.58 16.66 29.97
CA TYR A 210 38.76 16.24 31.36
C TYR A 210 39.90 15.24 31.49
N GLY A 211 39.81 14.12 30.79
CA GLY A 211 40.84 13.10 30.83
C GLY A 211 40.24 11.70 30.80
N LYS A 212 41.07 10.74 30.39
CA LYS A 212 40.62 9.35 30.34
C LYS A 212 40.36 8.79 31.73
N GLU A 213 41.07 9.31 32.75
CA GLU A 213 40.82 8.86 34.10
C GLU A 213 39.48 9.35 34.64
N LYS A 214 38.89 10.35 34.00
CA LYS A 214 37.61 10.90 34.44
C LYS A 214 36.41 10.13 33.88
N ILE A 215 36.64 9.10 33.08
CA ILE A 215 35.58 8.30 32.48
C ILE A 215 35.63 6.91 33.09
N LYS A 216 34.47 6.42 33.55
CA LYS A 216 34.37 5.09 34.10
C LYS A 216 33.69 4.16 33.11
N ASN A 217 34.13 2.90 33.10
CA ASN A 217 33.61 1.88 32.20
C ASN A 217 33.01 0.76 33.02
N LEU A 218 31.82 0.30 32.62
CA LEU A 218 31.12 -0.79 33.28
C LEU A 218 30.89 -1.89 32.26
N LEU A 219 31.63 -2.99 32.41
CA LEU A 219 31.56 -4.12 31.48
C LEU A 219 30.38 -5.01 31.86
N LEU A 220 29.18 -4.43 31.71
CA LEU A 220 27.93 -5.12 31.97
C LEU A 220 26.97 -4.82 30.83
N PRO A 221 26.30 -5.83 30.28
CA PRO A 221 25.33 -5.60 29.19
C PRO A 221 24.02 -5.00 29.71
N LEU A 222 24.10 -3.74 30.12
CA LEU A 222 22.95 -3.04 30.68
C LEU A 222 22.10 -2.36 29.63
N TYR A 223 22.51 -2.40 28.36
CA TYR A 223 21.77 -1.79 27.28
C TYR A 223 21.63 -2.80 26.16
N TYR A 224 20.51 -2.73 25.44
CA TYR A 224 20.18 -3.73 24.42
C TYR A 224 19.73 -3.02 23.14
N ASN A 225 20.67 -2.84 22.21
CA ASN A 225 20.36 -2.23 20.94
C ASN A 225 19.61 -3.22 20.05
N THR A 226 18.38 -2.88 19.69
CA THR A 226 17.60 -3.76 18.81
C THR A 226 18.12 -3.64 17.39
N MET A 227 18.36 -4.79 16.75
CA MET A 227 18.90 -4.82 15.40
C MET A 227 17.74 -4.82 14.42
N ARG A 228 17.50 -3.68 13.78
CA ARG A 228 16.44 -3.56 12.79
C ARG A 228 17.03 -2.99 11.51
N GLU A 229 16.42 -3.36 10.39
CA GLU A 229 16.94 -2.98 9.08
C GLU A 229 16.74 -1.50 8.82
N ASN A 230 17.57 -0.97 7.92
CA ASN A 230 17.52 0.43 7.49
C ASN A 230 17.67 1.39 8.67
N SER A 231 18.55 1.05 9.60
CA SER A 231 18.85 1.92 10.72
C SER A 231 20.01 2.84 10.35
N LEU A 232 20.50 3.62 11.31
CA LEU A 232 21.55 4.58 11.02
C LEU A 232 22.90 3.89 10.83
N PHE A 233 23.17 2.84 11.61
CA PHE A 233 24.49 2.22 11.62
C PHE A 233 24.60 1.05 10.65
N THR A 234 23.56 0.79 9.84
CA THR A 234 23.62 -0.30 8.88
C THR A 234 24.71 -0.12 7.85
N ASP A 235 25.18 1.11 7.63
CA ASP A 235 26.30 1.33 6.73
C ASP A 235 27.58 0.70 7.25
N MET A 236 27.68 0.46 8.56
CA MET A 236 28.85 -0.16 9.14
C MET A 236 28.75 -1.68 9.24
N VAL A 237 27.61 -2.25 8.89
CA VAL A 237 27.35 -3.67 9.16
C VAL A 237 27.70 -4.50 7.94
N GLU A 238 28.55 -5.50 8.14
CA GLU A 238 28.77 -6.55 7.17
C GLU A 238 28.29 -7.86 7.79
N TRP A 239 27.34 -8.50 7.14
CA TRP A 239 26.70 -9.70 7.68
C TRP A 239 27.52 -10.93 7.37
N ILE A 240 27.81 -11.73 8.39
CA ILE A 240 28.42 -13.04 8.23
C ILE A 240 27.39 -14.15 8.35
N ASP A 241 26.60 -14.12 9.41
CA ASP A 241 25.51 -15.07 9.61
C ASP A 241 24.41 -14.36 10.40
N ASN A 242 23.48 -15.13 10.96
CA ASN A 242 22.39 -14.55 11.71
C ASN A 242 22.79 -14.15 13.12
N HIS A 243 24.00 -14.49 13.57
CA HIS A 243 24.44 -14.19 14.92
C HIS A 243 25.79 -13.48 14.98
N ASN A 244 26.37 -13.13 13.83
CA ASN A 244 27.67 -12.46 13.81
C ASN A 244 27.69 -11.40 12.71
N ILE A 245 28.14 -10.20 13.06
CA ILE A 245 28.33 -9.11 12.12
C ILE A 245 29.68 -8.46 12.37
N ILE A 246 30.15 -7.73 11.37
CA ILE A 246 31.40 -6.97 11.44
C ILE A 246 31.07 -5.49 11.30
N GLN A 247 31.53 -4.70 12.27
CA GLN A 247 31.28 -3.27 12.30
C GLN A 247 32.56 -2.53 11.93
N LYS A 248 32.54 -1.84 10.78
CA LYS A 248 33.66 -1.04 10.31
C LYS A 248 33.14 0.30 9.83
N MET A 249 33.87 1.36 10.16
CA MET A 249 33.45 2.70 9.79
C MET A 249 33.51 2.89 8.29
N SER A 250 32.51 3.58 7.74
CA SER A 250 32.44 3.83 6.31
C SER A 250 33.41 4.93 5.92
N ASP A 251 33.42 5.28 4.63
CA ASP A 251 34.31 6.32 4.14
C ASP A 251 33.93 7.68 4.73
N THR A 252 32.64 8.01 4.74
CA THR A 252 32.20 9.27 5.32
C THR A 252 32.43 9.29 6.82
N ARG A 253 32.17 8.17 7.49
CA ARG A 253 32.44 8.10 8.93
C ARG A 253 33.92 8.24 9.23
N GLN A 254 34.78 7.63 8.40
CA GLN A 254 36.22 7.78 8.61
C GLN A 254 36.67 9.22 8.36
N HIS A 255 36.10 9.87 7.34
CA HIS A 255 36.44 11.27 7.08
C HIS A 255 36.01 12.15 8.23
N TYR A 256 34.83 11.91 8.79
CA TYR A 256 34.39 12.66 9.96
C TYR A 256 35.28 12.39 11.17
N ALA A 257 35.69 11.14 11.36
CA ALA A 257 36.54 10.79 12.49
C ALA A 257 37.89 11.48 12.40
N THR A 258 38.49 11.48 11.21
CA THR A 258 39.75 12.20 11.03
C THR A 258 39.57 13.70 11.13
N LEU A 259 38.36 14.21 10.89
CA LEU A 259 38.14 15.65 10.89
C LEU A 259 38.22 16.23 12.29
N PHE A 260 37.56 15.60 13.26
CA PHE A 260 37.51 16.17 14.60
C PHE A 260 38.71 15.82 15.46
N GLN A 261 39.39 14.70 15.18
CA GLN A 261 40.57 14.35 15.96
C GLN A 261 41.67 15.40 15.76
N ALA A 262 41.86 15.87 14.52
CA ALA A 262 42.76 16.98 14.29
C ALA A 262 42.20 18.28 14.86
N MET A 263 40.88 18.44 14.83
CA MET A 263 40.26 19.64 15.37
C MET A 263 40.43 19.72 16.88
N HIS A 264 40.41 18.57 17.57
CA HIS A 264 40.63 18.58 19.01
C HIS A 264 42.04 19.05 19.35
N ASN A 265 43.03 18.64 18.55
CA ASN A 265 44.41 19.06 18.80
C ASN A 265 44.64 20.51 18.38
N GLU A 266 43.96 20.98 17.34
CA GLU A 266 44.19 22.32 16.81
C GLU A 266 43.33 23.38 17.46
N THR A 267 42.49 23.02 18.42
CA THR A 267 41.63 23.98 19.11
C THR A 267 41.83 23.83 20.61
N ALA A 268 41.91 24.97 21.31
CA ALA A 268 42.04 24.96 22.76
C ALA A 268 40.79 24.35 23.40
N SER A 269 40.98 23.71 24.54
CA SER A 269 39.88 23.03 25.21
C SER A 269 38.80 24.02 25.64
N HIS A 270 39.22 25.14 26.25
CA HIS A 270 38.25 26.13 26.71
C HIS A 270 37.48 26.78 25.56
N ASP A 271 37.97 26.64 24.32
CA ASP A 271 37.25 27.14 23.16
C ASP A 271 36.11 26.22 22.73
N PHE A 272 36.05 24.99 23.25
CA PHE A 272 35.01 24.06 22.85
C PHE A 272 33.62 24.61 23.15
N LYS A 273 33.46 25.23 24.33
CA LYS A 273 32.19 25.87 24.69
C LYS A 273 31.78 26.92 23.67
N ASN A 274 32.74 27.59 23.05
CA ASN A 274 32.45 28.60 22.05
C ASN A 274 32.31 28.02 20.64
N LEU A 275 32.52 26.72 20.48
CA LEU A 275 32.50 26.09 19.16
C LEU A 275 31.26 25.26 18.89
N PHE A 276 30.74 24.58 19.90
CA PHE A 276 29.60 23.68 19.76
C PHE A 276 28.39 24.18 20.53
N GLN A 277 28.11 25.48 20.43
CA GLN A 277 26.96 26.05 21.09
C GLN A 277 25.66 25.51 20.48
N PHE A 278 24.69 25.25 21.34
CA PHE A 278 23.38 24.77 20.93
C PHE A 278 22.31 25.70 21.50
N PRO A 279 21.24 26.00 20.73
CA PRO A 279 20.93 25.55 19.37
C PRO A 279 21.76 26.23 18.29
N ARG A 280 21.92 25.58 17.14
CA ARG A 280 22.71 26.12 16.05
C ARG A 280 22.07 25.72 14.73
N ILE A 281 22.36 26.50 13.69
CA ILE A 281 21.86 26.23 12.35
C ILE A 281 22.98 26.04 11.34
N TYR A 282 24.23 26.13 11.75
CA TYR A 282 25.36 25.91 10.87
C TYR A 282 26.22 24.79 11.42
N ASP A 283 26.81 24.01 10.53
CA ASP A 283 27.67 22.90 10.94
C ASP A 283 28.97 23.44 11.55
N ALA A 284 29.32 22.91 12.71
CA ALA A 284 30.57 23.30 13.35
C ALA A 284 31.79 22.68 12.67
N LEU A 285 31.59 21.65 11.86
CA LEU A 285 32.67 20.98 11.16
C LEU A 285 32.32 20.88 9.68
N PRO A 286 33.33 20.90 8.80
CA PRO A 286 33.05 20.76 7.36
C PRO A 286 32.64 19.35 6.99
N VAL A 287 31.37 19.02 7.20
CA VAL A 287 30.85 17.68 6.90
C VAL A 287 30.01 17.75 5.63
N PRO A 288 29.87 16.66 4.88
CA PRO A 288 29.02 16.69 3.68
C PRO A 288 27.55 16.79 4.04
N GLN A 289 26.73 17.01 3.02
CA GLN A 289 25.29 17.19 3.22
C GLN A 289 24.63 15.91 3.72
N GLU A 290 25.14 14.74 3.31
CA GLU A 290 24.56 13.48 3.74
C GLU A 290 24.87 13.15 5.20
N MET A 291 25.78 13.88 5.83
CA MET A 291 26.15 13.63 7.22
C MET A 291 25.53 14.63 8.20
N SER A 292 24.95 15.72 7.70
CA SER A 292 24.33 16.72 8.55
C SER A 292 22.91 16.97 8.10
N LYS A 293 21.97 16.94 9.04
CA LYS A 293 20.57 17.22 8.75
C LYS A 293 20.16 18.63 9.16
N LEU A 294 21.12 19.49 9.50
CA LEU A 294 20.80 20.87 9.77
C LEU A 294 20.38 21.58 8.49
N SER A 295 19.74 22.74 8.66
CA SER A 295 19.30 23.51 7.51
C SER A 295 20.49 24.02 6.70
N ASN A 296 21.52 24.54 7.37
CA ASN A 296 22.72 25.11 6.78
C ASN A 296 22.39 26.10 5.68
N PRO A 297 21.83 27.26 6.01
CA PRO A 297 21.48 28.23 4.97
C PRO A 297 22.72 28.81 4.30
N LYS A 298 22.57 29.12 3.02
CA LYS A 298 23.64 29.73 2.24
C LYS A 298 23.60 31.24 2.27
N ILE A 299 22.66 31.82 3.01
CA ILE A 299 22.51 33.27 3.10
C ILE A 299 22.42 33.65 4.58
N PRO A 300 22.78 34.87 4.97
CA PRO A 300 22.71 35.25 6.39
C PRO A 300 21.28 35.22 6.91
N VAL A 301 21.15 34.90 8.19
CA VAL A 301 19.85 34.79 8.85
C VAL A 301 19.66 35.99 9.75
N TYR A 302 18.54 36.68 9.58
CA TYR A 302 18.18 37.84 10.38
C TYR A 302 16.95 37.53 11.20
N ILE A 303 17.04 37.74 12.52
CA ILE A 303 15.91 37.54 13.42
C ILE A 303 15.49 38.89 13.96
N ASN A 304 14.22 39.23 13.79
CA ASN A 304 13.67 40.52 14.19
C ASN A 304 12.66 40.33 15.29
N ILE A 305 12.75 41.14 16.35
CA ILE A 305 11.88 40.97 17.50
C ILE A 305 11.66 42.32 18.15
N CYS A 306 10.41 42.58 18.55
CA CYS A 306 10.04 43.76 19.33
C CYS A 306 9.80 43.35 20.77
N SER A 307 10.17 44.23 21.70
CA SER A 307 10.04 43.91 23.12
C SER A 307 9.65 45.14 23.91
N ILE A 308 8.72 44.94 24.84
CA ILE A 308 8.30 45.96 25.80
C ILE A 308 8.93 45.60 27.15
N PRO A 309 9.15 46.57 28.05
CA PRO A 309 9.80 46.25 29.32
C PRO A 309 9.05 45.24 30.17
N SER A 310 7.71 45.25 30.11
CA SER A 310 6.91 44.38 30.97
C SER A 310 7.19 42.90 30.75
N ARG A 311 7.78 42.54 29.61
CA ARG A 311 8.12 41.16 29.31
C ARG A 311 9.63 40.96 29.18
N ILE A 312 10.42 41.82 29.81
CA ILE A 312 11.86 41.85 29.55
C ILE A 312 12.50 40.50 29.87
N ALA A 313 12.10 39.87 30.97
CA ALA A 313 12.65 38.57 31.33
C ALA A 313 12.38 37.54 30.24
N GLN A 314 11.15 37.55 29.71
CA GLN A 314 10.84 36.66 28.60
C GLN A 314 11.77 36.90 27.43
N LEU A 315 12.04 38.18 27.13
CA LEU A 315 12.98 38.52 26.07
C LEU A 315 14.32 37.85 26.30
N ARG A 316 14.80 37.87 27.54
CA ARG A 316 16.07 37.23 27.86
C ARG A 316 16.04 35.76 27.48
N ARG A 317 14.95 35.08 27.82
CA ARG A 317 14.82 33.67 27.48
C ARG A 317 14.89 33.48 25.98
N ILE A 318 14.26 34.37 25.22
CA ILE A 318 14.30 34.27 23.77
C ILE A 318 15.74 34.40 23.29
N ILE A 319 16.50 35.33 23.87
CA ILE A 319 17.92 35.44 23.54
C ILE A 319 18.61 34.12 23.85
N GLY A 320 18.30 33.53 25.00
CA GLY A 320 18.89 32.26 25.39
C GLY A 320 18.55 31.12 24.47
N ILE A 321 17.58 31.30 23.57
CA ILE A 321 17.26 30.29 22.57
C ILE A 321 17.54 30.76 21.16
N LEU A 322 17.89 32.03 20.95
CA LEU A 322 18.08 32.54 19.60
C LEU A 322 19.40 33.28 19.39
N LYS A 323 20.26 33.37 20.40
CA LYS A 323 21.52 34.09 20.25
C LYS A 323 22.49 33.38 19.31
N ASN A 324 22.22 32.13 18.94
CA ASN A 324 23.09 31.39 18.04
C ASN A 324 22.38 30.87 16.80
N GLN A 325 21.05 30.96 16.73
CA GLN A 325 20.29 30.47 15.59
C GLN A 325 20.15 31.51 14.49
N CYS A 326 21.05 32.49 14.42
CA CYS A 326 20.97 33.52 13.40
C CYS A 326 22.32 34.17 13.23
N ASP A 327 22.45 34.96 12.16
CA ASP A 327 23.65 35.74 11.91
C ASP A 327 23.48 37.20 12.29
N HIS A 328 22.26 37.68 12.49
CA HIS A 328 22.05 39.07 12.86
C HIS A 328 20.73 39.20 13.59
N PHE A 329 20.69 40.14 14.53
CA PHE A 329 19.51 40.44 15.31
C PHE A 329 19.03 41.86 15.01
N HIS A 330 17.72 42.06 15.17
CA HIS A 330 17.14 43.40 15.09
C HIS A 330 16.09 43.50 16.19
N ILE A 331 16.48 44.09 17.31
CA ILE A 331 15.64 44.18 18.49
C ILE A 331 15.11 45.60 18.58
N TYR A 332 13.78 45.73 18.66
CA TYR A 332 13.11 47.01 18.80
C TYR A 332 12.62 47.13 20.23
N LEU A 333 13.30 47.96 21.02
CA LEU A 333 12.95 48.17 22.42
C LEU A 333 11.92 49.30 22.48
N ASP A 334 10.66 48.95 22.75
CA ASP A 334 9.58 49.92 22.83
C ASP A 334 9.32 50.25 24.30
N GLY A 335 9.70 51.46 24.70
CA GLY A 335 9.48 51.91 26.06
C GLY A 335 10.58 51.59 27.04
N TYR A 336 11.65 50.92 26.61
CA TYR A 336 12.75 50.61 27.49
C TYR A 336 13.49 51.87 27.93
N VAL A 337 14.00 51.85 29.16
CA VAL A 337 14.78 52.95 29.69
C VAL A 337 16.24 52.82 29.33
N GLU A 338 16.81 51.62 29.53
CA GLU A 338 18.21 51.36 29.21
C GLU A 338 18.32 50.04 28.47
N ILE A 339 19.38 49.90 27.69
CA ILE A 339 19.61 48.67 26.94
C ILE A 339 19.94 47.54 27.91
N PRO A 340 19.24 46.40 27.84
CA PRO A 340 19.53 45.30 28.76
C PRO A 340 20.91 44.70 28.51
N ASP A 341 21.45 44.08 29.56
CA ASP A 341 22.80 43.53 29.49
C ASP A 341 22.90 42.40 28.48
N PHE A 342 21.89 41.52 28.44
CA PHE A 342 21.93 40.38 27.53
C PHE A 342 21.81 40.77 26.08
N ILE A 343 21.39 42.00 25.78
CA ILE A 343 21.35 42.48 24.40
C ILE A 343 22.67 43.13 24.00
N LYS A 344 23.23 43.96 24.89
CA LYS A 344 24.51 44.60 24.59
C LYS A 344 25.67 43.61 24.65
N ASN A 345 25.49 42.46 25.30
CA ASN A 345 26.53 41.44 25.29
C ASN A 345 26.71 40.81 23.91
N LEU A 346 25.71 40.90 23.04
CA LEU A 346 25.83 40.35 21.70
C LEU A 346 26.82 41.13 20.85
N GLY A 347 27.09 42.39 21.17
CA GLY A 347 28.01 43.18 20.40
C GLY A 347 27.44 43.65 19.08
N ASN A 348 28.25 43.58 18.02
CA ASN A 348 27.81 44.02 16.70
C ASN A 348 26.81 43.06 16.06
N LYS A 349 26.59 41.88 16.66
CA LYS A 349 25.65 40.92 16.10
C LYS A 349 24.21 41.44 16.15
N ALA A 350 23.90 42.30 17.11
CA ALA A 350 22.54 42.81 17.30
C ALA A 350 22.51 44.31 17.03
N THR A 351 21.53 44.74 16.26
CA THR A 351 21.26 46.16 16.04
C THR A 351 19.95 46.51 16.72
N VAL A 352 19.97 47.52 17.59
CA VAL A 352 18.86 47.83 18.47
C VAL A 352 18.26 49.17 18.07
N VAL A 353 16.94 49.21 17.97
CA VAL A 353 16.19 50.44 17.75
C VAL A 353 15.54 50.82 19.07
N HIS A 354 15.91 51.99 19.60
CA HIS A 354 15.58 52.37 20.96
C HIS A 354 14.71 53.62 21.01
N CYS A 355 13.66 53.66 20.19
CA CYS A 355 12.74 54.79 20.22
C CYS A 355 12.07 54.88 21.60
N LYS A 356 12.33 55.99 22.29
CA LYS A 356 11.86 56.18 23.65
C LYS A 356 10.50 56.86 23.74
N ASP A 357 9.93 57.28 22.62
CA ASP A 357 8.65 57.99 22.61
C ASP A 357 7.56 57.06 22.12
N LYS A 358 6.48 56.95 22.92
CA LYS A 358 5.38 56.08 22.55
C LYS A 358 4.56 56.65 21.40
N ASP A 359 4.44 57.98 21.33
CA ASP A 359 3.68 58.61 20.25
C ASP A 359 4.33 58.36 18.90
N ASN A 360 5.65 58.43 18.84
CA ASN A 360 6.40 58.16 17.61
C ASN A 360 6.73 56.68 17.45
N SER A 361 6.34 55.84 18.39
CA SER A 361 6.64 54.42 18.31
C SER A 361 5.79 53.74 17.25
N ILE A 362 6.29 52.62 16.72
CA ILE A 362 5.60 51.84 15.72
C ILE A 362 5.21 50.46 16.21
N ARG A 363 5.61 50.08 17.42
CA ARG A 363 5.21 48.83 18.07
C ARG A 363 5.69 47.66 17.24
N ASP A 364 4.80 46.77 16.77
CA ASP A 364 5.24 45.55 16.09
C ASP A 364 5.82 45.82 14.71
N ASN A 365 5.48 46.96 14.10
CA ASN A 365 6.00 47.28 12.77
C ASN A 365 7.52 47.35 12.74
N GLY A 366 8.15 47.59 13.89
CA GLY A 366 9.61 47.58 13.94
C GLY A 366 10.21 46.27 13.49
N LYS A 367 9.46 45.17 13.60
CA LYS A 367 9.94 43.87 13.13
C LYS A 367 10.25 43.86 11.65
N PHE A 368 9.74 44.82 10.89
CA PHE A 368 10.03 44.89 9.46
C PHE A 368 11.06 45.96 9.10
N ILE A 369 11.58 46.70 10.08
CA ILE A 369 12.48 47.81 9.77
C ILE A 369 13.68 47.31 8.98
N LEU A 370 14.35 46.27 9.49
CA LEU A 370 15.51 45.73 8.81
C LEU A 370 15.18 45.28 7.41
N LEU A 371 13.96 44.77 7.20
CA LEU A 371 13.56 44.35 5.86
C LEU A 371 13.71 45.49 4.86
N GLU A 372 13.27 46.69 5.24
CA GLU A 372 13.41 47.85 4.35
C GLU A 372 14.86 48.08 4.00
N GLU A 373 15.75 47.97 4.98
CA GLU A 373 17.18 48.15 4.72
C GLU A 373 17.67 47.11 3.71
N LEU A 374 17.20 45.87 3.84
CA LEU A 374 17.60 44.84 2.89
C LEU A 374 17.12 45.17 1.49
N ILE A 375 15.95 45.83 1.37
CA ILE A 375 15.48 46.27 0.07
C ILE A 375 16.44 47.29 -0.53
N GLU A 376 17.05 48.12 0.32
CA GLU A 376 18.05 49.07 -0.16
C GLU A 376 19.42 48.44 -0.33
N LYS A 377 19.60 47.16 0.03
CA LYS A 377 20.89 46.52 -0.07
C LYS A 377 20.89 45.25 -0.91
N ASN A 378 19.73 44.67 -1.19
CA ASN A 378 19.61 43.42 -1.97
C ASN A 378 20.42 42.29 -1.34
N GLN A 379 20.44 42.26 -0.01
CA GLN A 379 21.13 41.20 0.73
C GLN A 379 20.14 40.07 0.98
N ASP A 380 20.31 38.97 0.25
CA ASP A 380 19.41 37.83 0.40
C ASP A 380 19.59 37.20 1.78
N GLY A 381 18.49 36.67 2.32
CA GLY A 381 18.53 36.07 3.63
C GLY A 381 17.18 35.50 3.99
N TYR A 382 17.11 34.97 5.21
CA TYR A 382 15.88 34.38 5.75
C TYR A 382 15.38 35.31 6.86
N TYR A 383 14.49 36.22 6.50
CA TYR A 383 13.91 37.15 7.45
C TYR A 383 12.98 36.39 8.41
N ILE A 384 13.23 36.53 9.71
CA ILE A 384 12.44 35.89 10.74
C ILE A 384 11.88 36.99 11.64
N THR A 385 10.57 36.93 11.92
CA THR A 385 9.91 37.86 12.81
C THR A 385 9.41 37.10 14.03
N CYS A 386 9.67 37.65 15.21
CA CYS A 386 9.31 36.98 16.46
C CYS A 386 8.72 37.98 17.44
N ASP A 387 7.91 37.46 18.36
CA ASP A 387 7.32 38.26 19.43
C ASP A 387 7.92 37.83 20.76
N ASP A 388 7.92 38.76 21.71
CA ASP A 388 8.60 38.56 22.99
C ASP A 388 7.76 37.79 24.00
N ASP A 389 6.52 37.46 23.69
CA ASP A 389 5.64 36.74 24.61
C ASP A 389 5.48 35.27 24.23
N ILE A 390 6.33 34.75 23.37
CA ILE A 390 6.24 33.38 22.88
C ILE A 390 7.53 32.65 23.19
N ILE A 391 7.42 31.47 23.78
CA ILE A 391 8.59 30.63 24.05
C ILE A 391 8.89 29.83 22.79
N TYR A 392 10.13 29.96 22.30
CA TYR A 392 10.46 29.27 21.06
C TYR A 392 11.29 28.03 21.35
N PRO A 393 11.10 26.98 20.57
CA PRO A 393 11.88 25.75 20.76
C PRO A 393 13.28 25.89 20.18
N SER A 394 14.10 24.87 20.45
CA SER A 394 15.48 24.87 19.97
C SER A 394 15.60 24.55 18.49
N ASP A 395 14.53 24.05 17.86
CA ASP A 395 14.56 23.69 16.45
C ASP A 395 13.68 24.58 15.60
N TYR A 396 13.34 25.78 16.10
CA TYR A 396 12.40 26.63 15.40
C TYR A 396 12.97 27.13 14.08
N ILE A 397 14.18 27.71 14.11
CA ILE A 397 14.76 28.30 12.91
C ILE A 397 15.06 27.23 11.87
N ASN A 398 15.60 26.09 12.30
CA ASN A 398 15.87 24.99 11.37
C ASN A 398 14.59 24.50 10.72
N THR A 399 13.52 24.37 11.51
CA THR A 399 12.25 23.91 10.96
C THR A 399 11.70 24.91 9.95
N MET A 400 11.77 26.21 10.26
CA MET A 400 11.26 27.21 9.33
C MET A 400 12.06 27.20 8.02
N ILE A 401 13.38 27.10 8.12
CA ILE A 401 14.20 27.09 6.92
C ILE A 401 13.95 25.81 6.11
N LYS A 402 13.78 24.68 6.78
CA LYS A 402 13.49 23.44 6.08
C LYS A 402 12.14 23.50 5.36
N LYS A 403 11.13 24.08 6.00
CA LYS A 403 9.84 24.23 5.35
C LYS A 403 9.93 25.16 4.16
N LEU A 404 10.68 26.25 4.29
CA LEU A 404 10.86 27.17 3.17
C LEU A 404 11.55 26.49 2.00
N ASN A 405 12.58 25.70 2.29
CA ASN A 405 13.26 24.95 1.23
C ASN A 405 12.36 23.90 0.61
N GLU A 406 11.50 23.28 1.41
CA GLU A 406 10.54 22.32 0.89
C GLU A 406 9.57 23.00 -0.08
N TYR A 407 9.14 24.21 0.24
CA TYR A 407 8.34 25.00 -0.68
C TYR A 407 9.18 25.84 -1.63
N ASP A 408 10.49 25.55 -1.72
CA ASP A 408 11.41 26.19 -2.66
C ASP A 408 11.48 27.70 -2.47
N ASP A 409 11.26 28.16 -1.23
CA ASP A 409 11.32 29.58 -0.87
C ASP A 409 10.35 30.43 -1.69
N LYS A 410 9.28 29.82 -2.17
CA LYS A 410 8.31 30.51 -3.02
C LYS A 410 7.12 31.07 -2.26
N ALA A 411 7.07 30.87 -0.94
CA ALA A 411 5.93 31.33 -0.16
C ALA A 411 6.37 31.61 1.27
N VAL A 412 5.60 32.46 1.94
CA VAL A 412 5.82 32.80 3.34
C VAL A 412 5.13 31.74 4.20
N ILE A 413 5.79 31.34 5.29
CA ILE A 413 5.23 30.35 6.20
C ILE A 413 5.04 30.97 7.57
N GLY A 414 4.18 30.33 8.36
CA GLY A 414 3.89 30.80 9.70
C GLY A 414 3.23 29.71 10.51
N LEU A 415 2.90 30.06 11.75
CA LEU A 415 2.24 29.14 12.66
C LEU A 415 0.87 29.61 13.13
N HIS A 416 0.70 30.91 13.32
CA HIS A 416 -0.58 31.46 13.75
C HIS A 416 -1.39 31.81 12.49
N GLY A 417 -2.32 30.93 12.13
CA GLY A 417 -3.10 31.10 10.91
C GLY A 417 -4.49 31.66 11.21
N ILE A 418 -4.97 32.53 10.33
CA ILE A 418 -6.29 33.11 10.43
C ILE A 418 -6.98 32.98 9.08
N LEU A 419 -8.18 32.40 9.07
CA LEU A 419 -8.90 32.14 7.84
C LEU A 419 -10.32 32.69 7.99
N PHE A 420 -10.67 33.65 7.15
CA PHE A 420 -11.99 34.28 7.21
C PHE A 420 -12.54 34.46 5.80
N PRO A 421 -13.86 34.43 5.64
CA PRO A 421 -14.45 34.62 4.32
C PRO A 421 -14.44 36.09 3.90
N SER A 422 -14.74 36.32 2.63
CA SER A 422 -14.80 37.66 2.09
C SER A 422 -16.07 38.41 2.48
N ARG A 423 -17.05 37.73 3.05
CA ARG A 423 -18.30 38.35 3.49
C ARG A 423 -18.25 38.80 4.94
N MET A 424 -17.10 38.68 5.60
CA MET A 424 -16.98 39.03 7.01
C MET A 424 -17.12 40.54 7.20
N THR A 425 -17.94 40.94 8.17
CA THR A 425 -18.17 42.34 8.48
C THR A 425 -17.51 42.79 9.77
N LYS A 426 -16.80 41.90 10.46
CA LYS A 426 -16.08 42.26 11.68
C LYS A 426 -14.90 41.33 11.84
N TYR A 427 -13.70 41.90 11.97
CA TYR A 427 -12.48 41.09 11.95
C TYR A 427 -12.41 40.14 13.13
N PHE A 428 -12.74 40.63 14.33
CA PHE A 428 -12.68 39.80 15.54
C PHE A 428 -14.02 39.16 15.87
N SER A 429 -14.85 38.88 14.86
CA SER A 429 -16.12 38.22 15.08
C SER A 429 -15.91 36.71 15.15
N ALA A 430 -17.00 35.96 15.17
CA ALA A 430 -16.94 34.50 15.23
C ALA A 430 -16.85 33.87 13.85
N ASP A 431 -16.83 34.67 12.79
CA ASP A 431 -16.78 34.14 11.43
C ASP A 431 -15.36 33.81 10.98
N ARG A 432 -14.34 34.03 11.80
CA ARG A 432 -12.98 33.69 11.45
C ARG A 432 -12.54 32.45 12.22
N LEU A 433 -11.63 31.69 11.62
CA LEU A 433 -11.07 30.49 12.20
C LEU A 433 -9.60 30.74 12.50
N VAL A 434 -9.20 30.48 13.75
CA VAL A 434 -7.86 30.79 14.23
C VAL A 434 -7.16 29.49 14.59
N TYR A 435 -6.04 29.23 13.94
CA TYR A 435 -5.16 28.12 14.28
C TYR A 435 -3.97 28.72 15.02
N SER A 436 -4.02 28.65 16.36
CA SER A 436 -3.01 29.29 17.18
C SER A 436 -1.68 28.55 17.09
N PHE A 437 -0.60 29.28 17.38
CA PHE A 437 0.73 28.70 17.32
C PHE A 437 0.94 27.62 18.38
N TYR A 438 0.22 27.72 19.50
CA TYR A 438 0.31 26.72 20.55
C TYR A 438 -0.67 25.57 20.37
N LYS A 439 -1.46 25.58 19.29
CA LYS A 439 -2.41 24.52 19.02
C LYS A 439 -1.93 23.65 17.87
N PRO A 440 -2.16 22.34 17.94
CA PRO A 440 -1.63 21.45 16.89
C PRO A 440 -2.33 21.65 15.56
N LEU A 441 -1.62 21.30 14.50
CA LEU A 441 -2.16 21.29 13.14
C LEU A 441 -1.64 20.05 12.44
N GLU A 442 -2.56 19.24 11.91
CA GLU A 442 -2.17 17.96 11.34
C GLU A 442 -1.50 18.13 9.98
N LYS A 443 -2.02 19.02 9.14
CA LYS A 443 -1.54 19.19 7.78
C LYS A 443 -1.38 20.67 7.48
N ASP A 444 -0.42 21.00 6.62
CA ASP A 444 -0.20 22.39 6.24
C ASP A 444 -1.43 22.95 5.55
N LYS A 445 -1.79 24.18 5.90
CA LYS A 445 -2.97 24.84 5.37
C LYS A 445 -2.62 26.27 4.98
N ALA A 446 -3.05 26.68 3.79
CA ALA A 446 -2.87 28.06 3.36
C ALA A 446 -3.94 28.94 3.99
N VAL A 447 -3.53 30.04 4.62
CA VAL A 447 -4.44 30.90 5.34
C VAL A 447 -4.35 32.31 4.77
N ASN A 448 -5.37 33.11 5.06
CA ASN A 448 -5.39 34.49 4.57
C ASN A 448 -4.40 35.36 5.32
N VAL A 449 -4.35 35.24 6.64
CA VAL A 449 -3.52 36.10 7.48
C VAL A 449 -2.67 35.22 8.38
N LEU A 450 -1.37 35.48 8.40
CA LEU A 450 -0.43 34.80 9.29
C LEU A 450 0.03 35.77 10.36
N GLY A 451 -0.02 35.33 11.61
CA GLY A 451 0.47 36.14 12.72
C GLY A 451 1.95 36.43 12.58
N THR A 452 2.34 37.70 12.70
CA THR A 452 3.72 38.11 12.48
C THR A 452 4.66 37.60 13.56
N GLY A 453 4.16 37.04 14.64
CA GLY A 453 5.04 36.49 15.65
C GLY A 453 5.68 35.17 15.27
N THR A 454 5.26 34.57 14.16
CA THR A 454 5.81 33.30 13.72
C THR A 454 6.09 33.27 12.22
N VAL A 455 6.33 34.43 11.61
CA VAL A 455 6.48 34.54 10.17
C VAL A 455 7.96 34.38 9.82
N SER A 456 8.24 33.49 8.88
CA SER A 456 9.58 33.30 8.32
C SER A 456 9.49 33.31 6.81
N PHE A 457 10.35 34.09 6.15
CA PHE A 457 10.28 34.18 4.70
C PHE A 457 11.63 34.61 4.15
N ARG A 458 11.93 34.17 2.93
CA ARG A 458 13.14 34.61 2.26
C ARG A 458 12.99 36.05 1.79
N VAL A 459 14.07 36.83 1.97
CA VAL A 459 14.01 38.25 1.65
C VAL A 459 13.86 38.49 0.16
N SER A 460 14.41 37.60 -0.68
CA SER A 460 14.38 37.79 -2.13
C SER A 460 12.99 37.74 -2.71
N LEU A 461 11.98 37.28 -1.96
CA LEU A 461 10.62 37.25 -2.45
C LEU A 461 10.05 38.64 -2.66
N PHE A 462 10.61 39.66 -2.02
CA PHE A 462 10.12 41.03 -2.13
C PHE A 462 11.19 41.89 -2.78
N ASN A 463 10.79 42.65 -3.80
CA ASN A 463 11.70 43.53 -4.53
C ASN A 463 11.66 44.96 -4.03
N GLN A 464 10.48 45.49 -3.71
CA GLN A 464 10.33 46.83 -3.19
C GLN A 464 9.45 46.79 -1.95
N PHE A 465 9.92 47.43 -0.88
CA PHE A 465 9.18 47.46 0.36
C PHE A 465 9.54 48.72 1.13
N SER A 466 8.53 49.38 1.69
CA SER A 466 8.71 50.56 2.52
C SER A 466 7.84 50.45 3.76
N LEU A 467 8.43 50.78 4.91
CA LEU A 467 7.70 50.69 6.18
C LEU A 467 6.60 51.74 6.28
N SER A 468 6.68 52.82 5.52
CA SER A 468 5.66 53.86 5.56
C SER A 468 4.30 53.38 5.09
N ASP A 469 4.27 52.27 4.35
CA ASP A 469 2.98 51.71 3.92
C ASP A 469 2.18 51.16 5.09
N PHE A 470 2.82 50.85 6.21
CA PHE A 470 2.13 50.36 7.41
C PHE A 470 1.59 51.58 8.15
N THR A 471 0.36 51.97 7.78
CA THR A 471 -0.20 53.21 8.30
C THR A 471 -0.44 53.14 9.80
N HIS A 472 -0.96 52.03 10.29
CA HIS A 472 -1.33 51.89 11.70
C HIS A 472 -0.48 50.83 12.37
N SER A 473 -0.09 51.10 13.61
CA SER A 473 0.69 50.16 14.40
C SER A 473 -0.23 49.16 15.08
N GLY A 474 0.35 48.02 15.46
CA GLY A 474 -0.39 46.97 16.10
C GLY A 474 -1.22 46.10 15.18
N MET A 475 -1.12 46.33 13.87
CA MET A 475 -1.84 45.55 12.86
C MET A 475 -0.85 44.97 11.86
N ALA A 476 0.26 44.42 12.35
CA ALA A 476 1.31 43.93 11.47
C ALA A 476 0.83 42.74 10.64
N ASP A 477 -0.02 41.89 11.22
CA ASP A 477 -0.48 40.71 10.50
C ASP A 477 -1.28 41.09 9.26
N ILE A 478 -2.20 42.05 9.41
CA ILE A 478 -3.06 42.44 8.29
C ILE A 478 -2.24 43.10 7.18
N TYR A 479 -1.35 44.01 7.56
CA TYR A 479 -0.54 44.70 6.57
C TYR A 479 0.44 43.76 5.87
N PHE A 480 1.03 42.82 6.61
CA PHE A 480 1.92 41.85 6.00
C PHE A 480 1.15 40.93 5.05
N SER A 481 -0.07 40.54 5.43
CA SER A 481 -0.89 39.73 4.52
C SER A 481 -1.24 40.51 3.26
N LEU A 482 -1.52 41.81 3.41
CA LEU A 482 -1.78 42.64 2.23
C LEU A 482 -0.56 42.73 1.33
N LEU A 483 0.63 42.87 1.94
CA LEU A 483 1.86 42.91 1.15
C LEU A 483 2.09 41.59 0.42
N CYS A 484 1.84 40.47 1.09
CA CYS A 484 1.99 39.17 0.44
C CYS A 484 0.98 38.99 -0.69
N LYS A 485 -0.26 39.46 -0.50
CA LYS A 485 -1.26 39.33 -1.54
C LYS A 485 -0.97 40.24 -2.72
N LYS A 486 -0.35 41.40 -2.48
CA LYS A 486 -0.03 42.31 -3.57
C LYS A 486 1.00 41.70 -4.52
N ASN A 487 1.97 40.97 -3.96
CA ASN A 487 3.01 40.32 -4.76
C ASN A 487 2.65 38.88 -5.11
N ASN A 488 1.42 38.46 -4.83
CA ASN A 488 0.94 37.10 -5.12
C ASN A 488 1.81 36.04 -4.45
N ILE A 489 2.17 36.28 -3.20
CA ILE A 489 2.99 35.37 -2.42
C ILE A 489 2.08 34.64 -1.45
N LEU A 490 2.10 33.31 -1.51
CA LEU A 490 1.22 32.51 -0.67
C LEU A 490 1.67 32.53 0.79
N GLN A 491 0.69 32.47 1.70
CA GLN A 491 0.93 32.33 3.13
C GLN A 491 0.48 30.95 3.55
N ILE A 492 1.38 30.20 4.18
CA ILE A 492 1.16 28.80 4.52
C ILE A 492 1.30 28.64 6.02
N CYS A 493 0.26 28.12 6.67
CA CYS A 493 0.32 27.79 8.09
C CYS A 493 0.81 26.36 8.20
N ILE A 494 2.09 26.19 8.52
CA ILE A 494 2.69 24.86 8.51
C ILE A 494 2.19 24.03 9.68
N SER A 495 2.32 22.72 9.54
CA SER A 495 1.90 21.81 10.58
C SER A 495 2.86 21.88 11.77
N ARG A 496 2.34 21.56 12.95
CA ARG A 496 3.14 21.57 14.16
C ARG A 496 2.44 20.71 15.20
N PRO A 497 3.18 20.13 16.15
CA PRO A 497 2.53 19.37 17.22
C PRO A 497 1.87 20.27 18.24
N ALA A 498 1.17 19.67 19.19
CA ALA A 498 0.50 20.44 20.24
C ALA A 498 1.51 21.08 21.17
N ASN A 499 1.27 22.36 21.49
CA ASN A 499 2.11 23.14 22.41
C ASN A 499 3.57 23.17 21.95
N TRP A 500 3.77 23.29 20.63
CA TRP A 500 5.12 23.46 20.12
C TRP A 500 5.71 24.79 20.57
N LEU A 501 4.90 25.85 20.55
CA LEU A 501 5.31 27.18 21.00
C LEU A 501 4.36 27.59 22.13
N THR A 502 4.77 27.32 23.37
CA THR A 502 3.93 27.64 24.51
C THR A 502 3.94 29.15 24.76
N GLU A 503 2.76 29.76 24.69
CA GLU A 503 2.66 31.20 24.95
C GLU A 503 2.91 31.48 26.42
N ASP A 504 3.67 32.54 26.68
CA ASP A 504 4.01 32.96 28.04
C ASP A 504 3.60 34.42 28.19
N ASN A 505 2.32 34.65 28.53
CA ASN A 505 1.85 36.00 28.75
C ASN A 505 2.33 36.55 30.09
N ARG A 506 2.31 35.72 31.13
CA ARG A 506 2.76 36.09 32.47
C ARG A 506 2.03 37.33 32.98
N ASP A 507 0.71 37.35 32.79
CA ASP A 507 -0.17 38.40 33.30
C ASP A 507 0.24 39.78 32.80
N SER A 508 0.60 39.87 31.53
CA SER A 508 0.97 41.13 30.91
C SER A 508 -0.19 41.66 30.08
N GLU A 509 0.05 42.79 29.42
CA GLU A 509 -0.96 43.42 28.56
C GLU A 509 -0.69 43.03 27.11
N THR A 510 -1.75 42.59 26.43
CA THR A 510 -1.64 42.14 25.06
C THR A 510 -2.45 43.02 24.13
N LEU A 511 -1.98 43.15 22.88
CA LEU A 511 -2.69 43.96 21.90
C LEU A 511 -4.01 43.33 21.49
N TYR A 512 -4.13 42.00 21.61
CA TYR A 512 -5.39 41.33 21.29
C TYR A 512 -6.51 41.79 22.21
N HIS A 513 -6.23 41.89 23.50
CA HIS A 513 -7.23 42.39 24.45
C HIS A 513 -7.54 43.85 24.21
N GLN A 514 -6.55 44.62 23.74
CA GLN A 514 -6.78 46.04 23.51
C GLN A 514 -7.65 46.28 22.27
N TYR A 515 -7.38 45.56 21.18
CA TYR A 515 -8.06 45.79 19.92
C TYR A 515 -9.17 44.78 19.64
N ARG A 516 -9.51 43.93 20.62
CA ARG A 516 -10.58 42.96 20.40
C ARG A 516 -11.93 43.65 20.26
N ASP A 517 -12.18 44.67 21.07
CA ASP A 517 -13.45 45.39 21.04
C ASP A 517 -13.35 46.74 20.35
N ASN A 518 -12.19 47.07 19.77
CA ASN A 518 -11.99 48.36 19.11
C ASN A 518 -11.25 48.17 17.80
N ASP A 519 -11.64 47.15 17.03
CA ASP A 519 -10.99 46.85 15.76
C ASP A 519 -11.68 47.52 14.58
N GLU A 520 -11.88 48.84 14.66
CA GLU A 520 -12.49 49.56 13.56
C GLU A 520 -11.55 49.66 12.36
N GLN A 521 -10.28 49.99 12.61
CA GLN A 521 -9.31 50.14 11.53
C GLN A 521 -9.03 48.79 10.86
N GLN A 522 -8.91 47.73 11.65
CA GLN A 522 -8.66 46.41 11.07
C GLN A 522 -9.83 45.95 10.21
N THR A 523 -11.06 46.15 10.69
CA THR A 523 -12.24 45.80 9.91
C THR A 523 -12.32 46.63 8.64
N GLN A 524 -11.99 47.93 8.74
CA GLN A 524 -12.01 48.79 7.56
C GLN A 524 -10.99 48.30 6.53
N LEU A 525 -9.78 47.94 6.98
CA LEU A 525 -8.75 47.48 6.05
C LEU A 525 -9.15 46.16 5.41
N ILE A 526 -9.71 45.23 6.18
CA ILE A 526 -10.12 43.93 5.65
C ILE A 526 -11.23 44.11 4.62
N MET A 527 -12.20 44.96 4.92
CA MET A 527 -13.30 45.17 3.97
C MET A 527 -12.85 45.93 2.74
N GLU A 528 -11.90 46.84 2.87
CA GLU A 528 -11.45 47.68 1.76
C GLU A 528 -10.40 47.01 0.89
N ASN A 529 -9.78 45.93 1.36
CA ASN A 529 -8.68 45.29 0.63
C ASN A 529 -9.00 43.82 0.36
N GLY A 530 -10.21 43.56 -0.14
CA GLY A 530 -10.57 42.22 -0.54
C GLY A 530 -10.02 41.88 -1.91
N PRO A 531 -10.38 40.68 -2.39
CA PRO A 531 -11.19 39.64 -1.75
C PRO A 531 -10.37 38.77 -0.78
N TRP A 532 -11.03 37.99 0.05
CA TRP A 532 -10.34 37.14 1.02
C TRP A 532 -10.84 35.71 0.95
N GLY A 533 -10.42 34.88 1.90
CA GLY A 533 -10.84 33.50 1.88
C GLY A 533 -10.14 32.74 0.75
N TYR A 534 -10.75 31.61 0.39
CA TYR A 534 -10.18 30.78 -0.67
C TYR A 534 -10.20 31.49 -2.02
N SER A 535 -10.99 32.55 -2.17
CA SER A 535 -10.95 33.35 -3.39
C SER A 535 -9.59 34.00 -3.56
N SER A 536 -8.90 34.30 -2.47
CA SER A 536 -7.55 34.83 -2.52
C SER A 536 -6.49 33.75 -2.38
N ILE A 537 -6.89 32.49 -2.26
CA ILE A 537 -5.97 31.37 -2.07
C ILE A 537 -6.01 30.41 -3.26
N TYR A 538 -7.19 30.12 -3.79
CA TYR A 538 -7.31 29.16 -4.88
C TYR A 538 -6.51 29.55 -6.12
N PRO A 539 -6.54 30.80 -6.62
CA PRO A 539 -5.66 31.12 -7.75
C PRO A 539 -4.19 30.95 -7.44
N LEU A 540 -3.77 31.25 -6.21
CA LEU A 540 -2.36 31.10 -5.84
C LEU A 540 -1.99 29.64 -5.60
N VAL A 541 -2.94 28.82 -5.17
CA VAL A 541 -2.65 27.42 -4.87
C VAL A 541 -2.82 26.51 -6.08
N LYS A 542 -3.50 26.97 -7.13
CA LYS A 542 -3.68 26.19 -8.35
C LYS A 542 -2.62 26.50 -9.40
N ASN A 543 -1.69 27.41 -9.11
CA ASN A 543 -0.69 27.84 -10.08
C ASN A 543 0.71 27.37 -9.72
N HIS A 544 0.84 26.31 -8.94
CA HIS A 544 2.15 25.78 -8.60
C HIS A 544 2.03 24.34 -8.14
N PRO A 545 2.84 23.41 -8.67
CA PRO A 545 2.76 22.02 -8.23
C PRO A 545 3.09 21.80 -6.77
N LYS A 546 4.03 22.58 -6.22
CA LYS A 546 4.41 22.41 -4.82
C LYS A 546 3.28 22.74 -3.87
N PHE A 547 2.25 23.44 -4.34
CA PHE A 547 1.09 23.76 -3.53
C PHE A 547 -0.08 22.83 -3.81
N THR A 548 0.15 21.73 -4.54
CA THR A 548 -0.93 20.82 -4.90
C THR A 548 -1.60 20.22 -3.67
N ASP A 549 -0.80 19.86 -2.66
CA ASP A 549 -1.36 19.33 -1.43
C ASP A 549 -2.09 20.38 -0.61
N LEU A 550 -1.96 21.66 -0.95
CA LEU A 550 -2.61 22.74 -0.20
C LEU A 550 -3.90 23.22 -0.87
N ILE A 551 -4.37 22.53 -1.89
CA ILE A 551 -5.60 22.94 -2.57
C ILE A 551 -6.79 22.73 -1.65
N PRO A 552 -7.67 23.71 -1.48
CA PRO A 552 -8.84 23.52 -0.64
C PRO A 552 -9.75 22.42 -1.17
N CYS A 553 -10.40 21.71 -0.26
CA CYS A 553 -11.21 20.56 -0.64
C CYS A 553 -12.51 20.99 -1.31
N LEU A 554 -13.30 21.81 -0.63
CA LEU A 554 -14.59 22.28 -1.13
C LEU A 554 -14.63 23.80 -1.01
N PRO A 555 -13.97 24.51 -1.91
CA PRO A 555 -13.83 25.97 -1.76
C PRO A 555 -15.04 26.78 -2.21
N PHE A 556 -16.16 26.15 -2.54
CA PHE A 556 -17.29 26.91 -3.08
C PHE A 556 -18.06 27.68 -2.02
N TYR A 557 -17.95 27.31 -0.75
CA TYR A 557 -18.63 28.06 0.31
C TYR A 557 -17.74 29.08 0.97
N PHE A 558 -16.44 28.83 1.04
CA PHE A 558 -15.49 29.71 1.72
C PHE A 558 -14.91 30.74 0.78
N LEU A 559 -15.78 31.46 0.08
CA LEU A 559 -15.35 32.46 -0.89
C LEU A 559 -15.00 33.78 -0.21
N THR B 9 -25.78 23.20 -18.02
CA THR B 9 -25.57 22.44 -16.80
C THR B 9 -25.57 23.34 -15.58
N THR B 10 -26.50 23.09 -14.66
CA THR B 10 -26.59 23.87 -13.44
C THR B 10 -25.42 23.58 -12.52
N SER B 11 -24.88 24.62 -11.90
CA SER B 11 -23.73 24.51 -11.01
C SER B 11 -24.12 24.99 -9.61
N ILE B 12 -23.18 24.83 -8.67
CA ILE B 12 -23.45 25.22 -7.30
C ILE B 12 -23.53 26.75 -7.17
N THR B 13 -22.87 27.48 -8.06
CA THR B 13 -23.00 28.93 -8.07
C THR B 13 -24.44 29.34 -8.36
N ASP B 14 -25.10 28.62 -9.27
CA ASP B 14 -26.52 28.86 -9.53
C ASP B 14 -27.36 28.56 -8.30
N LEU B 15 -27.01 27.50 -7.56
CA LEU B 15 -27.73 27.19 -6.32
C LEU B 15 -27.59 28.30 -5.29
N TYR B 16 -26.37 28.83 -5.13
CA TYR B 16 -26.16 29.92 -4.20
C TYR B 16 -26.90 31.18 -4.64
N ASN B 17 -26.92 31.45 -5.95
CA ASN B 17 -27.66 32.60 -6.45
C ASN B 17 -29.15 32.44 -6.20
N GLU B 18 -29.69 31.24 -6.39
CA GLU B 18 -31.10 31.00 -6.12
C GLU B 18 -31.42 31.13 -4.64
N VAL B 19 -30.52 30.65 -3.78
CA VAL B 19 -30.72 30.79 -2.34
C VAL B 19 -30.72 32.25 -1.93
N ALA B 20 -29.76 33.03 -2.45
CA ALA B 20 -29.69 34.45 -2.12
C ALA B 20 -30.87 35.22 -2.69
N LYS B 21 -31.41 34.78 -3.82
CA LYS B 21 -32.53 35.48 -4.43
C LYS B 21 -33.82 35.28 -3.64
N SER B 22 -34.04 34.08 -3.10
CA SER B 22 -35.25 33.78 -2.36
C SER B 22 -35.19 34.39 -0.97
N ASP B 23 -36.30 34.96 -0.53
CA ASP B 23 -36.41 35.60 0.78
C ASP B 23 -36.98 34.68 1.84
N LEU B 24 -37.23 33.40 1.51
CA LEU B 24 -37.81 32.48 2.46
C LEU B 24 -36.86 32.22 3.63
N GLY B 25 -37.43 32.16 4.83
CA GLY B 25 -36.64 31.97 6.03
C GLY B 25 -36.07 33.22 6.63
N LEU B 26 -36.41 34.40 6.10
CA LEU B 26 -35.89 35.66 6.64
C LEU B 26 -36.99 36.43 7.37
N ALA B 33 -36.99 35.16 20.12
CA ALA B 33 -35.77 34.78 20.82
C ALA B 33 -34.90 33.90 19.93
N ASN B 34 -33.72 33.52 20.45
CA ASN B 34 -32.77 32.70 19.73
C ASN B 34 -32.41 31.49 20.60
N PRO B 35 -33.21 30.44 20.55
CA PRO B 35 -32.91 29.24 21.35
C PRO B 35 -31.66 28.54 20.86
N LEU B 36 -31.02 27.81 21.79
CA LEU B 36 -29.82 27.07 21.44
C LEU B 36 -30.14 25.98 20.43
N VAL B 37 -29.33 25.90 19.38
CA VAL B 37 -29.52 24.94 18.30
C VAL B 37 -28.30 24.03 18.25
N SER B 38 -28.53 22.73 18.37
CA SER B 38 -27.46 21.75 18.34
C SER B 38 -27.46 21.06 16.98
N ILE B 39 -26.33 21.14 16.28
CA ILE B 39 -26.15 20.49 14.99
C ILE B 39 -25.30 19.24 15.24
N ILE B 40 -25.82 18.09 14.85
CA ILE B 40 -25.20 16.81 15.17
C ILE B 40 -24.59 16.25 13.88
N MET B 41 -23.29 16.02 13.92
CA MET B 41 -22.54 15.52 12.78
C MET B 41 -22.06 14.10 13.09
N THR B 42 -22.11 13.24 12.08
CA THR B 42 -21.63 11.87 12.19
C THR B 42 -20.46 11.69 11.23
N SER B 43 -19.33 11.24 11.76
CA SER B 43 -18.10 11.12 10.99
C SER B 43 -17.63 9.67 11.00
N HIS B 44 -17.26 9.17 9.82
CA HIS B 44 -16.70 7.82 9.70
C HIS B 44 -15.80 7.80 8.47
N ASN B 45 -14.50 7.86 8.70
CA ASN B 45 -13.49 7.83 7.63
C ASN B 45 -13.72 8.94 6.61
N THR B 46 -14.06 10.12 7.10
CA THR B 46 -14.29 11.29 6.25
C THR B 46 -13.34 12.43 6.63
N ALA B 47 -12.06 12.09 6.86
CA ALA B 47 -11.08 13.09 7.25
C ALA B 47 -10.84 14.13 6.17
N GLN B 48 -11.11 13.80 4.91
CA GLN B 48 -10.89 14.76 3.84
C GLN B 48 -11.94 15.86 3.83
N PHE B 49 -13.13 15.59 4.37
CA PHE B 49 -14.25 16.52 4.27
C PHE B 49 -14.77 17.03 5.60
N ILE B 50 -14.39 16.40 6.73
CA ILE B 50 -14.99 16.79 8.00
C ILE B 50 -14.55 18.19 8.40
N GLU B 51 -13.30 18.56 8.12
CA GLU B 51 -12.85 19.90 8.46
C GLU B 51 -13.61 20.95 7.67
N ALA B 52 -13.84 20.70 6.38
CA ALA B 52 -14.63 21.62 5.58
C ALA B 52 -16.07 21.70 6.10
N SER B 53 -16.63 20.56 6.51
CA SER B 53 -17.99 20.56 7.04
C SER B 53 -18.10 21.38 8.31
N ILE B 54 -17.14 21.23 9.23
CA ILE B 54 -17.18 21.99 10.47
C ILE B 54 -16.95 23.46 10.19
N ASN B 55 -16.07 23.79 9.23
CA ASN B 55 -15.88 25.19 8.86
C ASN B 55 -17.16 25.79 8.30
N SER B 56 -17.89 25.02 7.48
CA SER B 56 -19.16 25.50 6.96
C SER B 56 -20.19 25.70 8.07
N LEU B 57 -20.21 24.80 9.04
CA LEU B 57 -21.14 24.95 10.16
C LEU B 57 -20.79 26.13 11.05
N LEU B 58 -19.50 26.43 11.20
CA LEU B 58 -19.08 27.57 12.02
C LEU B 58 -19.32 28.90 11.32
N LEU B 59 -19.57 28.90 10.02
CA LEU B 59 -19.82 30.12 9.27
C LEU B 59 -21.29 30.48 9.20
N GLN B 60 -22.16 29.74 9.88
CA GLN B 60 -23.59 30.02 9.84
C GLN B 60 -23.89 31.35 10.51
N THR B 61 -24.87 32.07 9.94
CA THR B 61 -25.26 33.35 10.49
C THR B 61 -25.95 33.22 11.84
N TYR B 62 -26.49 32.05 12.16
CA TYR B 62 -27.12 31.81 13.45
C TYR B 62 -26.01 31.59 14.47
N LYS B 63 -25.71 32.61 15.26
CA LYS B 63 -24.56 32.56 16.15
C LYS B 63 -24.78 31.59 17.30
N ASN B 64 -25.98 31.59 17.89
CA ASN B 64 -26.27 30.77 19.06
C ASN B 64 -26.46 29.32 18.63
N ILE B 65 -25.34 28.65 18.35
CA ILE B 65 -25.33 27.26 17.93
C ILE B 65 -24.24 26.51 18.66
N GLU B 66 -24.42 25.20 18.74
CA GLU B 66 -23.37 24.28 19.19
C GLU B 66 -23.31 23.12 18.22
N ILE B 67 -22.12 22.53 18.08
CA ILE B 67 -21.86 21.49 17.10
C ILE B 67 -21.43 20.24 17.87
N ILE B 68 -22.32 19.26 17.95
CA ILE B 68 -22.01 17.98 18.57
C ILE B 68 -21.61 17.01 17.49
N ILE B 69 -20.36 16.55 17.54
CA ILE B 69 -19.80 15.66 16.52
C ILE B 69 -19.58 14.30 17.16
N VAL B 70 -20.02 13.24 16.47
CA VAL B 70 -19.85 11.87 16.93
C VAL B 70 -19.09 11.10 15.86
N ASP B 71 -18.01 10.45 16.27
CA ASP B 71 -17.16 9.69 15.36
C ASP B 71 -17.51 8.22 15.47
N ASP B 72 -17.83 7.60 14.34
CA ASP B 72 -18.28 6.21 14.31
C ASP B 72 -17.10 5.26 14.11
N ASP B 73 -16.12 5.39 15.01
CA ASP B 73 -14.92 4.57 15.04
C ASP B 73 -14.18 4.64 13.70
N SER B 74 -13.75 5.84 13.35
CA SER B 74 -12.99 6.04 12.13
C SER B 74 -11.60 5.44 12.25
N SER B 75 -11.10 4.91 11.14
CA SER B 75 -9.76 4.33 11.10
C SER B 75 -8.70 5.32 10.66
N ASP B 76 -9.09 6.50 10.18
CA ASP B 76 -8.18 7.55 9.75
C ASP B 76 -8.11 8.62 10.84
N ASN B 77 -7.51 9.77 10.51
CA ASN B 77 -7.29 10.84 11.47
C ASN B 77 -8.46 11.80 11.53
N THR B 78 -9.67 11.30 11.26
CA THR B 78 -10.88 12.12 11.36
C THR B 78 -11.10 12.61 12.79
N PHE B 79 -10.95 11.72 13.77
CA PHE B 79 -11.16 12.11 15.16
C PHE B 79 -10.10 13.10 15.63
N GLU B 80 -8.88 13.00 15.11
CA GLU B 80 -7.84 13.97 15.48
C GLU B 80 -8.20 15.37 15.01
N ILE B 81 -8.67 15.49 13.76
CA ILE B 81 -9.09 16.78 13.24
C ILE B 81 -10.27 17.31 14.02
N ALA B 82 -11.24 16.44 14.32
CA ALA B 82 -12.41 16.88 15.08
C ALA B 82 -12.02 17.36 16.47
N SER B 83 -11.12 16.64 17.14
CA SER B 83 -10.66 17.05 18.46
C SER B 83 -9.89 18.36 18.41
N ARG B 84 -9.07 18.55 17.38
CA ARG B 84 -8.34 19.81 17.24
C ARG B 84 -9.30 20.97 17.06
N ILE B 85 -10.31 20.82 16.21
CA ILE B 85 -11.26 21.89 15.99
C ILE B 85 -12.09 22.14 17.25
N ALA B 86 -12.44 21.08 17.97
CA ALA B 86 -13.15 21.25 19.24
C ALA B 86 -12.31 21.96 20.27
N ASN B 87 -10.98 21.80 20.22
CA ASN B 87 -10.11 22.55 21.11
C ASN B 87 -9.96 24.00 20.68
N THR B 88 -10.08 24.28 19.38
CA THR B 88 -9.94 25.66 18.92
C THR B 88 -11.07 26.54 19.41
N THR B 89 -12.31 26.05 19.38
CA THR B 89 -13.48 26.87 19.70
C THR B 89 -14.40 26.13 20.65
N SER B 90 -15.17 26.89 21.41
CA SER B 90 -16.07 26.33 22.42
C SER B 90 -17.41 25.89 21.84
N LYS B 91 -17.68 26.16 20.57
CA LYS B 91 -18.94 25.77 19.96
C LYS B 91 -18.94 24.32 19.47
N VAL B 92 -17.82 23.62 19.54
CA VAL B 92 -17.69 22.28 19.00
C VAL B 92 -17.36 21.34 20.15
N ARG B 93 -18.17 20.28 20.30
CA ARG B 93 -17.91 19.23 21.27
C ARG B 93 -17.92 17.90 20.54
N VAL B 94 -16.85 17.12 20.71
CA VAL B 94 -16.60 15.93 19.91
C VAL B 94 -16.53 14.71 20.82
N PHE B 95 -17.25 13.66 20.44
CA PHE B 95 -17.20 12.36 21.10
C PHE B 95 -16.95 11.31 20.04
N ARG B 96 -16.34 10.20 20.46
CA ARG B 96 -16.01 9.11 19.54
C ARG B 96 -16.61 7.81 20.04
N LEU B 97 -17.27 7.09 19.15
CA LEU B 97 -17.76 5.75 19.47
C LEU B 97 -16.64 4.75 19.24
N ASN B 98 -16.39 3.90 20.23
CA ASN B 98 -15.30 2.94 20.13
C ASN B 98 -15.62 1.79 19.18
N SER B 99 -16.87 1.64 18.76
CA SER B 99 -17.26 0.61 17.81
C SER B 99 -18.13 1.23 16.73
N ASN B 100 -18.11 0.61 15.55
CA ASN B 100 -18.87 1.11 14.42
C ASN B 100 -20.31 0.63 14.52
N LEU B 101 -21.24 1.55 14.73
CA LEU B 101 -22.65 1.21 14.94
C LEU B 101 -23.58 1.91 13.97
N GLY B 102 -23.05 2.53 12.93
CA GLY B 102 -23.88 3.23 11.96
C GLY B 102 -24.05 4.70 12.28
N THR B 103 -24.63 5.42 11.32
CA THR B 103 -24.79 6.86 11.47
C THR B 103 -25.92 7.21 12.42
N TYR B 104 -26.97 6.40 12.48
CA TYR B 104 -28.12 6.75 13.30
C TYR B 104 -27.85 6.54 14.78
N PHE B 105 -27.04 5.55 15.14
CA PHE B 105 -26.62 5.42 16.53
C PHE B 105 -25.81 6.63 16.95
N ALA B 106 -24.94 7.13 16.07
CA ALA B 106 -24.19 8.34 16.37
C ALA B 106 -25.11 9.55 16.49
N LYS B 107 -26.13 9.62 15.63
CA LYS B 107 -27.10 10.71 15.74
C LYS B 107 -27.82 10.69 17.08
N ASN B 108 -28.24 9.50 17.53
CA ASN B 108 -28.93 9.40 18.81
C ASN B 108 -27.99 9.73 19.97
N THR B 109 -26.72 9.31 19.87
CA THR B 109 -25.74 9.68 20.89
C THR B 109 -25.54 11.19 20.95
N GLY B 110 -25.50 11.83 19.78
CA GLY B 110 -25.40 13.29 19.76
C GLY B 110 -26.64 13.97 20.34
N ILE B 111 -27.82 13.38 20.10
CA ILE B 111 -29.04 13.91 20.71
C ILE B 111 -28.95 13.82 22.22
N LEU B 112 -28.49 12.69 22.74
CA LEU B 112 -28.35 12.54 24.19
C LEU B 112 -27.33 13.53 24.74
N LYS B 113 -26.22 13.74 24.04
CA LYS B 113 -25.18 14.65 24.51
C LYS B 113 -25.52 16.12 24.26
N SER B 114 -26.53 16.41 23.44
CA SER B 114 -26.85 17.79 23.11
C SER B 114 -27.55 18.47 24.27
N LYS B 115 -27.58 19.81 24.22
CA LYS B 115 -28.26 20.61 25.22
C LYS B 115 -29.27 21.59 24.64
N GLY B 116 -29.29 21.79 23.32
CA GLY B 116 -30.18 22.77 22.74
C GLY B 116 -31.62 22.28 22.64
N ASP B 117 -32.52 23.23 22.49
CA ASP B 117 -33.94 22.93 22.33
C ASP B 117 -34.32 22.58 20.90
N ILE B 118 -33.44 22.84 19.94
CA ILE B 118 -33.67 22.52 18.53
C ILE B 118 -32.49 21.68 18.05
N ILE B 119 -32.80 20.64 17.27
CA ILE B 119 -31.81 19.67 16.81
C ILE B 119 -31.79 19.67 15.29
N PHE B 120 -30.60 19.83 14.72
CA PHE B 120 -30.39 19.72 13.29
C PHE B 120 -29.29 18.69 13.02
N PHE B 121 -29.23 18.22 11.78
CA PHE B 121 -28.29 17.19 11.40
C PHE B 121 -27.50 17.60 10.16
N GLN B 122 -26.28 17.11 10.05
CA GLN B 122 -25.43 17.34 8.89
C GLN B 122 -24.33 16.29 8.86
N ASP B 123 -24.20 15.60 7.73
CA ASP B 123 -23.16 14.58 7.61
C ASP B 123 -21.78 15.21 7.52
N SER B 124 -20.76 14.44 7.92
CA SER B 124 -19.41 14.97 7.93
C SER B 124 -18.87 15.15 6.52
N ASP B 125 -19.26 14.28 5.59
CA ASP B 125 -18.76 14.38 4.22
C ASP B 125 -19.47 15.48 3.42
N ASP B 126 -20.49 16.12 3.98
CA ASP B 126 -21.27 17.12 3.29
C ASP B 126 -21.09 18.48 3.96
N VAL B 127 -21.35 19.53 3.18
CA VAL B 127 -21.27 20.89 3.67
C VAL B 127 -22.60 21.58 3.40
N CYS B 128 -22.86 22.65 4.14
CA CYS B 128 -24.14 23.34 4.09
C CYS B 128 -23.94 24.81 3.77
N HIS B 129 -24.99 25.44 3.28
CA HIS B 129 -24.98 26.86 3.03
C HIS B 129 -24.86 27.62 4.35
N HIS B 130 -24.26 28.80 4.30
CA HIS B 130 -24.02 29.59 5.50
C HIS B 130 -25.27 30.28 6.02
N GLU B 131 -26.44 29.98 5.46
CA GLU B 131 -27.70 30.54 5.94
C GLU B 131 -28.76 29.47 6.11
N ARG B 132 -28.37 28.19 6.18
CA ARG B 132 -29.35 27.12 6.27
C ARG B 132 -30.05 27.12 7.63
N ILE B 133 -29.28 27.20 8.71
CA ILE B 133 -29.84 27.04 10.04
C ILE B 133 -30.73 28.22 10.40
N GLU B 134 -30.33 29.44 10.01
CA GLU B 134 -31.16 30.61 10.30
C GLU B 134 -32.52 30.51 9.62
N ARG B 135 -32.54 30.20 8.32
CA ARG B 135 -33.79 30.07 7.60
C ARG B 135 -34.64 28.94 8.15
N CYS B 136 -34.01 27.80 8.45
CA CYS B 136 -34.75 26.65 8.95
C CYS B 136 -35.37 26.95 10.31
N VAL B 137 -34.62 27.61 11.20
CA VAL B 137 -35.16 27.96 12.52
C VAL B 137 -36.28 28.97 12.38
N ASN B 138 -36.13 29.95 11.47
CA ASN B 138 -37.21 30.91 11.26
C ASN B 138 -38.47 30.24 10.77
N ILE B 139 -38.35 29.31 9.83
CA ILE B 139 -39.51 28.58 9.33
C ILE B 139 -40.12 27.72 10.43
N LEU B 140 -39.27 27.07 11.23
CA LEU B 140 -39.76 26.20 12.30
C LEU B 140 -40.53 26.98 13.35
N LEU B 141 -40.02 28.14 13.74
CA LEU B 141 -40.63 28.93 14.81
C LEU B 141 -41.62 29.97 14.30
N ALA B 142 -41.87 30.02 12.98
CA ALA B 142 -42.87 30.94 12.45
C ALA B 142 -44.25 30.62 12.99
N ASN B 143 -44.59 29.34 13.07
CA ASN B 143 -45.87 28.88 13.59
C ASN B 143 -45.63 28.02 14.82
N LYS B 144 -46.44 28.23 15.86
CA LYS B 144 -46.25 27.53 17.11
C LYS B 144 -46.51 26.03 16.96
N GLU B 145 -47.52 25.67 16.18
CA GLU B 145 -47.88 24.26 16.01
C GLU B 145 -46.87 23.47 15.21
N THR B 146 -45.94 24.15 14.52
CA THR B 146 -44.93 23.46 13.73
C THR B 146 -44.02 22.64 14.64
N ILE B 147 -43.75 21.40 14.24
CA ILE B 147 -42.90 20.52 15.03
C ILE B 147 -41.59 20.18 14.35
N ALA B 148 -41.49 20.29 13.03
CA ALA B 148 -40.25 19.97 12.34
C ALA B 148 -40.21 20.68 10.99
N VAL B 149 -39.00 20.94 10.52
CA VAL B 149 -38.77 21.62 9.25
C VAL B 149 -37.66 20.87 8.51
N ARG B 150 -37.85 20.71 7.21
CA ARG B 150 -36.84 20.11 6.35
C ARG B 150 -36.63 20.99 5.13
N CYS B 151 -35.42 20.96 4.59
CA CYS B 151 -35.07 21.75 3.41
C CYS B 151 -34.45 20.85 2.36
N ALA B 152 -34.59 21.24 1.11
CA ALA B 152 -34.11 20.42 -0.01
C ALA B 152 -32.59 20.34 -0.02
N TYR B 153 -32.09 19.20 -0.48
CA TYR B 153 -30.65 18.94 -0.61
C TYR B 153 -30.31 18.68 -2.08
N SER B 154 -29.01 18.50 -2.34
CA SER B 154 -28.54 18.23 -3.69
C SER B 154 -27.27 17.40 -3.63
N ARG B 155 -26.94 16.77 -4.76
CA ARG B 155 -25.75 15.94 -4.89
C ARG B 155 -24.72 16.68 -5.75
N LEU B 156 -23.47 16.69 -5.28
CA LEU B 156 -22.41 17.40 -5.96
C LEU B 156 -21.19 16.50 -6.12
N ALA B 157 -20.49 16.67 -7.23
CA ALA B 157 -19.23 15.99 -7.45
C ALA B 157 -18.11 16.79 -6.81
N PRO B 158 -17.31 16.20 -5.92
CA PRO B 158 -16.26 16.98 -5.23
C PRO B 158 -15.18 17.51 -6.16
N GLU B 159 -14.99 16.91 -7.33
CA GLU B 159 -13.91 17.33 -8.22
C GLU B 159 -14.32 18.54 -9.04
N THR B 160 -15.37 18.40 -9.86
CA THR B 160 -15.78 19.46 -10.76
C THR B 160 -16.75 20.45 -10.12
N GLN B 161 -17.21 20.18 -8.90
CA GLN B 161 -18.18 21.03 -8.19
C GLN B 161 -19.48 21.20 -8.95
N HIS B 162 -19.80 20.27 -9.85
CA HIS B 162 -21.04 20.30 -10.60
C HIS B 162 -22.16 19.62 -9.81
N ILE B 163 -23.38 19.71 -10.33
CA ILE B 163 -24.55 19.15 -9.68
C ILE B 163 -24.83 17.78 -10.26
N ILE B 164 -24.94 16.78 -9.39
CA ILE B 164 -25.34 15.43 -9.79
C ILE B 164 -26.85 15.36 -9.67
N LYS B 165 -27.54 15.51 -10.79
CA LYS B 165 -29.00 15.50 -10.77
C LYS B 165 -29.51 14.12 -10.39
N VAL B 166 -30.50 14.08 -9.51
CA VAL B 166 -31.11 12.85 -9.04
C VAL B 166 -32.55 12.83 -9.52
N ASN B 167 -32.91 11.78 -10.27
CA ASN B 167 -34.24 11.63 -10.86
C ASN B 167 -34.61 12.84 -11.71
N ASN B 168 -33.63 13.34 -12.47
CA ASN B 168 -33.81 14.46 -13.39
C ASN B 168 -34.28 15.72 -12.67
N MET B 169 -33.79 15.92 -11.45
CA MET B 169 -34.09 17.11 -10.67
C MET B 169 -32.82 17.61 -9.99
N ASP B 170 -32.63 18.93 -10.00
CA ASP B 170 -31.42 19.52 -9.42
C ASP B 170 -31.37 19.31 -7.92
N TYR B 171 -32.46 19.66 -7.21
CA TYR B 171 -32.53 19.49 -5.77
C TYR B 171 -33.87 18.90 -5.39
N ARG B 172 -33.86 18.06 -4.37
CA ARG B 172 -35.05 17.37 -3.89
C ARG B 172 -35.10 17.43 -2.37
N LEU B 173 -36.30 17.33 -1.82
CA LEU B 173 -36.45 17.31 -0.38
C LEU B 173 -35.86 16.03 0.21
N GLY B 174 -35.13 16.18 1.30
CA GLY B 174 -34.46 15.05 1.92
C GLY B 174 -34.82 14.85 3.37
N PHE B 175 -34.13 13.93 4.03
CA PHE B 175 -34.40 13.63 5.43
C PHE B 175 -33.22 13.93 6.36
N ILE B 176 -32.00 14.02 5.83
CA ILE B 176 -30.86 14.40 6.66
C ILE B 176 -30.99 15.86 7.08
N THR B 177 -31.60 16.70 6.25
CA THR B 177 -31.75 18.12 6.54
C THR B 177 -32.91 18.41 7.48
N LEU B 178 -33.66 17.40 7.88
CA LEU B 178 -34.82 17.61 8.75
C LEU B 178 -34.38 18.06 10.13
N GLY B 179 -34.99 19.13 10.62
CA GLY B 179 -34.71 19.64 11.95
C GLY B 179 -35.99 19.80 12.74
N MET B 180 -35.90 19.54 14.04
CA MET B 180 -37.09 19.50 14.89
C MET B 180 -36.72 19.98 16.28
N HIS B 181 -37.72 20.01 17.16
CA HIS B 181 -37.52 20.41 18.54
C HIS B 181 -36.88 19.29 19.35
N ARG B 182 -36.37 19.65 20.52
CA ARG B 182 -35.76 18.65 21.40
C ARG B 182 -36.81 17.70 21.97
N LYS B 183 -38.03 18.19 22.20
CA LYS B 183 -39.08 17.37 22.80
C LYS B 183 -39.59 16.30 21.85
N VAL B 184 -39.24 16.35 20.57
CA VAL B 184 -39.71 15.34 19.62
C VAL B 184 -39.11 13.97 19.97
N PHE B 185 -37.83 13.94 20.33
CA PHE B 185 -37.16 12.67 20.56
C PHE B 185 -37.56 12.02 21.88
N GLN B 186 -38.17 12.77 22.80
CA GLN B 186 -38.60 12.20 24.07
C GLN B 186 -40.06 11.77 24.06
N GLU B 187 -40.76 11.91 22.93
CA GLU B 187 -42.16 11.52 22.82
C GLU B 187 -42.38 10.35 21.88
N ILE B 188 -41.55 10.19 20.85
CA ILE B 188 -41.72 9.10 19.90
C ILE B 188 -40.41 8.33 19.78
N GLY B 189 -39.57 8.39 20.80
CA GLY B 189 -38.33 7.68 20.74
C GLY B 189 -37.32 8.37 19.84
N PHE B 190 -36.25 7.64 19.52
CA PHE B 190 -35.13 8.14 18.75
C PHE B 190 -35.08 7.43 17.40
N PHE B 191 -34.04 7.70 16.63
CA PHE B 191 -33.86 7.04 15.35
C PHE B 191 -33.66 5.53 15.55
N ASN B 192 -34.18 4.76 14.61
CA ASN B 192 -33.97 3.31 14.65
C ASN B 192 -32.51 3.02 14.33
N CYS B 193 -31.88 2.17 15.16
CA CYS B 193 -30.45 1.92 15.04
C CYS B 193 -30.22 0.91 13.92
N THR B 194 -30.24 1.41 12.69
CA THR B 194 -29.96 0.62 11.50
C THR B 194 -28.85 1.28 10.71
N THR B 195 -28.30 0.54 9.75
CA THR B 195 -27.22 1.07 8.92
C THR B 195 -27.72 2.21 8.04
N LYS B 196 -28.90 2.05 7.43
CA LYS B 196 -29.39 3.03 6.49
C LYS B 196 -30.90 2.90 6.39
N GLY B 197 -31.53 3.96 5.89
CA GLY B 197 -32.96 4.00 5.71
C GLY B 197 -33.76 4.38 6.94
N SER B 198 -33.10 4.62 8.07
CA SER B 198 -33.82 4.97 9.29
C SER B 198 -34.34 6.40 9.28
N ASP B 199 -33.76 7.28 8.45
CA ASP B 199 -34.25 8.65 8.39
C ASP B 199 -35.67 8.71 7.82
N ASP B 200 -35.94 7.93 6.78
CA ASP B 200 -37.29 7.85 6.22
C ASP B 200 -38.26 7.30 7.25
N GLU B 201 -37.85 6.28 7.99
CA GLU B 201 -38.71 5.70 9.02
C GLU B 201 -39.02 6.73 10.10
N PHE B 202 -38.01 7.49 10.53
CA PHE B 202 -38.24 8.51 11.55
C PHE B 202 -39.15 9.62 11.05
N PHE B 203 -38.96 10.05 9.80
CA PHE B 203 -39.83 11.07 9.23
C PHE B 203 -41.27 10.60 9.13
N HIS B 204 -41.48 9.36 8.69
CA HIS B 204 -42.83 8.82 8.62
C HIS B 204 -43.42 8.63 10.01
N ARG B 205 -42.59 8.31 11.00
CA ARG B 205 -43.07 8.23 12.38
C ARG B 205 -43.55 9.58 12.87
N ILE B 206 -42.80 10.64 12.56
CA ILE B 206 -43.22 11.99 12.95
C ILE B 206 -44.52 12.35 12.26
N ALA B 207 -44.64 12.03 10.96
CA ALA B 207 -45.86 12.33 10.23
C ALA B 207 -47.05 11.58 10.79
N LYS B 208 -46.85 10.32 11.19
CA LYS B 208 -47.94 9.53 11.75
C LYS B 208 -48.36 10.05 13.11
N TYR B 209 -47.40 10.44 13.94
CA TYR B 209 -47.73 10.90 15.29
C TYR B 209 -48.34 12.29 15.27
N TYR B 210 -47.58 13.28 14.79
CA TYR B 210 -48.06 14.66 14.84
C TYR B 210 -48.99 14.97 13.68
N GLY B 211 -48.51 14.81 12.46
CA GLY B 211 -49.31 15.07 11.27
C GLY B 211 -48.48 15.71 10.18
N LYS B 212 -48.97 15.57 8.94
CA LYS B 212 -48.28 16.16 7.80
C LYS B 212 -48.31 17.69 7.86
N GLU B 213 -49.34 18.27 8.47
CA GLU B 213 -49.41 19.72 8.61
C GLU B 213 -48.38 20.24 9.60
N LYS B 214 -47.82 19.37 10.44
CA LYS B 214 -46.84 19.77 11.42
C LYS B 214 -45.42 19.79 10.87
N ILE B 215 -45.23 19.44 9.60
CA ILE B 215 -43.91 19.43 8.97
C ILE B 215 -43.86 20.53 7.93
N LYS B 216 -42.81 21.33 7.96
CA LYS B 216 -42.63 22.39 6.98
C LYS B 216 -41.54 21.99 5.98
N ASN B 217 -41.72 22.41 4.74
CA ASN B 217 -40.80 22.11 3.65
C ASN B 217 -40.25 23.40 3.08
N LEU B 218 -38.93 23.43 2.86
CA LEU B 218 -38.25 24.59 2.31
C LEU B 218 -37.56 24.16 1.02
N LEU B 219 -38.10 24.60 -0.11
CA LEU B 219 -37.58 24.22 -1.43
C LEU B 219 -36.39 25.14 -1.76
N LEU B 220 -35.32 24.98 -0.98
CA LEU B 220 -34.09 25.73 -1.17
C LEU B 220 -32.93 24.75 -1.02
N PRO B 221 -31.96 24.78 -1.94
CA PRO B 221 -30.79 23.89 -1.85
C PRO B 221 -29.81 24.34 -0.77
N LEU B 222 -30.22 24.20 0.49
CA LEU B 222 -29.42 24.64 1.62
C LEU B 222 -28.44 23.57 2.10
N TYR B 223 -28.49 22.37 1.52
CA TYR B 223 -27.60 21.28 1.89
C TYR B 223 -26.98 20.71 0.63
N TYR B 224 -25.74 20.24 0.75
CA TYR B 224 -24.97 19.78 -0.40
C TYR B 224 -24.33 18.44 -0.09
N ASN B 225 -25.00 17.36 -0.50
CA ASN B 225 -24.47 16.02 -0.32
C ASN B 225 -23.34 15.76 -1.30
N THR B 226 -22.14 15.52 -0.79
CA THR B 226 -21.00 15.22 -1.66
C THR B 226 -21.13 13.80 -2.20
N MET B 227 -20.99 13.65 -3.51
CA MET B 227 -21.12 12.35 -4.15
C MET B 227 -19.74 11.68 -4.17
N ARG B 228 -19.55 10.69 -3.30
CA ARG B 228 -18.31 9.94 -3.25
C ARG B 228 -18.62 8.46 -3.34
N GLU B 229 -17.67 7.71 -3.89
CA GLU B 229 -17.87 6.29 -4.15
C GLU B 229 -17.89 5.50 -2.85
N ASN B 230 -18.53 4.32 -2.91
CA ASN B 230 -18.62 3.39 -1.79
C ASN B 230 -19.25 4.03 -0.56
N SER B 231 -20.27 4.85 -0.79
CA SER B 231 -21.02 5.45 0.31
C SER B 231 -22.19 4.54 0.68
N LEU B 232 -23.05 5.01 1.58
CA LEU B 232 -24.15 4.17 2.06
C LEU B 232 -25.24 4.03 1.00
N PHE B 233 -25.51 5.10 0.26
CA PHE B 233 -26.65 5.12 -0.66
C PHE B 233 -26.28 4.70 -2.07
N THR B 234 -25.04 4.27 -2.30
CA THR B 234 -24.62 3.84 -3.64
C THR B 234 -25.40 2.63 -4.13
N ASP B 235 -26.01 1.87 -3.22
CA ASP B 235 -26.88 0.76 -3.63
C ASP B 235 -28.11 1.25 -4.38
N MET B 236 -28.51 2.50 -4.17
CA MET B 236 -29.67 3.06 -4.84
C MET B 236 -29.31 3.78 -6.14
N VAL B 237 -28.03 3.91 -6.47
CA VAL B 237 -27.60 4.76 -7.57
C VAL B 237 -27.46 3.92 -8.84
N GLU B 238 -28.14 4.35 -9.89
CA GLU B 238 -27.89 3.86 -11.25
C GLU B 238 -27.36 5.03 -12.07
N TRP B 239 -26.16 4.88 -12.61
CA TRP B 239 -25.49 5.96 -13.32
C TRP B 239 -25.95 6.02 -14.77
N ILE B 240 -26.36 7.21 -15.21
CA ILE B 240 -26.65 7.48 -16.61
C ILE B 240 -25.51 8.21 -17.29
N ASP B 241 -25.05 9.30 -16.67
CA ASP B 241 -23.91 10.05 -17.15
C ASP B 241 -23.22 10.68 -15.95
N ASN B 242 -22.34 11.65 -16.20
CA ASN B 242 -21.63 12.30 -15.11
C ASN B 242 -22.46 13.34 -14.38
N HIS B 243 -23.67 13.66 -14.86
CA HIS B 243 -24.50 14.67 -14.24
C HIS B 243 -25.92 14.19 -13.96
N ASN B 244 -26.23 12.91 -14.19
CA ASN B 244 -27.57 12.40 -13.96
C ASN B 244 -27.48 10.98 -13.39
N ILE B 245 -28.22 10.73 -12.31
CA ILE B 245 -28.34 9.42 -11.71
C ILE B 245 -29.81 9.13 -11.41
N ILE B 246 -30.11 7.85 -11.23
CA ILE B 246 -31.44 7.40 -10.86
C ILE B 246 -31.37 6.75 -9.49
N GLN B 247 -32.22 7.20 -8.57
CA GLN B 247 -32.24 6.69 -7.20
C GLN B 247 -33.49 5.84 -7.02
N LYS B 248 -33.29 4.54 -6.79
CA LYS B 248 -34.36 3.60 -6.54
C LYS B 248 -33.99 2.72 -5.35
N MET B 249 -34.96 2.46 -4.49
CA MET B 249 -34.72 1.67 -3.29
C MET B 249 -34.40 0.22 -3.67
N SER B 250 -33.42 -0.36 -2.96
CA SER B 250 -33.02 -1.72 -3.22
C SER B 250 -34.03 -2.70 -2.63
N ASP B 251 -33.74 -3.99 -2.77
CA ASP B 251 -34.64 -5.01 -2.23
C ASP B 251 -34.70 -4.96 -0.72
N THR B 252 -33.54 -4.86 -0.06
CA THR B 252 -33.51 -4.76 1.39
C THR B 252 -34.15 -3.45 1.86
N ARG B 253 -33.88 -2.35 1.16
CA ARG B 253 -34.51 -1.08 1.51
C ARG B 253 -36.01 -1.14 1.35
N GLN B 254 -36.50 -1.79 0.28
CA GLN B 254 -37.94 -1.93 0.09
C GLN B 254 -38.55 -2.81 1.18
N HIS B 255 -37.86 -3.88 1.56
CA HIS B 255 -38.36 -4.74 2.63
C HIS B 255 -38.44 -3.98 3.95
N TYR B 256 -37.42 -3.15 4.23
CA TYR B 256 -37.46 -2.33 5.45
C TYR B 256 -38.58 -1.30 5.37
N ALA B 257 -38.79 -0.71 4.20
CA ALA B 257 -39.84 0.30 4.05
C ALA B 257 -41.23 -0.30 4.26
N THR B 258 -41.47 -1.49 3.70
CA THR B 258 -42.74 -2.16 3.93
C THR B 258 -42.87 -2.64 5.37
N LEU B 259 -41.75 -2.84 6.06
CA LEU B 259 -41.80 -3.38 7.41
C LEU B 259 -42.37 -2.36 8.40
N PHE B 260 -41.89 -1.12 8.35
CA PHE B 260 -42.31 -0.14 9.34
C PHE B 260 -43.61 0.57 9.00
N GLN B 261 -43.98 0.64 7.71
CA GLN B 261 -45.24 1.26 7.34
C GLN B 261 -46.42 0.47 7.91
N ALA B 262 -46.35 -0.87 7.86
CA ALA B 262 -47.35 -1.69 8.53
C ALA B 262 -47.21 -1.60 10.04
N MET B 263 -45.98 -1.45 10.54
CA MET B 263 -45.76 -1.33 11.98
C MET B 263 -46.35 -0.03 12.52
N HIS B 264 -46.30 1.04 11.74
CA HIS B 264 -46.90 2.29 12.17
C HIS B 264 -48.41 2.16 12.33
N ASN B 265 -49.06 1.42 11.42
CA ASN B 265 -50.49 1.23 11.51
C ASN B 265 -50.88 0.23 12.59
N GLU B 266 -50.04 -0.77 12.84
CA GLU B 266 -50.35 -1.82 13.79
C GLU B 266 -49.91 -1.51 15.22
N THR B 267 -49.31 -0.35 15.45
CA THR B 267 -48.87 0.04 16.78
C THR B 267 -49.43 1.41 17.11
N ALA B 268 -49.90 1.56 18.36
CA ALA B 268 -50.41 2.85 18.81
C ALA B 268 -49.29 3.89 18.83
N SER B 269 -49.68 5.15 18.59
CA SER B 269 -48.69 6.22 18.52
C SER B 269 -47.98 6.41 19.84
N HIS B 270 -48.72 6.42 20.95
CA HIS B 270 -48.12 6.61 22.26
C HIS B 270 -47.20 5.47 22.65
N ASP B 271 -47.30 4.33 21.98
CA ASP B 271 -46.41 3.21 22.22
C ASP B 271 -45.04 3.39 21.55
N PHE B 272 -44.90 4.37 20.65
CA PHE B 272 -43.63 4.56 19.96
C PHE B 272 -42.51 4.87 20.94
N LYS B 273 -42.79 5.70 21.95
CA LYS B 273 -41.80 6.00 22.99
C LYS B 273 -41.33 4.74 23.68
N ASN B 274 -42.19 3.74 23.82
CA ASN B 274 -41.82 2.48 24.46
C ASN B 274 -41.21 1.49 23.49
N LEU B 275 -41.12 1.82 22.20
CA LEU B 275 -40.63 0.89 21.20
C LEU B 275 -39.24 1.20 20.70
N PHE B 276 -38.89 2.49 20.57
CA PHE B 276 -37.62 2.91 20.02
C PHE B 276 -36.78 3.63 21.07
N GLN B 277 -36.72 3.07 22.28
CA GLN B 277 -35.91 3.65 23.34
C GLN B 277 -34.43 3.55 23.00
N PHE B 278 -33.69 4.61 23.32
CA PHE B 278 -32.25 4.66 23.11
C PHE B 278 -31.56 4.99 24.42
N PRO B 279 -30.41 4.38 24.72
CA PRO B 279 -29.66 3.38 23.93
C PRO B 279 -30.28 2.00 23.95
N ARG B 280 -30.00 1.19 22.92
CA ARG B 280 -30.55 -0.15 22.82
C ARG B 280 -29.50 -1.06 22.17
N ILE B 281 -29.64 -2.35 22.43
CA ILE B 281 -28.75 -3.36 21.87
C ILE B 281 -29.50 -4.40 21.04
N TYR B 282 -30.82 -4.29 20.94
CA TYR B 282 -31.61 -5.19 20.11
C TYR B 282 -32.37 -4.40 19.06
N ASP B 283 -32.53 -5.00 17.89
CA ASP B 283 -33.26 -4.34 16.80
C ASP B 283 -34.74 -4.24 17.15
N ALA B 284 -35.30 -3.05 16.97
CA ALA B 284 -36.73 -2.87 17.20
C ALA B 284 -37.58 -3.45 16.09
N LEU B 285 -36.99 -3.72 14.93
CA LEU B 285 -37.69 -4.29 13.79
C LEU B 285 -36.94 -5.51 13.28
N PRO B 286 -37.65 -6.48 12.72
CA PRO B 286 -36.98 -7.67 12.18
C PRO B 286 -36.22 -7.37 10.89
N VAL B 287 -35.03 -6.82 11.02
CA VAL B 287 -34.21 -6.46 9.86
C VAL B 287 -33.08 -7.47 9.71
N PRO B 288 -32.54 -7.68 8.51
CA PRO B 288 -31.42 -8.62 8.35
C PRO B 288 -30.15 -8.07 8.97
N GLN B 289 -29.13 -8.94 9.04
CA GLN B 289 -27.87 -8.55 9.66
C GLN B 289 -27.15 -7.48 8.87
N GLU B 290 -27.30 -7.48 7.54
CA GLU B 290 -26.64 -6.48 6.71
C GLU B 290 -27.27 -5.09 6.83
N MET B 291 -28.44 -4.98 7.46
CA MET B 291 -29.11 -3.69 7.61
C MET B 291 -28.98 -3.12 9.01
N SER B 292 -28.49 -3.89 9.98
CA SER B 292 -28.33 -3.41 11.34
C SER B 292 -26.90 -3.66 11.80
N LYS B 293 -26.26 -2.63 12.35
CA LYS B 293 -24.91 -2.75 12.89
C LYS B 293 -24.90 -2.88 14.41
N LEU B 294 -26.05 -3.09 15.03
CA LEU B 294 -26.08 -3.34 16.46
C LEU B 294 -25.46 -4.69 16.77
N SER B 295 -25.11 -4.88 18.04
CA SER B 295 -24.52 -6.15 18.46
C SER B 295 -25.52 -7.31 18.31
N ASN B 296 -26.78 -7.09 18.73
CA ASN B 296 -27.85 -8.07 18.70
C ASN B 296 -27.42 -9.40 19.31
N PRO B 297 -27.19 -9.46 20.62
CA PRO B 297 -26.77 -10.72 21.23
C PRO B 297 -27.85 -11.77 21.16
N LYS B 298 -27.43 -13.03 21.04
CA LYS B 298 -28.33 -14.16 21.03
C LYS B 298 -28.57 -14.73 22.41
N ILE B 299 -28.00 -14.13 23.45
CA ILE B 299 -28.14 -14.60 24.82
C ILE B 299 -28.52 -13.41 25.70
N PRO B 300 -29.20 -13.62 26.83
CA PRO B 300 -29.59 -12.48 27.67
C PRO B 300 -28.38 -11.74 28.22
N VAL B 301 -28.54 -10.45 28.42
CA VAL B 301 -27.47 -9.57 28.89
C VAL B 301 -27.76 -9.20 30.34
N TYR B 302 -26.77 -9.43 31.20
CA TYR B 302 -26.87 -9.12 32.62
C TYR B 302 -25.87 -8.02 32.96
N ILE B 303 -26.34 -6.94 33.58
CA ILE B 303 -25.49 -5.85 34.02
C ILE B 303 -25.49 -5.83 35.53
N ASN B 304 -24.31 -5.89 36.13
CA ASN B 304 -24.14 -5.95 37.57
C ASN B 304 -23.45 -4.69 38.05
N ILE B 305 -23.96 -4.09 39.12
CA ILE B 305 -23.41 -2.83 39.61
C ILE B 305 -23.64 -2.74 41.11
N CYS B 306 -22.62 -2.27 41.82
CA CYS B 306 -22.70 -1.97 43.24
C CYS B 306 -22.79 -0.47 43.44
N SER B 307 -23.55 -0.05 44.46
CA SER B 307 -23.75 1.37 44.68
C SER B 307 -23.82 1.67 46.18
N ILE B 308 -23.16 2.75 46.57
CA ILE B 308 -23.21 3.28 47.93
C ILE B 308 -24.10 4.52 47.91
N PRO B 309 -24.73 4.90 49.03
CA PRO B 309 -25.64 6.06 49.00
C PRO B 309 -24.96 7.36 48.60
N SER B 310 -23.69 7.54 48.94
CA SER B 310 -23.01 8.81 48.68
C SER B 310 -22.94 9.15 47.20
N ARG B 311 -23.12 8.16 46.32
CA ARG B 311 -23.11 8.38 44.88
C ARG B 311 -24.46 8.08 44.24
N ILE B 312 -25.55 8.15 45.02
CA ILE B 312 -26.84 7.65 44.56
C ILE B 312 -27.28 8.36 43.28
N ALA B 313 -27.09 9.68 43.22
CA ALA B 313 -27.47 10.42 42.02
C ALA B 313 -26.73 9.90 40.80
N GLN B 314 -25.43 9.64 40.94
CA GLN B 314 -24.66 9.06 39.85
C GLN B 314 -25.27 7.74 39.42
N LEU B 315 -25.68 6.91 40.39
CA LEU B 315 -26.34 5.65 40.06
C LEU B 315 -27.55 5.88 39.17
N ARG B 316 -28.35 6.90 39.50
CA ARG B 316 -29.52 7.21 38.68
C ARG B 316 -29.11 7.47 37.24
N ARG B 317 -28.05 8.25 37.05
CA ARG B 317 -27.58 8.53 35.69
C ARG B 317 -27.20 7.24 34.98
N ILE B 318 -26.56 6.32 35.70
CA ILE B 318 -26.19 5.04 35.09
C ILE B 318 -27.44 4.30 34.65
N ILE B 319 -28.49 4.31 35.48
CA ILE B 319 -29.75 3.72 35.07
C ILE B 319 -30.26 4.39 33.80
N GLY B 320 -30.17 5.73 33.76
CA GLY B 320 -30.60 6.48 32.60
C GLY B 320 -29.82 6.16 31.34
N ILE B 321 -28.69 5.46 31.47
CA ILE B 321 -27.93 5.03 30.30
C ILE B 321 -27.89 3.51 30.16
N LEU B 322 -28.40 2.76 31.13
CA LEU B 322 -28.31 1.31 31.07
C LEU B 322 -29.64 0.59 31.30
N LYS B 323 -30.74 1.31 31.50
CA LYS B 323 -32.01 0.64 31.75
C LYS B 323 -32.56 -0.08 30.53
N ASN B 324 -31.97 0.13 29.34
CA ASN B 324 -32.41 -0.53 28.13
C ASN B 324 -31.31 -1.31 27.43
N GLN B 325 -30.05 -1.17 27.86
CA GLN B 325 -28.94 -1.86 27.23
C GLN B 325 -28.69 -3.25 27.81
N CYS B 326 -29.69 -3.85 28.43
CA CYS B 326 -29.52 -5.18 29.02
C CYS B 326 -30.88 -5.84 29.17
N ASP B 327 -30.85 -7.12 29.48
CA ASP B 327 -32.06 -7.88 29.76
C ASP B 327 -32.28 -8.10 31.25
N HIS B 328 -31.26 -7.89 32.09
CA HIS B 328 -31.42 -8.08 33.52
C HIS B 328 -30.39 -7.23 34.25
N PHE B 329 -30.79 -6.76 35.43
CA PHE B 329 -29.94 -5.96 36.30
C PHE B 329 -29.66 -6.71 37.59
N HIS B 330 -28.51 -6.42 38.19
CA HIS B 330 -28.18 -6.93 39.52
C HIS B 330 -27.51 -5.78 40.27
N ILE B 331 -28.29 -5.08 41.09
CA ILE B 331 -27.83 -3.91 41.81
C ILE B 331 -27.61 -4.29 43.26
N TYR B 332 -26.41 -4.03 43.76
CA TYR B 332 -26.04 -4.31 45.15
C TYR B 332 -25.99 -2.98 45.88
N LEU B 333 -27.00 -2.72 46.71
CA LEU B 333 -27.08 -1.49 47.48
C LEU B 333 -26.33 -1.70 48.80
N ASP B 334 -25.17 -1.08 48.91
CA ASP B 334 -24.33 -1.22 50.11
C ASP B 334 -24.55 0.02 50.99
N GLY B 335 -25.24 -0.16 52.12
CA GLY B 335 -25.49 0.91 53.04
C GLY B 335 -26.73 1.73 52.79
N TYR B 336 -27.50 1.40 51.75
CA TYR B 336 -28.73 2.13 51.47
C TYR B 336 -29.77 1.89 52.56
N VAL B 337 -30.58 2.91 52.82
CA VAL B 337 -31.66 2.81 53.79
C VAL B 337 -32.93 2.26 53.14
N GLU B 338 -33.30 2.81 51.98
CA GLU B 338 -34.48 2.38 51.26
C GLU B 338 -34.14 2.24 49.78
N ILE B 339 -34.92 1.39 49.10
CA ILE B 339 -34.70 1.18 47.67
C ILE B 339 -35.07 2.44 46.90
N PRO B 340 -34.18 2.95 46.05
CA PRO B 340 -34.50 4.17 45.29
C PRO B 340 -35.62 3.94 44.29
N ASP B 341 -36.30 5.03 43.95
CA ASP B 341 -37.46 4.95 43.07
C ASP B 341 -37.06 4.47 41.67
N PHE B 342 -35.95 4.97 41.15
CA PHE B 342 -35.53 4.60 39.79
C PHE B 342 -35.10 3.16 39.68
N ILE B 343 -34.83 2.48 40.79
CA ILE B 343 -34.52 1.05 40.77
C ILE B 343 -35.78 0.20 40.84
N LYS B 344 -36.70 0.55 41.75
CA LYS B 344 -37.94 -0.19 41.87
C LYS B 344 -38.87 0.04 40.69
N ASN B 345 -38.68 1.12 39.92
CA ASN B 345 -39.47 1.34 38.72
C ASN B 345 -39.15 0.32 37.63
N LEU B 346 -37.98 -0.32 37.69
CA LEU B 346 -37.63 -1.33 36.69
C LEU B 346 -38.47 -2.59 36.82
N GLY B 347 -39.05 -2.85 38.00
CA GLY B 347 -39.86 -4.03 38.19
C GLY B 347 -39.05 -5.30 38.31
N ASN B 348 -39.50 -6.37 37.66
CA ASN B 348 -38.81 -7.64 37.72
C ASN B 348 -37.52 -7.66 36.90
N LYS B 349 -37.26 -6.61 36.12
CA LYS B 349 -36.04 -6.56 35.32
C LYS B 349 -34.79 -6.46 36.19
N ALA B 350 -34.92 -5.90 37.38
CA ALA B 350 -33.78 -5.69 38.28
C ALA B 350 -33.95 -6.51 39.54
N THR B 351 -32.89 -7.21 39.94
CA THR B 351 -32.84 -7.92 41.20
C THR B 351 -31.85 -7.21 42.11
N VAL B 352 -32.29 -6.85 43.30
CA VAL B 352 -31.54 -5.96 44.19
C VAL B 352 -31.10 -6.75 45.42
N VAL B 353 -29.83 -6.62 45.78
CA VAL B 353 -29.30 -7.18 47.02
C VAL B 353 -29.12 -6.03 48.00
N HIS B 354 -29.82 -6.09 49.13
CA HIS B 354 -29.94 -4.96 50.03
C HIS B 354 -29.37 -5.26 51.41
N CYS B 355 -28.16 -5.82 51.45
CA CYS B 355 -27.49 -6.07 52.72
C CYS B 355 -27.26 -4.76 53.46
N LYS B 356 -27.89 -4.62 54.62
CA LYS B 356 -27.86 -3.39 55.40
C LYS B 356 -26.73 -3.33 56.41
N ASP B 357 -25.95 -4.42 56.55
CA ASP B 357 -24.88 -4.47 57.54
C ASP B 357 -23.53 -4.34 56.83
N LYS B 358 -22.71 -3.39 57.30
CA LYS B 358 -21.41 -3.17 56.69
C LYS B 358 -20.43 -4.28 57.04
N ASP B 359 -20.54 -4.86 58.23
CA ASP B 359 -19.64 -5.94 58.63
C ASP B 359 -19.84 -7.17 57.76
N ASN B 360 -21.10 -7.50 57.45
CA ASN B 360 -21.41 -8.62 56.57
C ASN B 360 -21.41 -8.24 55.10
N SER B 361 -21.15 -6.97 54.78
CA SER B 361 -21.15 -6.54 53.39
C SER B 361 -19.93 -7.07 52.65
N ILE B 362 -20.06 -7.18 51.33
CA ILE B 362 -18.99 -7.65 50.47
C ILE B 362 -18.51 -6.59 49.50
N ARG B 363 -19.14 -5.41 49.47
CA ARG B 363 -18.71 -4.25 48.69
C ARG B 363 -18.72 -4.62 47.21
N ASP B 364 -17.61 -4.52 46.49
CA ASP B 364 -17.60 -4.74 45.05
C ASP B 364 -17.82 -6.19 44.66
N ASN B 365 -17.56 -7.13 45.56
CA ASN B 365 -17.73 -8.55 45.24
C ASN B 365 -19.17 -8.88 44.88
N GLY B 366 -20.13 -8.06 45.32
CA GLY B 366 -21.52 -8.26 44.93
C GLY B 366 -21.73 -8.26 43.44
N LYS B 367 -20.83 -7.59 42.70
CA LYS B 367 -20.93 -7.56 41.24
C LYS B 367 -20.82 -8.95 40.63
N PHE B 368 -20.31 -9.93 41.37
CA PHE B 368 -20.20 -11.29 40.86
C PHE B 368 -21.27 -12.22 41.41
N ILE B 369 -22.16 -11.73 42.27
CA ILE B 369 -23.14 -12.61 42.92
C ILE B 369 -23.97 -13.35 41.87
N LEU B 370 -24.54 -12.59 40.94
CA LEU B 370 -25.37 -13.19 39.89
C LEU B 370 -24.59 -14.22 39.09
N LEU B 371 -23.28 -13.99 38.90
CA LEU B 371 -22.46 -14.95 38.17
C LEU B 371 -22.54 -16.33 38.80
N GLU B 372 -22.45 -16.39 40.14
CA GLU B 372 -22.55 -17.67 40.82
C GLU B 372 -23.87 -18.35 40.52
N GLU B 373 -24.97 -17.58 40.51
CA GLU B 373 -26.26 -18.15 40.19
C GLU B 373 -26.27 -18.72 38.78
N LEU B 374 -25.63 -18.03 37.84
CA LEU B 374 -25.56 -18.54 36.47
C LEU B 374 -24.78 -19.85 36.42
N ILE B 375 -23.78 -20.00 37.29
CA ILE B 375 -23.06 -21.27 37.36
C ILE B 375 -23.99 -22.39 37.81
N GLU B 376 -24.95 -22.07 38.69
CA GLU B 376 -25.93 -23.05 39.10
C GLU B 376 -27.07 -23.21 38.09
N LYS B 377 -27.10 -22.40 37.03
CA LYS B 377 -28.18 -22.46 36.07
C LYS B 377 -27.72 -22.71 34.63
N ASN B 378 -26.44 -22.53 34.34
CA ASN B 378 -25.88 -22.70 32.98
C ASN B 378 -26.61 -21.83 31.96
N GLN B 379 -27.00 -20.62 32.38
CA GLN B 379 -27.64 -19.66 31.50
C GLN B 379 -26.57 -18.81 30.84
N ASP B 380 -26.33 -19.05 29.55
CA ASP B 380 -25.32 -18.29 28.83
C ASP B 380 -25.74 -16.83 28.69
N GLY B 381 -24.76 -15.95 28.70
CA GLY B 381 -25.05 -14.53 28.61
C GLY B 381 -23.77 -13.73 28.58
N TYR B 382 -23.93 -12.42 28.55
CA TYR B 382 -22.81 -11.48 28.54
C TYR B 382 -22.81 -10.75 29.89
N TYR B 383 -22.03 -11.28 30.83
CA TYR B 383 -21.91 -10.69 32.15
C TYR B 383 -21.15 -9.38 32.06
N ILE B 384 -21.77 -8.31 32.56
CA ILE B 384 -21.18 -6.96 32.56
C ILE B 384 -21.10 -6.50 34.01
N THR B 385 -19.93 -5.99 34.40
CA THR B 385 -19.72 -5.45 35.74
C THR B 385 -19.44 -3.95 35.61
N CYS B 386 -20.10 -3.15 36.44
CA CYS B 386 -19.99 -1.71 36.36
C CYS B 386 -19.87 -1.12 37.76
N ASP B 387 -19.26 0.06 37.84
CA ASP B 387 -19.14 0.82 39.08
C ASP B 387 -19.99 2.08 38.99
N ASP B 388 -20.43 2.56 40.16
CA ASP B 388 -21.37 3.66 40.23
C ASP B 388 -20.72 5.02 40.11
N ASP B 389 -19.39 5.11 40.05
CA ASP B 389 -18.68 6.38 39.97
C ASP B 389 -18.16 6.65 38.56
N ILE B 390 -18.64 5.93 37.56
CA ILE B 390 -18.16 6.06 36.19
C ILE B 390 -19.34 6.40 35.30
N ILE B 391 -19.18 7.42 34.46
CA ILE B 391 -20.20 7.80 33.49
C ILE B 391 -20.01 6.93 32.25
N TYR B 392 -21.05 6.21 31.86
CA TYR B 392 -20.90 5.31 30.72
C TYR B 392 -21.54 5.91 29.47
N PRO B 393 -20.96 5.67 28.31
CA PRO B 393 -21.53 6.20 27.06
C PRO B 393 -22.72 5.36 26.60
N SER B 394 -23.38 5.86 25.57
CA SER B 394 -24.55 5.19 25.02
C SER B 394 -24.20 3.97 24.18
N ASP B 395 -22.93 3.79 23.82
CA ASP B 395 -22.50 2.67 22.99
C ASP B 395 -21.61 1.70 23.75
N TYR B 396 -21.64 1.73 25.09
CA TYR B 396 -20.72 0.93 25.87
C TYR B 396 -20.99 -0.57 25.71
N ILE B 397 -22.25 -0.98 25.90
CA ILE B 397 -22.58 -2.40 25.85
C ILE B 397 -22.38 -2.96 24.46
N ASN B 398 -22.80 -2.21 23.43
CA ASN B 398 -22.61 -2.67 22.06
C ASN B 398 -21.13 -2.81 21.74
N THR B 399 -20.31 -1.87 22.19
CA THR B 399 -18.87 -1.94 21.93
C THR B 399 -18.26 -3.15 22.63
N MET B 400 -18.65 -3.41 23.88
CA MET B 400 -18.09 -4.55 24.60
C MET B 400 -18.48 -5.86 23.92
N ILE B 401 -19.75 -5.98 23.51
CA ILE B 401 -20.20 -7.21 22.85
C ILE B 401 -19.51 -7.38 21.51
N LYS B 402 -19.33 -6.28 20.76
CA LYS B 402 -18.63 -6.36 19.48
C LYS B 402 -17.18 -6.79 19.66
N LYS B 403 -16.50 -6.26 20.67
CA LYS B 403 -15.12 -6.67 20.93
C LYS B 403 -15.06 -8.13 21.34
N LEU B 404 -16.01 -8.59 22.17
CA LEU B 404 -16.04 -10.00 22.55
C LEU B 404 -16.26 -10.90 21.34
N ASN B 405 -17.16 -10.51 20.44
CA ASN B 405 -17.38 -11.29 19.23
C ASN B 405 -16.16 -11.25 18.32
N GLU B 406 -15.46 -10.13 18.27
CA GLU B 406 -14.23 -10.05 17.49
C GLU B 406 -13.18 -11.00 18.04
N TYR B 407 -13.09 -11.13 19.36
CA TYR B 407 -12.22 -12.13 19.97
C TYR B 407 -12.91 -13.47 20.15
N ASP B 408 -14.06 -13.67 19.51
CA ASP B 408 -14.79 -14.94 19.51
C ASP B 408 -15.19 -15.38 20.91
N ASP B 409 -15.41 -14.42 21.81
CA ASP B 409 -15.82 -14.67 23.18
C ASP B 409 -14.84 -15.57 23.94
N LYS B 410 -13.58 -15.57 23.52
CA LYS B 410 -12.57 -16.44 24.10
C LYS B 410 -11.76 -15.75 25.19
N ALA B 411 -12.03 -14.48 25.49
CA ALA B 411 -11.24 -13.76 26.48
C ALA B 411 -12.10 -12.67 27.11
N VAL B 412 -11.71 -12.27 28.31
CA VAL B 412 -12.36 -11.18 29.03
C VAL B 412 -11.74 -9.87 28.57
N ILE B 413 -12.59 -8.85 28.42
CA ILE B 413 -12.13 -7.53 27.98
C ILE B 413 -12.43 -6.51 29.06
N GLY B 414 -11.71 -5.40 29.00
CA GLY B 414 -11.89 -4.33 29.97
C GLY B 414 -11.29 -3.04 29.45
N LEU B 415 -11.38 -2.01 30.28
CA LEU B 415 -10.84 -0.69 29.94
C LEU B 415 -9.76 -0.22 30.90
N HIS B 416 -9.88 -0.54 32.18
CA HIS B 416 -8.87 -0.14 33.17
C HIS B 416 -7.85 -1.26 33.27
N GLY B 417 -6.71 -1.07 32.62
CA GLY B 417 -5.67 -2.09 32.57
C GLY B 417 -4.55 -1.79 33.54
N ILE B 418 -4.02 -2.85 34.14
CA ILE B 418 -2.89 -2.75 35.07
C ILE B 418 -1.86 -3.79 34.68
N LEU B 419 -0.61 -3.34 34.49
CA LEU B 419 0.46 -4.22 34.02
C LEU B 419 1.66 -4.05 34.94
N PHE B 420 2.05 -5.12 35.62
CA PHE B 420 3.15 -5.08 36.56
C PHE B 420 4.02 -6.31 36.39
N PRO B 421 5.31 -6.21 36.67
CA PRO B 421 6.20 -7.37 36.55
C PRO B 421 6.04 -8.33 37.72
N SER B 422 6.62 -9.51 37.57
CA SER B 422 6.57 -10.53 38.61
C SER B 422 7.54 -10.25 39.76
N ARG B 423 8.43 -9.28 39.60
CA ARG B 423 9.38 -8.91 40.65
C ARG B 423 8.86 -7.80 41.55
N MET B 424 7.61 -7.36 41.36
CA MET B 424 7.05 -6.26 42.13
C MET B 424 6.86 -6.67 43.58
N THR B 425 7.29 -5.80 44.49
CA THR B 425 7.17 -6.05 45.92
C THR B 425 6.11 -5.19 46.60
N LYS B 426 5.41 -4.34 45.84
CA LYS B 426 4.35 -3.51 46.39
C LYS B 426 3.35 -3.22 45.29
N TYR B 427 2.08 -3.55 45.52
CA TYR B 427 1.09 -3.47 44.45
C TYR B 427 0.86 -2.03 43.99
N PHE B 428 0.76 -1.09 44.93
CA PHE B 428 0.53 0.31 44.59
C PHE B 428 1.82 1.11 44.49
N SER B 429 2.93 0.46 44.12
CA SER B 429 4.20 1.16 43.95
C SER B 429 4.25 1.79 42.56
N ALA B 430 5.41 2.31 42.20
CA ALA B 430 5.60 2.93 40.89
C ALA B 430 6.01 1.93 39.82
N ASP B 431 6.13 0.65 40.15
CA ASP B 431 6.54 -0.36 39.21
C ASP B 431 5.40 -0.91 38.36
N ARG B 432 4.18 -0.44 38.57
CA ARG B 432 3.04 -0.85 37.77
C ARG B 432 2.65 0.25 36.80
N LEU B 433 2.08 -0.15 35.67
CA LEU B 433 1.62 0.76 34.64
C LEU B 433 0.11 0.66 34.56
N VAL B 434 -0.56 1.82 34.65
CA VAL B 434 -2.02 1.87 34.72
C VAL B 434 -2.54 2.60 33.50
N TYR B 435 -3.38 1.91 32.72
CA TYR B 435 -4.10 2.51 31.61
C TYR B 435 -5.53 2.72 32.08
N SER B 436 -5.84 3.95 32.49
CA SER B 436 -7.14 4.25 33.07
C SER B 436 -8.22 4.22 32.01
N PHE B 437 -9.45 4.00 32.48
CA PHE B 437 -10.60 3.93 31.57
C PHE B 437 -10.88 5.29 30.92
N TYR B 438 -10.52 6.38 31.58
CA TYR B 438 -10.71 7.71 31.02
C TYR B 438 -9.52 8.18 30.20
N LYS B 439 -8.49 7.35 30.05
CA LYS B 439 -7.33 7.71 29.26
C LYS B 439 -7.30 6.93 27.96
N PRO B 440 -6.86 7.56 26.86
CA PRO B 440 -6.92 6.89 25.57
C PRO B 440 -5.94 5.73 25.46
N LEU B 441 -6.26 4.79 24.59
CA LEU B 441 -5.38 3.67 24.27
C LEU B 441 -5.44 3.44 22.76
N GLU B 442 -4.28 3.46 22.11
CA GLU B 442 -4.26 3.39 20.65
C GLU B 442 -4.56 1.98 20.15
N LYS B 443 -4.01 0.96 20.81
CA LYS B 443 -4.12 -0.42 20.37
C LYS B 443 -4.46 -1.30 21.56
N ASP B 444 -5.18 -2.38 21.28
CA ASP B 444 -5.55 -3.32 22.33
C ASP B 444 -4.30 -3.95 22.94
N LYS B 445 -4.29 -4.06 24.26
CA LYS B 445 -3.15 -4.59 24.99
C LYS B 445 -3.64 -5.57 26.04
N ALA B 446 -2.98 -6.73 26.13
CA ALA B 446 -3.28 -7.70 27.16
C ALA B 446 -2.59 -7.30 28.45
N VAL B 447 -3.36 -7.24 29.54
CA VAL B 447 -2.86 -6.77 30.82
C VAL B 447 -3.05 -7.86 31.87
N ASN B 448 -2.31 -7.73 32.97
CA ASN B 448 -2.40 -8.73 34.04
C ASN B 448 -3.71 -8.59 34.82
N VAL B 449 -4.09 -7.36 35.15
CA VAL B 449 -5.25 -7.09 35.98
C VAL B 449 -6.14 -6.09 35.27
N LEU B 450 -7.42 -6.41 35.15
CA LEU B 450 -8.42 -5.51 34.59
C LEU B 450 -9.33 -5.02 35.72
N GLY B 451 -9.55 -3.70 35.77
CA GLY B 451 -10.46 -3.13 36.73
C GLY B 451 -11.88 -3.64 36.55
N THR B 452 -12.50 -4.11 37.63
CA THR B 452 -13.82 -4.72 37.52
C THR B 452 -14.92 -3.72 37.19
N GLY B 453 -14.63 -2.42 37.20
CA GLY B 453 -15.63 -1.45 36.82
C GLY B 453 -15.89 -1.39 35.33
N THR B 454 -15.09 -2.07 34.51
CA THR B 454 -15.26 -2.06 33.06
C THR B 454 -15.11 -3.45 32.45
N VAL B 455 -15.38 -4.49 33.23
CA VAL B 455 -15.16 -5.86 32.77
C VAL B 455 -16.42 -6.39 32.11
N SER B 456 -16.27 -6.93 30.91
CA SER B 456 -17.35 -7.59 30.18
C SER B 456 -16.85 -8.93 29.69
N PHE B 457 -17.64 -9.99 29.93
CA PHE B 457 -17.19 -11.31 29.53
C PHE B 457 -18.39 -12.23 29.35
N ARG B 458 -18.26 -13.20 28.45
CA ARG B 458 -19.31 -14.20 28.29
C ARG B 458 -19.31 -15.17 29.46
N VAL B 459 -20.51 -15.52 29.93
CA VAL B 459 -20.64 -16.37 31.11
C VAL B 459 -20.12 -17.78 30.85
N SER B 460 -20.26 -18.27 29.62
CA SER B 460 -19.88 -19.63 29.29
C SER B 460 -18.39 -19.89 29.42
N LEU B 461 -17.57 -18.85 29.54
CA LEU B 461 -16.12 -19.04 29.72
C LEU B 461 -15.78 -19.69 31.05
N PHE B 462 -16.68 -19.61 32.04
CA PHE B 462 -16.44 -20.17 33.36
C PHE B 462 -17.43 -21.30 33.61
N ASN B 463 -16.92 -22.45 34.06
CA ASN B 463 -17.73 -23.62 34.35
C ASN B 463 -18.10 -23.74 35.82
N GLN B 464 -17.17 -23.43 36.72
CA GLN B 464 -17.40 -23.49 38.15
C GLN B 464 -16.91 -22.19 38.78
N PHE B 465 -17.75 -21.58 39.60
CA PHE B 465 -17.40 -20.33 40.27
C PHE B 465 -18.18 -20.22 41.56
N SER B 466 -17.49 -19.79 42.62
CA SER B 466 -18.11 -19.56 43.92
C SER B 466 -17.61 -18.24 44.48
N LEU B 467 -18.54 -17.44 45.01
CA LEU B 467 -18.17 -16.14 45.56
C LEU B 467 -17.35 -16.26 46.84
N SER B 468 -17.42 -17.40 47.52
CA SER B 468 -16.66 -17.59 48.75
C SER B 468 -15.16 -17.58 48.53
N ASP B 469 -14.71 -17.79 47.29
CA ASP B 469 -13.29 -17.72 47.00
C ASP B 469 -12.74 -16.31 47.13
N PHE B 470 -13.61 -15.29 47.05
CA PHE B 470 -13.18 -13.89 47.22
C PHE B 470 -13.09 -13.62 48.71
N THR B 471 -11.91 -13.89 49.28
CA THR B 471 -11.75 -13.82 50.72
C THR B 471 -11.92 -12.39 51.25
N HIS B 472 -11.35 -11.41 50.56
CA HIS B 472 -11.35 -10.03 51.02
C HIS B 472 -12.16 -9.16 50.07
N SER B 473 -12.91 -8.22 50.63
CA SER B 473 -13.69 -7.28 49.84
C SER B 473 -12.82 -6.10 49.43
N GLY B 474 -13.27 -5.40 48.38
CA GLY B 474 -12.54 -4.26 47.87
C GLY B 474 -11.36 -4.60 46.99
N MET B 475 -11.12 -5.88 46.72
CA MET B 475 -10.04 -6.35 45.86
C MET B 475 -10.58 -7.21 44.73
N ALA B 476 -11.67 -6.74 44.11
CA ALA B 476 -12.34 -7.52 43.07
C ALA B 476 -11.45 -7.71 41.85
N ASP B 477 -10.65 -6.69 41.51
CA ASP B 477 -9.79 -6.78 40.32
C ASP B 477 -8.78 -7.91 40.46
N ILE B 478 -8.11 -7.99 41.63
CA ILE B 478 -7.08 -8.99 41.82
C ILE B 478 -7.67 -10.39 41.81
N TYR B 479 -8.78 -10.59 42.52
CA TYR B 479 -9.40 -11.91 42.57
C TYR B 479 -9.96 -12.32 41.22
N PHE B 480 -10.55 -11.38 40.48
CA PHE B 480 -11.04 -11.71 39.15
C PHE B 480 -9.90 -12.05 38.20
N SER B 481 -8.77 -11.34 38.32
CA SER B 481 -7.61 -11.68 37.50
C SER B 481 -7.07 -13.06 37.86
N LEU B 482 -7.09 -13.40 39.15
CA LEU B 482 -6.68 -14.74 39.56
C LEU B 482 -7.61 -15.81 39.00
N LEU B 483 -8.92 -15.54 39.01
CA LEU B 483 -9.87 -16.48 38.45
C LEU B 483 -9.65 -16.65 36.95
N CYS B 484 -9.38 -15.55 36.23
CA CYS B 484 -9.11 -15.64 34.80
C CYS B 484 -7.82 -16.41 34.53
N LYS B 485 -6.80 -16.20 35.35
CA LYS B 485 -5.54 -16.90 35.15
C LYS B 485 -5.66 -18.39 35.48
N LYS B 486 -6.51 -18.75 36.44
CA LYS B 486 -6.69 -20.15 36.78
C LYS B 486 -7.29 -20.93 35.62
N ASN B 487 -8.23 -20.32 34.90
CA ASN B 487 -8.87 -20.96 33.76
C ASN B 487 -8.18 -20.64 32.44
N ASN B 488 -7.00 -20.00 32.50
CA ASN B 488 -6.23 -19.63 31.31
C ASN B 488 -7.05 -18.76 30.35
N ILE B 489 -7.77 -17.79 30.90
CA ILE B 489 -8.59 -16.88 30.13
C ILE B 489 -7.86 -15.54 30.05
N LEU B 490 -7.62 -15.06 28.83
CA LEU B 490 -6.86 -13.83 28.65
C LEU B 490 -7.69 -12.62 29.05
N GLN B 491 -7.00 -11.61 29.56
CA GLN B 491 -7.60 -10.31 29.88
C GLN B 491 -7.03 -9.28 28.90
N ILE B 492 -7.91 -8.59 28.20
CA ILE B 492 -7.54 -7.68 27.12
C ILE B 492 -8.05 -6.29 27.46
N CYS B 493 -7.15 -5.32 27.50
CA CYS B 493 -7.52 -3.91 27.68
C CYS B 493 -7.77 -3.33 26.30
N ILE B 494 -9.04 -3.21 25.91
CA ILE B 494 -9.36 -2.80 24.55
C ILE B 494 -9.05 -1.32 24.35
N SER B 495 -8.89 -0.95 23.08
CA SER B 495 -8.61 0.44 22.74
C SER B 495 -9.85 1.29 22.95
N ARG B 496 -9.62 2.58 23.21
CA ARG B 496 -10.71 3.52 23.43
C ARG B 496 -10.17 4.92 23.20
N PRO B 497 -11.02 5.87 22.81
CA PRO B 497 -10.56 7.25 22.67
C PRO B 497 -10.38 7.93 24.01
N ALA B 498 -9.87 9.16 23.99
CA ALA B 498 -9.65 9.90 25.23
C ALA B 498 -10.98 10.30 25.85
N ASN B 499 -11.08 10.12 27.17
CA ASN B 499 -12.25 10.48 27.95
C ASN B 499 -13.51 9.80 27.44
N TRP B 500 -13.37 8.53 27.02
CA TRP B 500 -14.55 7.75 26.63
C TRP B 500 -15.46 7.52 27.82
N LEU B 501 -14.89 7.22 28.99
CA LEU B 501 -15.64 7.02 30.23
C LEU B 501 -15.13 8.04 31.25
N THR B 502 -15.79 9.19 31.32
CA THR B 502 -15.38 10.25 32.24
C THR B 502 -15.73 9.87 33.66
N GLU B 503 -14.71 9.76 34.52
CA GLU B 503 -14.94 9.44 35.92
C GLU B 503 -15.64 10.60 36.62
N ASP B 504 -16.63 10.28 37.45
CA ASP B 504 -17.38 11.27 38.21
C ASP B 504 -17.29 10.89 39.68
N ASN B 505 -16.23 11.33 40.35
CA ASN B 505 -16.08 11.07 41.77
C ASN B 505 -17.01 11.96 42.59
N ARG B 506 -17.12 13.24 42.21
CA ARG B 506 -17.97 14.22 42.89
C ARG B 506 -17.66 14.31 44.37
N ASP B 507 -16.36 14.37 44.69
CA ASP B 507 -15.85 14.58 46.05
C ASP B 507 -16.36 13.49 47.00
N SER B 508 -16.37 12.25 46.54
CA SER B 508 -16.79 11.13 47.36
C SER B 508 -15.56 10.37 47.87
N GLU B 509 -15.81 9.28 48.59
CA GLU B 509 -14.75 8.45 49.13
C GLU B 509 -14.53 7.26 48.21
N THR B 510 -13.27 7.00 47.87
CA THR B 510 -12.91 5.94 46.95
C THR B 510 -12.06 4.89 47.65
N LEU B 511 -12.18 3.64 47.20
CA LEU B 511 -11.40 2.57 47.79
C LEU B 511 -9.92 2.68 47.44
N TYR B 512 -9.60 3.34 46.32
CA TYR B 512 -8.20 3.54 45.95
C TYR B 512 -7.48 4.39 46.99
N HIS B 513 -8.12 5.47 47.45
CA HIS B 513 -7.50 6.29 48.49
C HIS B 513 -7.42 5.55 49.82
N GLN B 514 -8.37 4.64 50.07
CA GLN B 514 -8.36 3.90 51.33
C GLN B 514 -7.23 2.86 51.36
N TYR B 515 -7.06 2.12 50.26
CA TYR B 515 -6.11 1.01 50.22
C TYR B 515 -4.81 1.37 49.51
N ARG B 516 -4.60 2.65 49.18
CA ARG B 516 -3.35 3.03 48.53
C ARG B 516 -2.16 2.89 49.46
N ASP B 517 -2.33 3.25 50.74
CA ASP B 517 -1.26 3.15 51.71
C ASP B 517 -1.42 1.97 52.66
N ASN B 518 -2.42 1.11 52.44
CA ASN B 518 -2.65 -0.03 53.31
C ASN B 518 -2.96 -1.27 52.49
N ASP B 519 -2.20 -1.48 51.42
CA ASP B 519 -2.42 -2.62 50.53
C ASP B 519 -1.56 -3.82 50.92
N GLU B 520 -1.65 -4.23 52.18
CA GLU B 520 -0.90 -5.41 52.61
C GLU B 520 -1.48 -6.69 52.03
N GLN B 521 -2.80 -6.82 52.07
CA GLN B 521 -3.44 -8.03 51.57
C GLN B 521 -3.29 -8.15 50.06
N GLN B 522 -3.42 -7.04 49.33
CA GLN B 522 -3.25 -7.07 47.88
C GLN B 522 -1.84 -7.45 47.50
N THR B 523 -0.84 -6.87 48.17
CA THR B 523 0.55 -7.22 47.91
C THR B 523 0.81 -8.68 48.24
N GLN B 524 0.25 -9.17 49.34
CA GLN B 524 0.41 -10.57 49.72
C GLN B 524 -0.18 -11.48 48.65
N LEU B 525 -1.37 -11.16 48.15
CA LEU B 525 -2.01 -11.99 47.13
C LEU B 525 -1.20 -11.98 45.83
N ILE B 526 -0.73 -10.80 45.42
CA ILE B 526 0.05 -10.69 44.18
C ILE B 526 1.34 -11.48 44.29
N MET B 527 2.03 -11.38 45.42
CA MET B 527 3.28 -12.11 45.59
C MET B 527 3.05 -13.61 45.72
N GLU B 528 1.94 -14.03 46.32
CA GLU B 528 1.67 -15.44 46.56
C GLU B 528 1.03 -16.14 45.38
N ASN B 529 0.51 -15.40 44.40
CA ASN B 529 -0.19 -16.00 43.27
C ASN B 529 0.44 -15.59 41.96
N GLY B 530 1.77 -15.72 41.87
CA GLY B 530 2.47 -15.48 40.63
C GLY B 530 2.39 -16.68 39.71
N PRO B 531 3.06 -16.56 38.56
CA PRO B 531 3.85 -15.42 38.06
C PRO B 531 2.97 -14.36 37.40
N TRP B 532 3.51 -13.17 37.16
CA TRP B 532 2.75 -12.09 36.54
C TRP B 532 3.50 -11.49 35.37
N GLY B 533 3.01 -10.37 34.85
CA GLY B 533 3.66 -9.77 33.70
C GLY B 533 3.44 -10.60 32.46
N TYR B 534 4.32 -10.36 31.47
CA TYR B 534 4.22 -11.08 30.21
C TYR B 534 4.48 -12.58 30.38
N SER B 535 5.08 -12.99 31.50
CA SER B 535 5.22 -14.42 31.78
C SER B 535 3.86 -15.08 31.94
N SER B 536 2.86 -14.33 32.40
CA SER B 536 1.49 -14.85 32.49
C SER B 536 0.65 -14.47 31.28
N ILE B 537 1.24 -13.79 30.29
CA ILE B 537 0.52 -13.35 29.11
C ILE B 537 1.04 -14.02 27.84
N TYR B 538 2.36 -14.17 27.72
CA TYR B 538 2.95 -14.74 26.51
C TYR B 538 2.46 -16.16 26.22
N PRO B 539 2.40 -17.09 27.18
CA PRO B 539 1.81 -18.40 26.84
C PRO B 539 0.37 -18.32 26.39
N LEU B 540 -0.41 -17.41 26.96
CA LEU B 540 -1.82 -17.27 26.57
C LEU B 540 -1.96 -16.54 25.24
N VAL B 541 -1.02 -15.66 24.91
CA VAL B 541 -1.14 -14.88 23.68
C VAL B 541 -0.48 -15.56 22.50
N LYS B 542 0.36 -16.57 22.73
CA LYS B 542 1.00 -17.32 21.66
C LYS B 542 0.23 -18.58 21.29
N ASN B 543 -0.90 -18.85 21.95
CA ASN B 543 -1.65 -20.07 21.74
C ASN B 543 -2.99 -19.83 21.05
N HIS B 544 -3.12 -18.72 20.33
CA HIS B 544 -4.36 -18.44 19.61
C HIS B 544 -4.11 -17.41 18.50
N PRO B 545 -4.56 -17.68 17.27
CA PRO B 545 -4.34 -16.71 16.19
C PRO B 545 -5.02 -15.37 16.42
N LYS B 546 -6.19 -15.36 17.05
CA LYS B 546 -6.91 -14.10 17.27
C LYS B 546 -6.15 -13.17 18.21
N PHE B 547 -5.18 -13.69 18.95
CA PHE B 547 -4.36 -12.88 19.84
C PHE B 547 -3.01 -12.55 19.22
N THR B 548 -2.84 -12.81 17.92
CA THR B 548 -1.54 -12.58 17.28
C THR B 548 -1.15 -11.10 17.35
N ASP B 549 -2.10 -10.20 17.16
CA ASP B 549 -1.81 -8.77 17.25
C ASP B 549 -1.53 -8.33 18.68
N LEU B 550 -1.80 -9.17 19.68
CA LEU B 550 -1.59 -8.81 21.08
C LEU B 550 -0.28 -9.37 21.63
N ILE B 551 0.57 -9.93 20.79
CA ILE B 551 1.84 -10.49 21.26
C ILE B 551 2.75 -9.36 21.71
N PRO B 552 3.36 -9.44 22.89
CA PRO B 552 4.28 -8.39 23.33
C PRO B 552 5.48 -8.26 22.41
N CYS B 553 5.97 -7.04 22.26
CA CYS B 553 7.05 -6.77 21.32
C CYS B 553 8.38 -7.32 21.84
N LEU B 554 8.80 -6.89 23.02
CA LEU B 554 10.06 -7.30 23.61
C LEU B 554 9.80 -7.79 25.03
N PRO B 555 9.27 -9.01 25.19
CA PRO B 555 8.85 -9.48 26.51
C PRO B 555 9.95 -9.99 27.40
N PHE B 556 11.23 -9.83 27.04
CA PHE B 556 12.29 -10.42 27.84
C PHE B 556 12.60 -9.64 29.12
N TYR B 557 12.22 -8.36 29.19
CA TYR B 557 12.44 -7.59 30.41
C TYR B 557 11.23 -7.56 31.32
N PHE B 558 10.03 -7.64 30.76
CA PHE B 558 8.78 -7.54 31.52
C PHE B 558 8.31 -8.92 31.96
N LEU B 559 9.19 -9.67 32.61
CA LEU B 559 8.86 -11.02 33.05
C LEU B 559 8.12 -11.01 34.38
N THR C 9 2.98 -33.32 20.25
CA THR C 9 2.36 -32.74 19.07
C THR C 9 2.84 -33.45 17.81
N THR C 10 1.89 -34.02 17.06
CA THR C 10 2.23 -34.71 15.82
C THR C 10 2.64 -33.70 14.76
N SER C 11 3.67 -34.05 13.99
CA SER C 11 4.20 -33.20 12.93
C SER C 11 4.07 -33.90 11.59
N ILE C 12 4.43 -33.17 10.53
CA ILE C 12 4.33 -33.73 9.19
C ILE C 12 5.38 -34.81 8.96
N THR C 13 6.49 -34.76 9.69
CA THR C 13 7.48 -35.83 9.62
C THR C 13 6.88 -37.15 10.11
N ASP C 14 6.05 -37.09 11.16
CA ASP C 14 5.34 -38.27 11.61
C ASP C 14 4.37 -38.77 10.55
N LEU C 15 3.71 -37.86 9.84
CA LEU C 15 2.81 -38.27 8.77
C LEU C 15 3.57 -38.98 7.65
N TYR C 16 4.73 -38.45 7.27
CA TYR C 16 5.53 -39.10 6.23
C TYR C 16 6.04 -40.46 6.70
N ASN C 17 6.43 -40.56 7.97
CA ASN C 17 6.87 -41.85 8.50
C ASN C 17 5.73 -42.86 8.50
N GLU C 18 4.52 -42.43 8.85
CA GLU C 18 3.38 -43.33 8.84
C GLU C 18 3.03 -43.76 7.41
N VAL C 19 3.14 -42.84 6.45
CA VAL C 19 2.87 -43.18 5.05
C VAL C 19 3.90 -44.19 4.56
N ALA C 20 5.18 -43.96 4.87
CA ALA C 20 6.22 -44.89 4.43
C ALA C 20 6.11 -46.23 5.12
N LYS C 21 5.59 -46.26 6.35
CA LYS C 21 5.47 -47.52 7.08
C LYS C 21 4.35 -48.39 6.51
N SER C 22 3.25 -47.77 6.11
CA SER C 22 2.11 -48.52 5.59
C SER C 22 2.39 -48.98 4.16
N ASP C 23 2.01 -50.23 3.87
CA ASP C 23 2.20 -50.82 2.56
C ASP C 23 0.97 -50.70 1.66
N LEU C 24 -0.07 -50.00 2.11
CA LEU C 24 -1.29 -49.88 1.34
C LEU C 24 -1.03 -49.10 0.05
N GLY C 25 -1.64 -49.56 -1.04
CA GLY C 25 -1.45 -48.93 -2.33
C GLY C 25 -0.23 -49.39 -3.10
N LEU C 26 0.48 -50.39 -2.61
CA LEU C 26 1.66 -50.89 -3.31
C LEU C 26 1.40 -52.27 -3.90
N ALA C 33 -1.53 -52.34 -16.39
CA ALA C 33 -1.12 -51.22 -17.23
C ALA C 33 -1.05 -49.92 -16.44
N ASN C 34 -0.65 -48.84 -17.11
CA ASN C 34 -0.52 -47.52 -16.50
C ASN C 34 -1.30 -46.52 -17.33
N PRO C 35 -2.60 -46.40 -17.07
CA PRO C 35 -3.41 -45.43 -17.83
C PRO C 35 -3.03 -44.00 -17.50
N LEU C 36 -3.28 -43.11 -18.46
CA LEU C 36 -2.99 -41.70 -18.26
C LEU C 36 -3.85 -41.13 -17.13
N VAL C 37 -3.21 -40.40 -16.22
CA VAL C 37 -3.87 -39.82 -15.06
C VAL C 37 -3.74 -38.31 -15.14
N SER C 38 -4.86 -37.61 -15.12
CA SER C 38 -4.89 -36.16 -15.20
C SER C 38 -5.17 -35.60 -13.82
N ILE C 39 -4.26 -34.77 -13.31
CA ILE C 39 -4.43 -34.11 -12.03
C ILE C 39 -4.82 -32.67 -12.31
N ILE C 40 -5.96 -32.25 -11.78
CA ILE C 40 -6.54 -30.95 -12.08
C ILE C 40 -6.35 -30.04 -10.88
N MET C 41 -5.67 -28.93 -11.11
CA MET C 41 -5.37 -27.95 -10.08
C MET C 41 -6.15 -26.67 -10.36
N THR C 42 -6.65 -26.05 -9.29
CA THR C 42 -7.38 -24.79 -9.38
C THR C 42 -6.58 -23.74 -8.61
N SER C 43 -6.25 -22.64 -9.28
CA SER C 43 -5.42 -21.60 -8.68
C SER C 43 -6.19 -20.29 -8.68
N HIS C 44 -6.13 -19.58 -7.54
CA HIS C 44 -6.74 -18.26 -7.42
C HIS C 44 -5.97 -17.50 -6.35
N ASN C 45 -5.10 -16.58 -6.79
CA ASN C 45 -4.29 -15.74 -5.89
C ASN C 45 -3.47 -16.59 -4.93
N THR C 46 -2.89 -17.68 -5.43
CA THR C 46 -2.05 -18.57 -4.64
C THR C 46 -0.65 -18.66 -5.23
N ALA C 47 -0.10 -17.51 -5.64
CA ALA C 47 1.23 -17.49 -6.25
C ALA C 47 2.32 -17.92 -5.30
N GLN C 48 2.10 -17.82 -4.00
CA GLN C 48 3.13 -18.22 -3.03
C GLN C 48 3.24 -19.75 -2.94
N PHE C 49 2.17 -20.48 -3.26
CA PHE C 49 2.15 -21.92 -3.06
C PHE C 49 1.97 -22.73 -4.33
N ILE C 50 1.59 -22.12 -5.45
CA ILE C 50 1.27 -22.90 -6.64
C ILE C 50 2.53 -23.55 -7.19
N GLU C 51 3.67 -22.86 -7.13
CA GLU C 51 4.91 -23.43 -7.63
C GLU C 51 5.30 -24.66 -6.81
N ALA C 52 5.17 -24.57 -5.49
CA ALA C 52 5.44 -25.72 -4.64
C ALA C 52 4.48 -26.86 -4.93
N SER C 53 3.21 -26.54 -5.17
CA SER C 53 2.23 -27.58 -5.47
C SER C 53 2.58 -28.31 -6.77
N ILE C 54 2.93 -27.56 -7.81
CA ILE C 54 3.27 -28.18 -9.08
C ILE C 54 4.56 -28.99 -8.95
N ASN C 55 5.53 -28.50 -8.16
CA ASN C 55 6.74 -29.27 -7.93
C ASN C 55 6.43 -30.57 -7.21
N SER C 56 5.52 -30.54 -6.24
CA SER C 56 5.12 -31.76 -5.55
C SER C 56 4.42 -32.73 -6.50
N LEU C 57 3.59 -32.21 -7.39
CA LEU C 57 2.91 -33.07 -8.35
C LEU C 57 3.88 -33.68 -9.36
N LEU C 58 4.92 -32.93 -9.75
CA LEU C 58 5.91 -33.45 -10.69
C LEU C 58 6.84 -34.47 -10.06
N LEU C 59 6.87 -34.57 -8.74
CA LEU C 59 7.74 -35.51 -8.05
C LEU C 59 7.04 -36.85 -7.77
N GLN C 60 5.82 -37.02 -8.26
CA GLN C 60 5.08 -38.26 -8.01
C GLN C 60 5.76 -39.43 -8.70
N THR C 61 5.74 -40.59 -8.05
CA THR C 61 6.35 -41.78 -8.62
C THR C 61 5.59 -42.30 -9.83
N TYR C 62 4.32 -41.94 -9.97
CA TYR C 62 3.53 -42.32 -11.13
C TYR C 62 3.94 -41.42 -12.30
N LYS C 63 4.77 -41.95 -13.19
CA LYS C 63 5.34 -41.12 -14.25
C LYS C 63 4.30 -40.72 -15.28
N ASN C 64 3.42 -41.64 -15.67
CA ASN C 64 2.44 -41.40 -16.72
C ASN C 64 1.32 -40.53 -16.16
N ILE C 65 1.60 -39.24 -16.02
CA ILE C 65 0.64 -38.26 -15.51
C ILE C 65 0.69 -37.00 -16.35
N GLU C 66 -0.40 -36.26 -16.32
CA GLU C 66 -0.46 -34.92 -16.86
C GLU C 66 -1.13 -34.01 -15.83
N ILE C 67 -0.75 -32.73 -15.85
CA ILE C 67 -1.20 -31.77 -14.85
C ILE C 67 -1.95 -30.66 -15.58
N ILE C 68 -3.28 -30.67 -15.46
CA ILE C 68 -4.12 -29.63 -16.03
C ILE C 68 -4.39 -28.60 -14.95
N ILE C 69 -3.94 -27.37 -15.17
CA ILE C 69 -4.06 -26.30 -14.20
C ILE C 69 -5.01 -25.26 -14.76
N VAL C 70 -5.97 -24.83 -13.94
CA VAL C 70 -6.95 -23.81 -14.33
C VAL C 70 -6.85 -22.66 -13.35
N ASP C 71 -6.69 -21.45 -13.87
CA ASP C 71 -6.54 -20.25 -13.05
C ASP C 71 -7.88 -19.53 -13.00
N ASP C 72 -8.37 -19.28 -11.79
CA ASP C 72 -9.69 -18.67 -11.60
C ASP C 72 -9.57 -17.14 -11.53
N ASP C 73 -8.98 -16.58 -12.58
CA ASP C 73 -8.80 -15.14 -12.73
C ASP C 73 -8.05 -14.54 -11.54
N SER C 74 -6.82 -15.01 -11.34
CA SER C 74 -5.99 -14.50 -10.27
C SER C 74 -5.54 -13.08 -10.57
N SER C 75 -5.42 -12.27 -9.51
CA SER C 75 -4.98 -10.89 -9.65
C SER C 75 -3.47 -10.74 -9.45
N ASP C 76 -2.79 -11.79 -9.00
CA ASP C 76 -1.35 -11.80 -8.79
C ASP C 76 -0.67 -12.55 -9.95
N ASN C 77 0.61 -12.85 -9.80
CA ASN C 77 1.40 -13.47 -10.86
C ASN C 77 1.32 -14.99 -10.80
N THR C 78 0.20 -15.52 -10.30
CA THR C 78 0.00 -16.97 -10.27
C THR C 78 0.00 -17.57 -11.67
N PHE C 79 -0.72 -16.93 -12.60
CA PHE C 79 -0.78 -17.44 -13.96
C PHE C 79 0.57 -17.36 -14.66
N GLU C 80 1.38 -16.35 -14.34
CA GLU C 80 2.71 -16.27 -14.93
C GLU C 80 3.58 -17.44 -14.50
N ILE C 81 3.56 -17.77 -13.21
CA ILE C 81 4.32 -18.91 -12.72
C ILE C 81 3.81 -20.20 -13.34
N ALA C 82 2.49 -20.35 -13.42
CA ALA C 82 1.92 -21.56 -14.02
C ALA C 82 2.32 -21.69 -15.49
N SER C 83 2.28 -20.58 -16.23
CA SER C 83 2.67 -20.62 -17.64
C SER C 83 4.16 -20.94 -17.80
N ARG C 84 4.99 -20.39 -16.93
CA ARG C 84 6.43 -20.68 -16.99
C ARG C 84 6.68 -22.16 -16.74
N ILE C 85 6.03 -22.74 -15.74
CA ILE C 85 6.23 -24.15 -15.44
C ILE C 85 5.67 -25.02 -16.56
N ALA C 86 4.55 -24.61 -17.16
CA ALA C 86 4.01 -25.34 -18.30
C ALA C 86 4.93 -25.27 -19.51
N ASN C 87 5.68 -24.18 -19.65
CA ASN C 87 6.67 -24.11 -20.72
C ASN C 87 7.90 -24.94 -20.41
N THR C 88 8.24 -25.12 -19.14
CA THR C 88 9.42 -25.91 -18.80
C THR C 88 9.25 -27.38 -19.17
N THR C 89 8.08 -27.95 -18.90
CA THR C 89 7.87 -29.39 -19.09
C THR C 89 6.57 -29.64 -19.83
N SER C 90 6.50 -30.78 -20.52
CA SER C 90 5.34 -31.14 -21.32
C SER C 90 4.22 -31.78 -20.52
N LYS C 91 4.45 -32.07 -19.25
CA LYS C 91 3.43 -32.70 -18.41
C LYS C 91 2.44 -31.69 -17.83
N VAL C 92 2.65 -30.40 -18.03
CA VAL C 92 1.83 -29.36 -17.43
C VAL C 92 1.17 -28.56 -18.55
N ARG C 93 -0.16 -28.46 -18.50
CA ARG C 93 -0.93 -27.64 -19.41
C ARG C 93 -1.80 -26.70 -18.60
N VAL C 94 -1.70 -25.40 -18.89
CA VAL C 94 -2.28 -24.35 -18.05
C VAL C 94 -3.28 -23.55 -18.87
N PHE C 95 -4.47 -23.35 -18.32
CA PHE C 95 -5.49 -22.48 -18.89
C PHE C 95 -5.94 -21.51 -17.81
N ARG C 96 -6.42 -20.35 -18.23
CA ARG C 96 -6.86 -19.31 -17.31
C ARG C 96 -8.30 -18.92 -17.63
N LEU C 97 -9.13 -18.87 -16.59
CA LEU C 97 -10.48 -18.33 -16.73
C LEU C 97 -10.45 -16.83 -16.62
N ASN C 98 -11.07 -16.15 -17.58
CA ASN C 98 -11.04 -14.69 -17.58
C ASN C 98 -11.95 -14.07 -16.52
N SER C 99 -12.82 -14.88 -15.90
CA SER C 99 -13.68 -14.40 -14.83
C SER C 99 -13.63 -15.38 -13.67
N ASN C 100 -13.89 -14.87 -12.47
CA ASN C 100 -13.84 -15.69 -11.26
C ASN C 100 -15.17 -16.42 -11.11
N LEU C 101 -15.13 -17.76 -11.23
CA LEU C 101 -16.34 -18.58 -11.20
C LEU C 101 -16.28 -19.66 -10.13
N GLY C 102 -15.31 -19.62 -9.23
CA GLY C 102 -15.19 -20.63 -8.20
C GLY C 102 -14.28 -21.76 -8.59
N THR C 103 -13.97 -22.60 -7.60
CA THR C 103 -13.03 -23.70 -7.83
C THR C 103 -13.66 -24.83 -8.61
N TYR C 104 -14.96 -25.08 -8.44
CA TYR C 104 -15.59 -26.22 -9.10
C TYR C 104 -15.80 -25.98 -10.59
N PHE C 105 -16.06 -24.75 -10.99
CA PHE C 105 -16.09 -24.44 -12.41
C PHE C 105 -14.73 -24.69 -13.05
N ALA C 106 -13.65 -24.32 -12.35
CA ALA C 106 -12.31 -24.60 -12.85
C ALA C 106 -12.05 -26.10 -12.90
N LYS C 107 -12.53 -26.85 -11.90
CA LYS C 107 -12.38 -28.30 -11.94
C LYS C 107 -13.08 -28.91 -13.14
N ASN C 108 -14.30 -28.45 -13.43
CA ASN C 108 -15.02 -28.98 -14.58
C ASN C 108 -14.34 -28.59 -15.90
N THR C 109 -13.80 -27.37 -15.97
CA THR C 109 -13.05 -26.96 -17.15
C THR C 109 -11.82 -27.84 -17.34
N GLY C 110 -11.13 -28.16 -16.24
CA GLY C 110 -10.00 -29.07 -16.34
C GLY C 110 -10.39 -30.46 -16.76
N ILE C 111 -11.57 -30.92 -16.30
CA ILE C 111 -12.07 -32.22 -16.75
C ILE C 111 -12.32 -32.21 -18.24
N LEU C 112 -12.93 -31.14 -18.75
CA LEU C 112 -13.17 -31.04 -20.19
C LEU C 112 -11.85 -31.00 -20.97
N LYS C 113 -10.87 -30.27 -20.45
CA LYS C 113 -9.59 -30.15 -21.15
C LYS C 113 -8.68 -31.36 -20.94
N SER C 114 -9.00 -32.25 -20.01
CA SER C 114 -8.14 -33.38 -19.72
C SER C 114 -8.28 -34.45 -20.81
N LYS C 115 -7.32 -35.36 -20.84
CA LYS C 115 -7.33 -36.48 -21.77
C LYS C 115 -7.17 -37.83 -21.11
N GLY C 116 -6.83 -37.89 -19.83
CA GLY C 116 -6.61 -39.16 -19.18
C GLY C 116 -7.89 -39.89 -18.83
N ASP C 117 -7.77 -41.18 -18.60
CA ASP C 117 -8.89 -42.01 -18.19
C ASP C 117 -9.17 -41.95 -16.70
N ILE C 118 -8.26 -41.41 -15.91
CA ILE C 118 -8.43 -41.26 -14.47
C ILE C 118 -8.20 -39.80 -14.12
N ILE C 119 -9.04 -39.27 -13.23
CA ILE C 119 -9.03 -37.86 -12.88
C ILE C 119 -8.78 -37.74 -11.39
N PHE C 120 -7.79 -36.93 -11.02
CA PHE C 120 -7.51 -36.59 -9.62
C PHE C 120 -7.51 -35.09 -9.46
N PHE C 121 -7.62 -34.63 -8.21
CA PHE C 121 -7.70 -33.21 -7.91
C PHE C 121 -6.69 -32.83 -6.85
N GLN C 122 -6.23 -31.59 -6.91
CA GLN C 122 -5.32 -31.04 -5.91
C GLN C 122 -5.37 -29.52 -5.98
N ASP C 123 -5.61 -28.87 -4.85
CA ASP C 123 -5.66 -27.42 -4.81
C ASP C 123 -4.28 -26.82 -4.99
N SER C 124 -4.24 -25.58 -5.49
CA SER C 124 -2.96 -24.93 -5.74
C SER C 124 -2.26 -24.56 -4.45
N ASP C 125 -3.01 -24.20 -3.41
CA ASP C 125 -2.39 -23.80 -2.15
C ASP C 125 -1.92 -25.00 -1.33
N ASP C 126 -2.22 -26.22 -1.77
CA ASP C 126 -1.87 -27.42 -1.03
C ASP C 126 -0.86 -28.25 -1.81
N VAL C 127 -0.13 -29.10 -1.07
CA VAL C 127 0.85 -29.99 -1.67
C VAL C 127 0.52 -31.41 -1.24
N CYS C 128 1.03 -32.37 -1.99
CA CYS C 128 0.70 -33.78 -1.79
C CYS C 128 1.97 -34.58 -1.62
N HIS C 129 1.82 -35.76 -1.00
CA HIS C 129 2.92 -36.69 -0.86
C HIS C 129 3.34 -37.20 -2.23
N HIS C 130 4.63 -37.55 -2.36
CA HIS C 130 5.17 -37.98 -3.63
C HIS C 130 4.78 -39.41 -4.00
N GLU C 131 3.87 -40.03 -3.24
CA GLU C 131 3.39 -41.37 -3.55
C GLU C 131 1.87 -41.45 -3.48
N ARG C 132 1.18 -40.30 -3.52
CA ARG C 132 -0.28 -40.31 -3.39
C ARG C 132 -0.94 -40.93 -4.61
N ILE C 133 -0.54 -40.48 -5.81
CA ILE C 133 -1.24 -40.89 -7.02
C ILE C 133 -1.01 -42.36 -7.31
N GLU C 134 0.20 -42.86 -7.08
CA GLU C 134 0.49 -44.27 -7.31
C GLU C 134 -0.38 -45.16 -6.43
N ARG C 135 -0.41 -44.87 -5.13
CA ARG C 135 -1.22 -45.67 -4.20
C ARG C 135 -2.69 -45.56 -4.53
N CYS C 136 -3.18 -44.35 -4.85
CA CYS C 136 -4.58 -44.17 -5.15
C CYS C 136 -4.99 -44.92 -6.41
N VAL C 137 -4.14 -44.88 -7.44
CA VAL C 137 -4.45 -45.60 -8.68
C VAL C 137 -4.42 -47.10 -8.44
N ASN C 138 -3.46 -47.58 -7.64
CA ASN C 138 -3.42 -49.01 -7.33
C ASN C 138 -4.68 -49.46 -6.59
N ILE C 139 -5.13 -48.67 -5.63
CA ILE C 139 -6.35 -49.01 -4.90
C ILE C 139 -7.56 -48.95 -5.83
N LEU C 140 -7.60 -47.94 -6.71
CA LEU C 140 -8.74 -47.79 -7.63
C LEU C 140 -8.84 -48.96 -8.60
N LEU C 141 -7.71 -49.39 -9.14
CA LEU C 141 -7.69 -50.45 -10.15
C LEU C 141 -7.48 -51.84 -9.56
N ALA C 142 -7.41 -51.96 -8.23
CA ALA C 142 -7.30 -53.28 -7.62
C ALA C 142 -8.54 -54.12 -7.90
N ASN C 143 -9.71 -53.51 -7.84
CA ASN C 143 -10.97 -54.19 -8.13
C ASN C 143 -11.64 -53.52 -9.31
N LYS C 144 -12.17 -54.35 -10.22
CA LYS C 144 -12.77 -53.81 -11.44
C LYS C 144 -14.02 -52.99 -11.14
N GLU C 145 -14.84 -53.44 -10.19
CA GLU C 145 -16.08 -52.75 -9.88
C GLU C 145 -15.87 -51.40 -9.18
N THR C 146 -14.66 -51.13 -8.70
CA THR C 146 -14.38 -49.87 -8.03
C THR C 146 -14.53 -48.70 -9.01
N ILE C 147 -15.19 -47.64 -8.58
CA ILE C 147 -15.42 -46.49 -9.44
C ILE C 147 -14.70 -45.24 -8.94
N ALA C 148 -14.35 -45.15 -7.66
CA ALA C 148 -13.65 -43.97 -7.16
C ALA C 148 -12.90 -44.33 -5.89
N VAL C 149 -11.84 -43.58 -5.63
CA VAL C 149 -10.99 -43.77 -4.46
C VAL C 149 -10.69 -42.40 -3.85
N ARG C 150 -10.73 -42.33 -2.53
CA ARG C 150 -10.38 -41.12 -1.80
C ARG C 150 -9.40 -41.48 -0.69
N CYS C 151 -8.53 -40.53 -0.35
CA CYS C 151 -7.55 -40.72 0.70
C CYS C 151 -7.63 -39.58 1.70
N ALA C 152 -7.24 -39.86 2.94
CA ALA C 152 -7.37 -38.88 4.01
C ALA C 152 -6.42 -37.70 3.80
N TYR C 153 -6.86 -36.52 4.24
CA TYR C 153 -6.09 -35.29 4.16
C TYR C 153 -5.81 -34.76 5.56
N SER C 154 -5.07 -33.66 5.64
CA SER C 154 -4.75 -33.04 6.91
C SER C 154 -4.53 -31.55 6.71
N ARG C 155 -4.60 -30.80 7.81
CA ARG C 155 -4.41 -29.36 7.82
C ARG C 155 -3.06 -29.03 8.45
N LEU C 156 -2.31 -28.16 7.79
CA LEU C 156 -0.96 -27.79 8.24
C LEU C 156 -0.81 -26.29 8.27
N ALA C 157 -0.05 -25.81 9.25
CA ALA C 157 0.31 -24.40 9.30
C ALA C 157 1.54 -24.15 8.45
N PRO C 158 1.49 -23.23 7.48
CA PRO C 158 2.65 -23.04 6.58
C PRO C 158 3.90 -22.53 7.29
N GLU C 159 3.76 -21.90 8.46
CA GLU C 159 4.92 -21.33 9.14
C GLU C 159 5.67 -22.39 9.93
N THR C 160 5.01 -23.00 10.91
CA THR C 160 5.66 -23.97 11.79
C THR C 160 5.66 -25.39 11.25
N GLN C 161 4.97 -25.63 10.14
CA GLN C 161 4.83 -26.96 9.52
C GLN C 161 4.22 -27.98 10.47
N HIS C 162 3.47 -27.53 11.47
CA HIS C 162 2.80 -28.42 12.39
C HIS C 162 1.44 -28.83 11.85
N ILE C 163 0.79 -29.75 12.54
CA ILE C 163 -0.50 -30.29 12.13
C ILE C 163 -1.61 -29.54 12.84
N ILE C 164 -2.55 -29.01 12.06
CA ILE C 164 -3.74 -28.36 12.61
C ILE C 164 -4.81 -29.44 12.73
N LYS C 165 -4.97 -29.98 13.94
CA LYS C 165 -5.95 -31.03 14.15
C LYS C 165 -7.36 -30.51 13.95
N VAL C 166 -8.17 -31.29 13.24
CA VAL C 166 -9.56 -30.94 12.96
C VAL C 166 -10.45 -31.95 13.67
N ASN C 167 -11.33 -31.46 14.53
CA ASN C 167 -12.23 -32.30 15.33
C ASN C 167 -11.45 -33.33 16.14
N ASN C 168 -10.32 -32.88 16.70
CA ASN C 168 -9.45 -33.70 17.56
C ASN C 168 -8.96 -34.95 16.83
N MET C 169 -8.68 -34.81 15.53
CA MET C 169 -8.11 -35.89 14.73
C MET C 169 -7.02 -35.34 13.84
N ASP C 170 -5.93 -36.09 13.73
CA ASP C 170 -4.79 -35.62 12.93
C ASP C 170 -5.15 -35.56 11.45
N TYR C 171 -5.71 -36.64 10.90
CA TYR C 171 -6.11 -36.68 9.51
C TYR C 171 -7.48 -37.30 9.39
N ARG C 172 -8.26 -36.80 8.42
CA ARG C 172 -9.62 -37.25 8.19
C ARG C 172 -9.84 -37.43 6.70
N LEU C 173 -10.80 -38.29 6.35
CA LEU C 173 -11.15 -38.48 4.95
C LEU C 173 -11.78 -37.23 4.38
N GLY C 174 -11.36 -36.87 3.17
CA GLY C 174 -11.85 -35.66 2.54
C GLY C 174 -12.46 -35.90 1.17
N PHE C 175 -12.80 -34.82 0.48
CA PHE C 175 -13.41 -34.91 -0.84
C PHE C 175 -12.56 -34.31 -1.95
N ILE C 176 -11.61 -33.43 -1.64
CA ILE C 176 -10.70 -32.92 -2.65
C ILE C 176 -9.78 -34.01 -3.15
N THR C 177 -9.44 -34.96 -2.30
CA THR C 177 -8.53 -36.04 -2.66
C THR C 177 -9.22 -37.17 -3.42
N LEU C 178 -10.54 -37.08 -3.63
CA LEU C 178 -11.27 -38.12 -4.31
C LEU C 178 -10.86 -38.21 -5.77
N GLY C 179 -10.55 -39.41 -6.23
CA GLY C 179 -10.20 -39.64 -7.62
C GLY C 179 -11.05 -40.74 -8.20
N MET C 180 -11.39 -40.60 -9.49
CA MET C 180 -12.33 -41.50 -10.12
C MET C 180 -11.94 -41.66 -11.60
N HIS C 181 -12.72 -42.47 -12.31
CA HIS C 181 -12.51 -42.69 -13.73
C HIS C 181 -13.04 -41.53 -14.54
N ARG C 182 -12.63 -41.47 -15.81
CA ARG C 182 -13.10 -40.42 -16.69
C ARG C 182 -14.57 -40.59 -17.02
N LYS C 183 -15.06 -41.84 -17.11
CA LYS C 183 -16.44 -42.09 -17.47
C LYS C 183 -17.43 -41.69 -16.38
N VAL C 184 -16.96 -41.38 -15.17
CA VAL C 184 -17.86 -40.98 -14.10
C VAL C 184 -18.52 -39.65 -14.44
N PHE C 185 -17.76 -38.71 -14.99
CA PHE C 185 -18.29 -37.37 -15.24
C PHE C 185 -19.24 -37.32 -16.43
N GLN C 186 -19.24 -38.34 -17.29
CA GLN C 186 -20.14 -38.37 -18.44
C GLN C 186 -21.42 -39.15 -18.16
N GLU C 187 -21.59 -39.68 -16.95
CA GLU C 187 -22.78 -40.44 -16.60
C GLU C 187 -23.64 -39.76 -15.55
N ILE C 188 -23.06 -38.96 -14.66
CA ILE C 188 -23.82 -38.28 -13.63
C ILE C 188 -23.52 -36.80 -13.65
N GLY C 189 -23.08 -36.30 -14.80
CA GLY C 189 -22.77 -34.89 -14.89
C GLY C 189 -21.45 -34.55 -14.20
N PHE C 190 -21.25 -33.25 -14.02
CA PHE C 190 -20.02 -32.71 -13.46
C PHE C 190 -20.31 -32.10 -12.09
N PHE C 191 -19.30 -31.45 -11.51
CA PHE C 191 -19.46 -30.78 -10.24
C PHE C 191 -20.47 -29.65 -10.35
N ASN C 192 -21.26 -29.44 -9.30
CA ASN C 192 -22.17 -28.31 -9.27
C ASN C 192 -21.39 -27.02 -9.16
N CYS C 193 -21.72 -26.05 -10.02
CA CYS C 193 -20.96 -24.81 -10.11
C CYS C 193 -21.37 -23.88 -8.97
N THR C 194 -20.83 -24.15 -7.79
CA THR C 194 -21.04 -23.33 -6.61
C THR C 194 -19.69 -22.90 -6.05
N THR C 195 -19.73 -21.92 -5.15
CA THR C 195 -18.51 -21.44 -4.53
C THR C 195 -17.85 -22.50 -3.66
N LYS C 196 -18.65 -23.21 -2.87
CA LYS C 196 -18.10 -24.17 -1.93
C LYS C 196 -19.17 -25.20 -1.59
N GLY C 197 -18.72 -26.34 -1.06
CA GLY C 197 -19.61 -27.40 -0.67
C GLY C 197 -20.05 -28.34 -1.78
N SER C 198 -19.62 -28.09 -3.01
CA SER C 198 -20.02 -28.94 -4.13
C SER C 198 -19.30 -30.28 -4.13
N ASP C 199 -18.14 -30.39 -3.47
CA ASP C 199 -17.44 -31.66 -3.42
C ASP C 199 -18.24 -32.71 -2.64
N ASP C 200 -18.84 -32.31 -1.52
CA ASP C 200 -19.69 -33.22 -0.76
C ASP C 200 -20.90 -33.64 -1.58
N GLU C 201 -21.50 -32.69 -2.31
CA GLU C 201 -22.65 -33.02 -3.15
C GLU C 201 -22.27 -34.00 -4.23
N PHE C 202 -21.10 -33.81 -4.86
CA PHE C 202 -20.66 -34.74 -5.91
C PHE C 202 -20.37 -36.12 -5.34
N PHE C 203 -19.74 -36.17 -4.16
CA PHE C 203 -19.45 -37.47 -3.55
C PHE C 203 -20.74 -38.21 -3.19
N HIS C 204 -21.72 -37.49 -2.63
CA HIS C 204 -23.00 -38.12 -2.32
C HIS C 204 -23.74 -38.53 -3.58
N ARG C 205 -23.59 -37.77 -4.67
CA ARG C 205 -24.18 -38.17 -5.94
C ARG C 205 -23.57 -39.47 -6.44
N ILE C 206 -22.25 -39.61 -6.34
CA ILE C 206 -21.59 -40.85 -6.73
C ILE C 206 -22.07 -42.00 -5.88
N ALA C 207 -22.18 -41.78 -4.56
CA ALA C 207 -22.65 -42.83 -3.67
C ALA C 207 -24.08 -43.25 -3.98
N LYS C 208 -24.93 -42.28 -4.32
CA LYS C 208 -26.32 -42.59 -4.64
C LYS C 208 -26.43 -43.35 -5.95
N TYR C 209 -25.63 -42.96 -6.95
CA TYR C 209 -25.73 -43.61 -8.26
C TYR C 209 -25.09 -44.99 -8.25
N TYR C 210 -23.79 -45.06 -7.96
CA TYR C 210 -23.10 -46.34 -8.03
C TYR C 210 -23.29 -47.16 -6.76
N GLY C 211 -22.91 -46.61 -5.61
CA GLY C 211 -23.06 -47.28 -4.34
C GLY C 211 -21.87 -47.03 -3.44
N LYS C 212 -22.10 -47.21 -2.13
CA LYS C 212 -21.03 -47.02 -1.15
C LYS C 212 -19.94 -48.07 -1.32
N GLU C 213 -20.28 -49.26 -1.80
CA GLU C 213 -19.28 -50.29 -2.02
C GLU C 213 -18.37 -49.96 -3.19
N LYS C 214 -18.78 -49.02 -4.05
CA LYS C 214 -17.98 -48.64 -5.20
C LYS C 214 -16.95 -47.56 -4.89
N ILE C 215 -16.88 -47.09 -3.65
CA ILE C 215 -15.94 -46.06 -3.23
C ILE C 215 -14.93 -46.70 -2.28
N LYS C 216 -13.65 -46.47 -2.53
CA LYS C 216 -12.60 -46.97 -1.67
C LYS C 216 -12.02 -45.83 -0.84
N ASN C 217 -11.64 -46.16 0.39
CA ASN C 217 -11.09 -45.20 1.34
C ASN C 217 -9.68 -45.62 1.72
N LEU C 218 -8.76 -44.66 1.73
CA LEU C 218 -7.37 -44.90 2.10
C LEU C 218 -7.03 -43.99 3.28
N LEU C 219 -6.89 -44.61 4.45
CA LEU C 219 -6.61 -43.89 5.68
C LEU C 219 -5.11 -43.60 5.77
N LEU C 220 -4.65 -42.77 4.84
CA LEU C 220 -3.26 -42.34 4.78
C LEU C 220 -3.23 -40.84 4.53
N PRO C 221 -2.43 -40.09 5.27
CA PRO C 221 -2.33 -38.63 5.06
C PRO C 221 -1.52 -38.28 3.81
N LEU C 222 -2.09 -38.59 2.65
CA LEU C 222 -1.42 -38.36 1.38
C LEU C 222 -1.65 -36.96 0.82
N TYR C 223 -2.46 -36.15 1.49
CA TYR C 223 -2.75 -34.79 1.06
C TYR C 223 -2.57 -33.85 2.24
N TYR C 224 -2.12 -32.63 1.96
CA TYR C 224 -1.76 -31.68 3.01
C TYR C 224 -2.39 -30.32 2.69
N ASN C 225 -3.55 -30.06 3.27
CA ASN C 225 -4.22 -28.78 3.10
C ASN C 225 -3.51 -27.71 3.91
N THR C 226 -2.98 -26.70 3.24
CA THR C 226 -2.33 -25.60 3.93
C THR C 226 -3.37 -24.70 4.58
N MET C 227 -3.18 -24.41 5.86
CA MET C 227 -4.13 -23.58 6.61
C MET C 227 -3.72 -22.12 6.46
N ARG C 228 -4.45 -21.37 5.64
CA ARG C 228 -4.20 -19.96 5.44
C ARG C 228 -5.48 -19.18 5.68
N GLU C 229 -5.32 -17.94 6.13
CA GLU C 229 -6.46 -17.12 6.51
C GLU C 229 -7.26 -16.69 5.30
N ASN C 230 -8.54 -16.37 5.53
CA ASN C 230 -9.47 -15.88 4.51
C ASN C 230 -9.59 -16.87 3.35
N SER C 231 -9.63 -18.16 3.68
CA SER C 231 -9.85 -19.19 2.68
C SER C 231 -11.34 -19.47 2.55
N LEU C 232 -11.71 -20.49 1.77
CA LEU C 232 -13.12 -20.75 1.54
C LEU C 232 -13.78 -21.40 2.75
N PHE C 233 -13.06 -22.26 3.45
CA PHE C 233 -13.65 -23.05 4.53
C PHE C 233 -13.49 -22.40 5.90
N THR C 234 -12.95 -21.17 5.96
CA THR C 234 -12.78 -20.49 7.23
C THR C 234 -14.11 -20.21 7.93
N ASP C 235 -15.23 -20.21 7.19
CA ASP C 235 -16.54 -20.08 7.80
C ASP C 235 -16.88 -21.26 8.69
N MET C 236 -16.25 -22.41 8.46
CA MET C 236 -16.49 -23.60 9.27
C MET C 236 -15.53 -23.72 10.45
N VAL C 237 -14.53 -22.85 10.56
CA VAL C 237 -13.45 -23.02 11.52
C VAL C 237 -13.77 -22.27 12.80
N GLU C 238 -13.74 -22.98 13.93
CA GLU C 238 -13.73 -22.37 15.25
C GLU C 238 -12.40 -22.71 15.89
N TRP C 239 -11.63 -21.69 16.25
CA TRP C 239 -10.28 -21.86 16.77
C TRP C 239 -10.31 -22.14 18.26
N ILE C 240 -9.63 -23.21 18.67
CA ILE C 240 -9.41 -23.50 20.09
C ILE C 240 -8.01 -23.11 20.52
N ASP C 241 -7.00 -23.55 19.77
CA ASP C 241 -5.62 -23.17 20.02
C ASP C 241 -4.89 -23.17 18.67
N ASN C 242 -3.56 -23.17 18.71
CA ASN C 242 -2.78 -23.15 17.49
C ASN C 242 -2.68 -24.51 16.82
N HIS C 243 -3.17 -25.58 17.46
CA HIS C 243 -3.06 -26.92 16.92
C HIS C 243 -4.39 -27.66 16.90
N ASN C 244 -5.49 -27.02 17.26
CA ASN C 244 -6.79 -27.67 17.28
C ASN C 244 -7.87 -26.70 16.80
N ILE C 245 -8.71 -27.16 15.87
CA ILE C 245 -9.85 -26.40 15.40
C ILE C 245 -11.07 -27.31 15.35
N ILE C 246 -12.24 -26.69 15.30
CA ILE C 246 -13.52 -27.40 15.19
C ILE C 246 -14.16 -27.00 13.87
N GLN C 247 -14.53 -27.99 13.06
CA GLN C 247 -15.13 -27.77 11.75
C GLN C 247 -16.61 -28.13 11.82
N LYS C 248 -17.46 -27.12 11.66
CA LYS C 248 -18.91 -27.30 11.65
C LYS C 248 -19.50 -26.52 10.48
N MET C 249 -20.46 -27.13 9.80
CA MET C 249 -21.07 -26.49 8.65
C MET C 249 -21.87 -25.26 9.06
N SER C 250 -21.76 -24.21 8.25
CA SER C 250 -22.47 -22.96 8.53
C SER C 250 -23.95 -23.10 8.16
N ASP C 251 -24.70 -22.01 8.36
CA ASP C 251 -26.13 -22.03 8.05
C ASP C 251 -26.35 -22.21 6.55
N THR C 252 -25.61 -21.48 5.72
CA THR C 252 -25.76 -21.62 4.27
C THR C 252 -25.29 -23.00 3.82
N ARG C 253 -24.19 -23.49 4.39
CA ARG C 253 -23.71 -24.83 4.05
C ARG C 253 -24.73 -25.90 4.46
N GLN C 254 -25.35 -25.74 5.63
CA GLN C 254 -26.37 -26.69 6.05
C GLN C 254 -27.59 -26.64 5.15
N HIS C 255 -27.99 -25.42 4.73
CA HIS C 255 -29.12 -25.30 3.82
C HIS C 255 -28.81 -25.95 2.48
N TYR C 256 -27.60 -25.78 1.98
CA TYR C 256 -27.20 -26.45 0.74
C TYR C 256 -27.16 -27.96 0.91
N ALA C 257 -26.68 -28.44 2.06
CA ALA C 257 -26.60 -29.87 2.30
C ALA C 257 -27.99 -30.50 2.36
N THR C 258 -28.93 -29.85 3.04
CA THR C 258 -30.30 -30.34 3.05
C THR C 258 -30.97 -30.22 1.69
N LEU C 259 -30.48 -29.32 0.84
CA LEU C 259 -31.13 -29.08 -0.46
C LEU C 259 -30.90 -30.26 -1.40
N PHE C 260 -29.67 -30.74 -1.52
CA PHE C 260 -29.37 -31.77 -2.50
C PHE C 260 -29.66 -33.18 -1.99
N GLN C 261 -29.63 -33.41 -0.68
CA GLN C 261 -29.96 -34.74 -0.16
C GLN C 261 -31.41 -35.10 -0.48
N ALA C 262 -32.32 -34.15 -0.35
CA ALA C 262 -33.69 -34.39 -0.79
C ALA C 262 -33.77 -34.46 -2.31
N MET C 263 -32.93 -33.68 -3.00
CA MET C 263 -32.93 -33.70 -4.46
C MET C 263 -32.45 -35.05 -4.99
N HIS C 264 -31.50 -35.68 -4.31
CA HIS C 264 -31.04 -36.99 -4.73
C HIS C 264 -32.15 -38.02 -4.64
N ASN C 265 -32.98 -37.94 -3.59
CA ASN C 265 -34.07 -38.88 -3.43
C ASN C 265 -35.24 -38.57 -4.37
N GLU C 266 -35.46 -37.29 -4.69
CA GLU C 266 -36.59 -36.89 -5.50
C GLU C 266 -36.30 -36.87 -6.99
N THR C 267 -35.08 -37.22 -7.40
CA THR C 267 -34.71 -37.25 -8.80
C THR C 267 -34.12 -38.62 -9.14
N ALA C 268 -34.51 -39.15 -10.30
CA ALA C 268 -33.98 -40.42 -10.75
C ALA C 268 -32.48 -40.29 -11.02
N SER C 269 -31.77 -41.40 -10.81
CA SER C 269 -30.31 -41.40 -10.97
C SER C 269 -29.91 -41.09 -12.39
N HIS C 270 -30.57 -41.73 -13.37
CA HIS C 270 -30.23 -41.50 -14.77
C HIS C 270 -30.53 -40.08 -15.22
N ASP C 271 -31.34 -39.34 -14.46
CA ASP C 271 -31.61 -37.94 -14.77
C ASP C 271 -30.47 -37.02 -14.34
N PHE C 272 -29.52 -37.51 -13.54
CA PHE C 272 -28.44 -36.65 -13.07
C PHE C 272 -27.62 -36.10 -14.23
N LYS C 273 -27.35 -36.94 -15.23
CA LYS C 273 -26.65 -36.49 -16.43
C LYS C 273 -27.38 -35.34 -17.12
N ASN C 274 -28.70 -35.31 -17.04
CA ASN C 274 -29.49 -34.24 -17.64
C ASN C 274 -29.66 -33.05 -16.71
N LEU C 275 -29.16 -33.12 -15.48
CA LEU C 275 -29.38 -32.06 -14.50
C LEU C 275 -28.14 -31.21 -14.26
N PHE C 276 -26.95 -31.81 -14.27
CA PHE C 276 -25.70 -31.12 -13.96
C PHE C 276 -24.79 -31.05 -15.18
N GLN C 277 -25.36 -30.71 -16.34
CA GLN C 277 -24.57 -30.58 -17.55
C GLN C 277 -23.61 -29.40 -17.44
N PHE C 278 -22.40 -29.59 -17.95
CA PHE C 278 -21.38 -28.55 -17.96
C PHE C 278 -20.89 -28.36 -19.39
N PRO C 279 -20.63 -27.12 -19.83
CA PRO C 279 -20.75 -25.85 -19.09
C PRO C 279 -22.18 -25.36 -18.93
N ARG C 280 -22.43 -24.55 -17.90
CA ARG C 280 -23.76 -24.04 -17.62
C ARG C 280 -23.65 -22.63 -17.09
N ILE C 281 -24.73 -21.87 -17.23
CA ILE C 281 -24.80 -20.49 -16.75
C ILE C 281 -25.92 -20.29 -15.74
N TYR C 282 -26.70 -21.32 -15.43
CA TYR C 282 -27.76 -21.24 -14.44
C TYR C 282 -27.50 -22.27 -13.34
N ASP C 283 -27.87 -21.89 -12.11
CA ASP C 283 -27.69 -22.80 -10.98
C ASP C 283 -28.65 -23.97 -11.09
N ALA C 284 -28.11 -25.19 -10.91
CA ALA C 284 -28.95 -26.38 -10.93
C ALA C 284 -29.75 -26.54 -9.65
N LEU C 285 -29.39 -25.84 -8.59
CA LEU C 285 -30.10 -25.89 -7.32
C LEU C 285 -30.42 -24.48 -6.85
N PRO C 286 -31.52 -24.31 -6.11
CA PRO C 286 -31.86 -22.98 -5.61
C PRO C 286 -30.95 -22.54 -4.48
N VAL C 287 -29.77 -22.03 -4.82
CA VAL C 287 -28.79 -21.59 -3.83
C VAL C 287 -28.78 -20.06 -3.80
N PRO C 288 -28.39 -19.44 -2.69
CA PRO C 288 -28.33 -17.97 -2.65
C PRO C 288 -27.17 -17.45 -3.49
N GLN C 289 -27.16 -16.12 -3.65
CA GLN C 289 -26.14 -15.49 -4.49
C GLN C 289 -24.74 -15.62 -3.90
N GLU C 290 -24.63 -15.64 -2.57
CA GLU C 290 -23.34 -15.77 -1.92
C GLU C 290 -22.75 -17.18 -2.04
N MET C 291 -23.54 -18.16 -2.48
CA MET C 291 -23.05 -19.52 -2.61
C MET C 291 -22.75 -19.91 -4.06
N SER C 292 -23.15 -19.11 -5.03
CA SER C 292 -22.91 -19.41 -6.44
C SER C 292 -22.23 -18.21 -7.10
N LYS C 293 -21.14 -18.47 -7.81
CA LYS C 293 -20.42 -17.44 -8.54
C LYS C 293 -20.74 -17.44 -10.03
N LEU C 294 -21.75 -18.20 -10.45
CA LEU C 294 -22.18 -18.16 -11.84
C LEU C 294 -22.83 -16.82 -12.15
N SER C 295 -22.93 -16.51 -13.45
CA SER C 295 -23.55 -15.26 -13.85
C SER C 295 -25.03 -15.21 -13.47
N ASN C 296 -25.76 -16.31 -13.71
CA ASN C 296 -27.19 -16.45 -13.44
C ASN C 296 -27.97 -15.28 -14.02
N PRO C 297 -28.08 -15.16 -15.34
CA PRO C 297 -28.82 -14.04 -15.92
C PRO C 297 -30.31 -14.13 -15.61
N LYS C 298 -30.92 -12.96 -15.48
CA LYS C 298 -32.36 -12.86 -15.23
C LYS C 298 -33.16 -12.76 -16.52
N ILE C 299 -32.50 -12.81 -17.67
CA ILE C 299 -33.15 -12.71 -18.97
C ILE C 299 -32.66 -13.85 -19.86
N PRO C 300 -33.44 -14.29 -20.85
CA PRO C 300 -32.98 -15.40 -21.70
C PRO C 300 -31.73 -15.04 -22.48
N VAL C 301 -30.91 -16.04 -22.74
CA VAL C 301 -29.64 -15.88 -23.44
C VAL C 301 -29.78 -16.43 -24.84
N TYR C 302 -29.44 -15.61 -25.83
CA TYR C 302 -29.49 -16.00 -27.23
C TYR C 302 -28.08 -16.02 -27.80
N ILE C 303 -27.70 -17.14 -28.41
CA ILE C 303 -26.39 -17.28 -29.05
C ILE C 303 -26.62 -17.40 -30.55
N ASN C 304 -25.97 -16.52 -31.31
CA ASN C 304 -26.14 -16.46 -32.76
C ASN C 304 -24.82 -16.82 -33.43
N ILE C 305 -24.89 -17.69 -34.44
CA ILE C 305 -23.68 -18.17 -35.09
C ILE C 305 -23.99 -18.49 -36.55
N CYS C 306 -23.08 -18.11 -37.44
CA CYS C 306 -23.15 -18.47 -38.84
C CYS C 306 -22.13 -19.56 -39.13
N SER C 307 -22.47 -20.47 -40.04
CA SER C 307 -21.60 -21.60 -40.33
C SER C 307 -21.65 -21.95 -41.80
N ILE C 308 -20.49 -22.22 -42.37
CA ILE C 308 -20.34 -22.72 -43.75
C ILE C 308 -20.00 -24.20 -43.66
N PRO C 309 -20.32 -25.00 -44.70
CA PRO C 309 -20.05 -26.44 -44.60
C PRO C 309 -18.59 -26.79 -44.42
N SER C 310 -17.67 -25.99 -44.96
CA SER C 310 -16.25 -26.33 -44.90
C SER C 310 -15.72 -26.40 -43.47
N ARG C 311 -16.43 -25.81 -42.51
CA ARG C 311 -16.04 -25.85 -41.11
C ARG C 311 -17.04 -26.59 -40.24
N ILE C 312 -17.83 -27.50 -40.85
CA ILE C 312 -18.97 -28.08 -40.16
C ILE C 312 -18.55 -28.79 -38.88
N ALA C 313 -17.44 -29.54 -38.93
CA ALA C 313 -16.95 -30.23 -37.74
C ALA C 313 -16.66 -29.25 -36.63
N GLN C 314 -16.01 -28.13 -36.95
CA GLN C 314 -15.77 -27.09 -35.96
C GLN C 314 -17.07 -26.63 -35.34
N LEU C 315 -18.10 -26.44 -36.17
CA LEU C 315 -19.42 -26.05 -35.67
C LEU C 315 -19.90 -27.03 -34.62
N ARG C 316 -19.72 -28.33 -34.88
CA ARG C 316 -20.14 -29.34 -33.91
C ARG C 316 -19.46 -29.12 -32.57
N ARG C 317 -18.14 -28.85 -32.61
CA ARG C 317 -17.42 -28.59 -31.37
C ARG C 317 -18.01 -27.40 -30.64
N ILE C 318 -18.39 -26.35 -31.38
CA ILE C 318 -18.99 -25.19 -30.75
C ILE C 318 -20.29 -25.57 -30.08
N ILE C 319 -21.10 -26.42 -30.73
CA ILE C 319 -22.31 -26.92 -30.08
C ILE C 319 -21.94 -27.66 -28.81
N GLY C 320 -20.89 -28.49 -28.87
CA GLY C 320 -20.44 -29.22 -27.70
C GLY C 320 -19.96 -28.34 -26.57
N ILE C 321 -19.75 -27.06 -26.81
CA ILE C 321 -19.38 -26.12 -25.76
C ILE C 321 -20.45 -25.07 -25.52
N LEU C 322 -21.50 -25.01 -26.34
CA LEU C 322 -22.51 -23.96 -26.20
C LEU C 322 -23.95 -24.47 -26.17
N LYS C 323 -24.17 -25.78 -26.24
CA LYS C 323 -25.54 -26.29 -26.24
C LYS C 323 -26.24 -26.11 -24.89
N ASN C 324 -25.51 -25.74 -23.84
CA ASN C 324 -26.11 -25.53 -22.53
C ASN C 324 -25.83 -24.14 -21.96
N GLN C 325 -24.97 -23.35 -22.59
CA GLN C 325 -24.65 -22.02 -22.10
C GLN C 325 -25.60 -20.95 -22.61
N CYS C 326 -26.82 -21.32 -23.02
CA CYS C 326 -27.76 -20.35 -23.54
C CYS C 326 -29.16 -20.92 -23.42
N ASP C 327 -30.16 -20.05 -23.65
CA ASP C 327 -31.55 -20.45 -23.69
C ASP C 327 -32.09 -20.58 -25.11
N HIS C 328 -31.39 -20.03 -26.10
CA HIS C 328 -31.85 -20.12 -27.48
C HIS C 328 -30.68 -19.98 -28.42
N PHE C 329 -30.76 -20.66 -29.55
CA PHE C 329 -29.75 -20.64 -30.58
C PHE C 329 -30.33 -20.02 -31.86
N HIS C 330 -29.45 -19.41 -32.65
CA HIS C 330 -29.82 -18.92 -33.98
C HIS C 330 -28.65 -19.25 -34.90
N ILE C 331 -28.77 -20.35 -35.63
CA ILE C 331 -27.72 -20.85 -36.49
C ILE C 331 -28.08 -20.54 -37.94
N TYR C 332 -27.19 -19.86 -38.63
CA TYR C 332 -27.36 -19.50 -40.03
C TYR C 332 -26.46 -20.41 -40.86
N LEU C 333 -27.07 -21.39 -41.53
CA LEU C 333 -26.34 -22.33 -42.36
C LEU C 333 -26.20 -21.73 -43.76
N ASP C 334 -25.00 -21.29 -44.11
CA ASP C 334 -24.74 -20.68 -45.41
C ASP C 334 -24.11 -21.72 -46.32
N GLY C 335 -24.86 -22.18 -47.31
CA GLY C 335 -24.38 -23.15 -48.27
C GLY C 335 -24.56 -24.61 -47.87
N TYR C 336 -25.14 -24.88 -46.71
CA TYR C 336 -25.37 -26.25 -46.29
C TYR C 336 -26.39 -26.94 -47.18
N VAL C 337 -26.22 -28.24 -47.38
CA VAL C 337 -27.16 -29.03 -48.14
C VAL C 337 -28.29 -29.56 -47.27
N GLU C 338 -27.94 -30.12 -46.12
CA GLU C 338 -28.94 -30.65 -45.19
C GLU C 338 -28.59 -30.20 -43.78
N ILE C 339 -29.60 -30.16 -42.92
CA ILE C 339 -29.40 -29.75 -41.53
C ILE C 339 -28.59 -30.81 -40.81
N PRO C 340 -27.49 -30.45 -40.15
CA PRO C 340 -26.69 -31.45 -39.44
C PRO C 340 -27.44 -32.05 -38.25
N ASP C 341 -27.02 -33.26 -37.89
CA ASP C 341 -27.71 -34.00 -36.83
C ASP C 341 -27.58 -33.29 -35.49
N PHE C 342 -26.40 -32.76 -35.17
CA PHE C 342 -26.18 -32.11 -33.88
C PHE C 342 -26.95 -30.80 -33.74
N ILE C 343 -27.46 -30.24 -34.83
CA ILE C 343 -28.29 -29.05 -34.76
C ILE C 343 -29.76 -29.41 -34.58
N LYS C 344 -30.24 -30.39 -35.35
CA LYS C 344 -31.64 -30.81 -35.22
C LYS C 344 -31.89 -31.58 -33.92
N ASN C 345 -30.84 -32.10 -33.28
CA ASN C 345 -31.02 -32.74 -31.98
C ASN C 345 -31.39 -31.75 -30.88
N LEU C 346 -31.10 -30.46 -31.09
CA LEU C 346 -31.46 -29.45 -30.09
C LEU C 346 -32.96 -29.23 -30.00
N GLY C 347 -33.70 -29.56 -31.05
CA GLY C 347 -35.15 -29.38 -31.04
C GLY C 347 -35.56 -27.94 -31.19
N ASN C 348 -36.55 -27.52 -30.41
CA ASN C 348 -37.05 -26.15 -30.48
C ASN C 348 -36.08 -25.13 -29.88
N LYS C 349 -35.02 -25.59 -29.22
CA LYS C 349 -34.06 -24.67 -28.62
C LYS C 349 -33.30 -23.88 -29.69
N ALA C 350 -33.15 -24.44 -30.89
CA ALA C 350 -32.39 -23.80 -31.95
C ALA C 350 -33.31 -23.47 -33.12
N THR C 351 -33.18 -22.24 -33.63
CA THR C 351 -33.87 -21.81 -34.84
C THR C 351 -32.84 -21.62 -35.93
N VAL C 352 -33.05 -22.28 -37.06
CA VAL C 352 -32.05 -22.38 -38.12
C VAL C 352 -32.53 -21.61 -39.35
N VAL C 353 -31.66 -20.78 -39.91
CA VAL C 353 -31.91 -20.12 -41.17
C VAL C 353 -31.09 -20.82 -42.24
N HIS C 354 -31.78 -21.37 -43.24
CA HIS C 354 -31.16 -22.29 -44.19
C HIS C 354 -31.23 -21.76 -45.62
N CYS C 355 -30.85 -20.50 -45.80
CA CYS C 355 -30.80 -19.92 -47.15
C CYS C 355 -29.79 -20.68 -48.00
N LYS C 356 -30.29 -21.33 -49.06
CA LYS C 356 -29.48 -22.19 -49.91
C LYS C 356 -28.85 -21.45 -51.09
N ASP C 357 -29.17 -20.18 -51.28
CA ASP C 357 -28.66 -19.41 -52.41
C ASP C 357 -27.56 -18.47 -51.94
N LYS C 358 -26.40 -18.53 -52.59
CA LYS C 358 -25.29 -17.67 -52.21
C LYS C 358 -25.52 -16.22 -52.64
N ASP C 359 -26.20 -16.01 -53.76
CA ASP C 359 -26.47 -14.64 -54.21
C ASP C 359 -27.38 -13.90 -53.24
N ASN C 360 -28.40 -14.58 -52.71
CA ASN C 360 -29.29 -14.00 -51.73
C ASN C 360 -28.77 -14.16 -50.30
N SER C 361 -27.62 -14.78 -50.11
CA SER C 361 -27.08 -14.98 -48.77
C SER C 361 -26.56 -13.67 -48.20
N ILE C 362 -26.52 -13.61 -46.87
CA ILE C 362 -26.03 -12.43 -46.16
C ILE C 362 -24.77 -12.73 -45.35
N ARG C 363 -24.32 -13.98 -45.30
CA ARG C 363 -23.06 -14.38 -44.68
C ARG C 363 -23.11 -14.04 -43.20
N ASP C 364 -22.19 -13.23 -42.68
CA ASP C 364 -22.11 -12.99 -41.24
C ASP C 364 -23.27 -12.15 -40.71
N ASN C 365 -23.93 -11.38 -41.58
CA ASN C 365 -25.04 -10.54 -41.15
C ASN C 365 -26.18 -11.35 -40.54
N GLY C 366 -26.26 -12.64 -40.88
CA GLY C 366 -27.26 -13.50 -40.27
C GLY C 366 -27.17 -13.55 -38.76
N LYS C 367 -25.97 -13.29 -38.22
CA LYS C 367 -25.79 -13.27 -36.76
C LYS C 367 -26.65 -12.21 -36.09
N PHE C 368 -27.15 -11.23 -36.83
CA PHE C 368 -28.00 -10.21 -36.24
C PHE C 368 -29.47 -10.40 -36.56
N ILE C 369 -29.85 -11.45 -37.30
CA ILE C 369 -31.24 -11.62 -37.72
C ILE C 369 -32.15 -11.68 -36.52
N LEU C 370 -31.83 -12.54 -35.54
CA LEU C 370 -32.65 -12.67 -34.34
C LEU C 370 -32.76 -11.34 -33.62
N LEU C 371 -31.71 -10.53 -33.65
CA LEU C 371 -31.76 -9.23 -32.99
C LEU C 371 -32.93 -8.40 -33.51
N GLU C 372 -33.13 -8.39 -34.84
CA GLU C 372 -34.25 -7.65 -35.40
C GLU C 372 -35.56 -8.15 -34.84
N GLU C 373 -35.71 -9.47 -34.72
CA GLU C 373 -36.94 -10.02 -34.16
C GLU C 373 -37.15 -9.54 -32.73
N LEU C 374 -36.06 -9.47 -31.95
CA LEU C 374 -36.18 -8.98 -30.59
C LEU C 374 -36.63 -7.52 -30.57
N ILE C 375 -36.22 -6.73 -31.57
CA ILE C 375 -36.69 -5.36 -31.67
C ILE C 375 -38.19 -5.33 -31.89
N GLU C 376 -38.73 -6.31 -32.62
CA GLU C 376 -40.17 -6.40 -32.80
C GLU C 376 -40.87 -7.06 -31.63
N LYS C 377 -40.13 -7.56 -30.63
CA LYS C 377 -40.74 -8.24 -29.50
C LYS C 377 -40.39 -7.64 -28.15
N ASN C 378 -39.36 -6.79 -28.06
CA ASN C 378 -38.92 -6.17 -26.82
C ASN C 378 -38.60 -7.23 -25.74
N GLN C 379 -38.02 -8.35 -26.18
CA GLN C 379 -37.60 -9.41 -25.28
C GLN C 379 -36.17 -9.13 -24.86
N ASP C 380 -35.98 -8.70 -23.62
CA ASP C 380 -34.65 -8.42 -23.11
C ASP C 380 -33.83 -9.70 -23.01
N GLY C 381 -32.54 -9.57 -23.23
CA GLY C 381 -31.65 -10.74 -23.19
C GLY C 381 -30.22 -10.32 -23.42
N TYR C 382 -29.36 -11.32 -23.46
CA TYR C 382 -27.93 -11.13 -23.69
C TYR C 382 -27.60 -11.71 -25.07
N TYR C 383 -27.63 -10.85 -26.07
CA TYR C 383 -27.32 -11.25 -27.44
C TYR C 383 -25.84 -11.57 -27.56
N ILE C 384 -25.53 -12.77 -28.03
CA ILE C 384 -24.16 -13.25 -28.22
C ILE C 384 -23.99 -13.60 -29.69
N THR C 385 -22.91 -13.11 -30.29
CA THR C 385 -22.57 -13.41 -31.68
C THR C 385 -21.27 -14.19 -31.70
N CYS C 386 -21.24 -15.29 -32.47
CA CYS C 386 -20.08 -16.17 -32.51
C CYS C 386 -19.80 -16.57 -33.95
N ASP C 387 -18.54 -16.92 -34.21
CA ASP C 387 -18.10 -17.43 -35.50
C ASP C 387 -17.71 -18.90 -35.37
N ASP C 388 -17.83 -19.62 -36.48
CA ASP C 388 -17.64 -21.07 -36.48
C ASP C 388 -16.19 -21.49 -36.56
N ASP C 389 -15.26 -20.56 -36.71
CA ASP C 389 -13.83 -20.89 -36.83
C ASP C 389 -13.06 -20.60 -35.55
N ILE C 390 -13.76 -20.38 -34.43
CA ILE C 390 -13.13 -20.02 -33.17
C ILE C 390 -13.52 -21.06 -32.13
N ILE C 391 -12.53 -21.57 -31.40
CA ILE C 391 -12.77 -22.50 -30.31
C ILE C 391 -13.09 -21.70 -29.05
N TYR C 392 -14.25 -21.95 -28.46
CA TYR C 392 -14.64 -21.16 -27.30
C TYR C 392 -14.41 -21.94 -26.01
N PRO C 393 -14.03 -21.28 -24.94
CA PRO C 393 -13.82 -21.96 -23.66
C PRO C 393 -15.14 -22.24 -22.96
N SER C 394 -15.05 -22.99 -21.87
CA SER C 394 -16.23 -23.36 -21.10
C SER C 394 -16.77 -22.23 -20.25
N ASP C 395 -16.01 -21.14 -20.08
CA ASP C 395 -16.42 -20.02 -19.25
C ASP C 395 -16.67 -18.76 -20.07
N TYR C 396 -16.88 -18.91 -21.38
CA TYR C 396 -16.99 -17.74 -22.24
C TYR C 396 -18.24 -16.92 -21.94
N ILE C 397 -19.39 -17.59 -21.90
CA ILE C 397 -20.66 -16.87 -21.70
C ILE C 397 -20.73 -16.25 -20.32
N ASN C 398 -20.29 -16.99 -19.29
CA ASN C 398 -20.28 -16.45 -17.95
C ASN C 398 -19.37 -15.23 -17.85
N THR C 399 -18.20 -15.29 -18.48
CA THR C 399 -17.28 -14.17 -18.45
C THR C 399 -17.87 -12.95 -19.15
N MET C 400 -18.51 -13.16 -20.32
CA MET C 400 -19.10 -12.03 -21.02
C MET C 400 -20.23 -11.40 -20.21
N ILE C 401 -21.08 -12.22 -19.59
CA ILE C 401 -22.17 -11.67 -18.79
C ILE C 401 -21.63 -10.96 -17.56
N LYS C 402 -20.58 -11.50 -16.94
CA LYS C 402 -20.00 -10.84 -15.77
C LYS C 402 -19.39 -9.51 -16.15
N LYS C 403 -18.70 -9.43 -17.29
CA LYS C 403 -18.15 -8.16 -17.74
C LYS C 403 -19.25 -7.15 -18.04
N LEU C 404 -20.33 -7.60 -18.67
CA LEU C 404 -21.44 -6.72 -18.95
C LEU C 404 -22.06 -6.18 -17.67
N ASN C 405 -22.23 -7.04 -16.68
CA ASN C 405 -22.76 -6.60 -15.39
C ASN C 405 -21.80 -5.66 -14.67
N GLU C 406 -20.49 -5.89 -14.83
CA GLU C 406 -19.50 -4.99 -14.26
C GLU C 406 -19.61 -3.60 -14.88
N TYR C 407 -19.84 -3.54 -16.19
CA TYR C 407 -20.10 -2.28 -16.87
C TYR C 407 -21.58 -1.90 -16.84
N ASP C 408 -22.38 -2.57 -16.02
CA ASP C 408 -23.80 -2.26 -15.81
C ASP C 408 -24.60 -2.35 -17.11
N ASP C 409 -24.18 -3.22 -18.02
CA ASP C 409 -24.86 -3.46 -19.29
C ASP C 409 -24.99 -2.17 -20.12
N LYS C 410 -24.09 -1.22 -19.92
CA LYS C 410 -24.15 0.06 -20.58
C LYS C 410 -23.29 0.13 -21.84
N ALA C 411 -22.58 -0.94 -22.18
CA ALA C 411 -21.69 -0.92 -23.33
C ALA C 411 -21.55 -2.33 -23.88
N VAL C 412 -21.18 -2.39 -25.15
CA VAL C 412 -20.91 -3.66 -25.84
C VAL C 412 -19.48 -4.06 -25.57
N ILE C 413 -19.24 -5.36 -25.36
CA ILE C 413 -17.91 -5.87 -25.09
C ILE C 413 -17.53 -6.86 -26.18
N GLY C 414 -16.23 -7.08 -26.31
CA GLY C 414 -15.70 -7.99 -27.30
C GLY C 414 -14.28 -8.37 -26.97
N LEU C 415 -13.70 -9.19 -27.85
CA LEU C 415 -12.33 -9.64 -27.70
C LEU C 415 -11.42 -9.23 -28.84
N HIS C 416 -11.93 -9.20 -30.07
CA HIS C 416 -11.14 -8.80 -31.23
C HIS C 416 -11.30 -7.30 -31.41
N GLY C 417 -10.31 -6.54 -30.96
CA GLY C 417 -10.38 -5.09 -30.99
C GLY C 417 -9.57 -4.53 -32.16
N ILE C 418 -10.09 -3.46 -32.76
CA ILE C 418 -9.43 -2.78 -33.86
C ILE C 418 -9.45 -1.28 -33.57
N LEU C 419 -8.28 -0.65 -33.59
CA LEU C 419 -8.14 0.76 -33.25
C LEU C 419 -7.38 1.46 -34.36
N PHE C 420 -8.02 2.43 -35.01
CA PHE C 420 -7.41 3.14 -36.11
C PHE C 420 -7.72 4.63 -36.00
N PRO C 421 -6.84 5.49 -36.49
CA PRO C 421 -7.09 6.93 -36.42
C PRO C 421 -8.09 7.37 -37.49
N SER C 422 -8.55 8.62 -37.34
CA SER C 422 -9.49 9.19 -38.29
C SER C 422 -8.85 9.63 -39.59
N ARG C 423 -7.52 9.64 -39.65
CA ARG C 423 -6.78 10.02 -40.86
C ARG C 423 -6.44 8.83 -41.74
N MET C 424 -6.91 7.64 -41.38
CA MET C 424 -6.59 6.43 -42.13
C MET C 424 -7.24 6.45 -43.50
N THR C 425 -6.46 6.13 -44.53
CA THR C 425 -6.95 6.10 -45.91
C THR C 425 -7.12 4.69 -46.45
N LYS C 426 -6.82 3.66 -45.67
CA LYS C 426 -7.01 2.28 -46.10
C LYS C 426 -7.26 1.42 -44.87
N TYR C 427 -8.38 0.69 -44.87
CA TYR C 427 -8.81 -0.02 -43.67
C TYR C 427 -7.82 -1.12 -43.29
N PHE C 428 -7.34 -1.89 -44.26
CA PHE C 428 -6.41 -2.97 -43.98
C PHE C 428 -4.96 -2.55 -44.14
N SER C 429 -4.65 -1.27 -43.91
CA SER C 429 -3.28 -0.79 -43.99
C SER C 429 -2.56 -1.08 -42.67
N ALA C 430 -1.36 -0.55 -42.52
CA ALA C 430 -0.57 -0.73 -41.31
C ALA C 430 -0.87 0.31 -40.26
N ASP C 431 -1.79 1.24 -40.52
CA ASP C 431 -2.11 2.30 -39.58
C ASP C 431 -3.13 1.88 -38.54
N ARG C 432 -3.62 0.64 -38.57
CA ARG C 432 -4.55 0.14 -37.58
C ARG C 432 -3.85 -0.82 -36.63
N LEU C 433 -4.34 -0.89 -35.41
CA LEU C 433 -3.82 -1.77 -34.37
C LEU C 433 -4.87 -2.82 -34.06
N VAL C 434 -4.46 -4.08 -34.13
CA VAL C 434 -5.39 -5.21 -33.97
C VAL C 434 -5.01 -5.99 -32.72
N TYR C 435 -5.94 -6.09 -31.79
CA TYR C 435 -5.81 -6.94 -30.61
C TYR C 435 -6.66 -8.18 -30.88
N SER C 436 -6.01 -9.26 -31.31
CA SER C 436 -6.74 -10.46 -31.71
C SER C 436 -7.32 -11.16 -30.49
N PHE C 437 -8.36 -11.97 -30.73
CA PHE C 437 -9.01 -12.70 -29.66
C PHE C 437 -8.10 -13.77 -29.07
N TYR C 438 -7.17 -14.28 -29.85
CA TYR C 438 -6.21 -15.28 -29.36
C TYR C 438 -4.95 -14.65 -28.78
N LYS C 439 -4.87 -13.33 -28.73
CA LYS C 439 -3.72 -12.65 -28.16
C LYS C 439 -4.07 -12.03 -26.82
N PRO C 440 -3.16 -12.04 -25.86
CA PRO C 440 -3.47 -11.54 -24.52
C PRO C 440 -3.67 -10.03 -24.51
N LEU C 441 -4.44 -9.57 -23.52
CA LEU C 441 -4.63 -8.15 -23.26
C LEU C 441 -4.61 -7.94 -21.77
N GLU C 442 -3.73 -7.05 -21.29
CA GLU C 442 -3.55 -6.88 -19.86
C GLU C 442 -4.71 -6.12 -19.22
N LYS C 443 -5.19 -5.08 -19.89
CA LYS C 443 -6.21 -4.20 -19.34
C LYS C 443 -7.27 -3.94 -20.39
N ASP C 444 -8.51 -3.73 -19.94
CA ASP C 444 -9.60 -3.44 -20.85
C ASP C 444 -9.34 -2.14 -21.61
N LYS C 445 -9.62 -2.15 -22.90
CA LYS C 445 -9.38 -1.01 -23.76
C LYS C 445 -10.59 -0.78 -24.64
N ALA C 446 -11.01 0.47 -24.75
CA ALA C 446 -12.10 0.82 -25.66
C ALA C 446 -11.55 0.97 -27.07
N VAL C 447 -12.18 0.30 -28.03
CA VAL C 447 -11.71 0.26 -29.41
C VAL C 447 -12.80 0.77 -30.32
N ASN C 448 -12.39 1.16 -31.53
CA ASN C 448 -13.35 1.69 -32.51
C ASN C 448 -14.23 0.57 -33.07
N VAL C 449 -13.62 -0.56 -33.43
CA VAL C 449 -14.33 -1.65 -34.08
C VAL C 449 -14.06 -2.94 -33.31
N LEU C 450 -15.12 -3.66 -32.97
CA LEU C 450 -15.03 -4.97 -32.33
C LEU C 450 -15.44 -6.04 -33.33
N GLY C 451 -14.61 -7.08 -33.43
CA GLY C 451 -14.94 -8.21 -34.28
C GLY C 451 -16.21 -8.90 -33.83
N THR C 452 -17.14 -9.12 -34.77
CA THR C 452 -18.44 -9.67 -34.42
C THR C 452 -18.38 -11.13 -33.98
N GLY C 453 -17.23 -11.79 -34.14
CA GLY C 453 -17.12 -13.15 -33.66
C GLY C 453 -17.00 -13.29 -32.16
N THR C 454 -16.86 -12.18 -31.44
CA THR C 454 -16.72 -12.22 -29.99
C THR C 454 -17.55 -11.12 -29.31
N VAL C 455 -18.62 -10.68 -29.96
CA VAL C 455 -19.42 -9.56 -29.45
C VAL C 455 -20.54 -10.09 -28.56
N SER C 456 -20.64 -9.53 -27.36
CA SER C 456 -21.73 -9.83 -26.43
C SER C 456 -22.32 -8.53 -25.93
N PHE C 457 -23.64 -8.42 -25.98
CA PHE C 457 -24.27 -7.17 -25.55
C PHE C 457 -25.71 -7.43 -25.13
N ARG C 458 -26.20 -6.61 -24.20
CA ARG C 458 -27.59 -6.70 -23.80
C ARG C 458 -28.50 -6.14 -24.90
N VAL C 459 -29.62 -6.82 -25.14
CA VAL C 459 -30.51 -6.43 -26.23
C VAL C 459 -31.17 -5.08 -25.96
N SER C 460 -31.43 -4.77 -24.69
CA SER C 460 -32.14 -3.54 -24.33
C SER C 460 -31.37 -2.28 -24.67
N LEU C 461 -30.07 -2.38 -25.00
CA LEU C 461 -29.30 -1.21 -25.39
C LEU C 461 -29.75 -0.62 -26.70
N PHE C 462 -30.45 -1.39 -27.53
CA PHE C 462 -30.91 -0.93 -28.84
C PHE C 462 -32.43 -0.92 -28.86
N ASN C 463 -33.01 0.20 -29.29
CA ASN C 463 -34.45 0.36 -29.37
C ASN C 463 -35.01 0.06 -30.75
N GLN C 464 -34.32 0.49 -31.80
CA GLN C 464 -34.74 0.25 -33.18
C GLN C 464 -33.56 -0.29 -33.97
N PHE C 465 -33.78 -1.40 -34.68
CA PHE C 465 -32.74 -2.02 -35.48
C PHE C 465 -33.36 -2.77 -36.64
N SER C 466 -32.77 -2.62 -37.83
CA SER C 466 -33.20 -3.32 -39.02
C SER C 466 -31.99 -3.88 -39.74
N LEU C 467 -32.09 -5.14 -40.18
CA LEU C 467 -30.98 -5.78 -40.87
C LEU C 467 -30.73 -5.19 -42.25
N SER C 468 -31.73 -4.52 -42.83
CA SER C 468 -31.57 -3.92 -44.15
C SER C 468 -30.53 -2.81 -44.16
N ASP C 469 -30.20 -2.24 -43.00
CA ASP C 469 -29.16 -1.23 -42.93
C ASP C 469 -27.78 -1.78 -43.25
N PHE C 470 -27.58 -3.09 -43.11
CA PHE C 470 -26.31 -3.73 -43.44
C PHE C 470 -26.28 -3.95 -44.95
N THR C 471 -25.79 -2.94 -45.67
CA THR C 471 -25.86 -2.97 -47.12
C THR C 471 -25.01 -4.09 -47.70
N HIS C 472 -23.80 -4.28 -47.19
CA HIS C 472 -22.85 -5.25 -47.74
C HIS C 472 -22.59 -6.35 -46.73
N SER C 473 -22.47 -7.59 -47.24
CA SER C 473 -22.17 -8.72 -46.40
C SER C 473 -20.67 -8.86 -46.21
N GLY C 474 -20.28 -9.58 -45.16
CA GLY C 474 -18.89 -9.78 -44.84
C GLY C 474 -18.22 -8.61 -44.13
N MET C 475 -18.97 -7.55 -43.82
CA MET C 475 -18.46 -6.38 -43.12
C MET C 475 -19.27 -6.14 -41.85
N ALA C 476 -19.55 -7.21 -41.11
CA ALA C 476 -20.40 -7.09 -39.92
C ALA C 476 -19.76 -6.22 -38.84
N ASP C 477 -18.43 -6.29 -38.71
CA ASP C 477 -17.75 -5.52 -37.68
C ASP C 477 -17.94 -4.02 -37.89
N ILE C 478 -17.75 -3.56 -39.13
CA ILE C 478 -17.84 -2.13 -39.42
C ILE C 478 -19.26 -1.63 -39.21
N TYR C 479 -20.24 -2.37 -39.72
CA TYR C 479 -21.64 -1.94 -39.59
C TYR C 479 -22.10 -1.98 -38.15
N PHE C 480 -21.67 -2.99 -37.39
CA PHE C 480 -22.03 -3.04 -35.98
C PHE C 480 -21.38 -1.90 -35.19
N SER C 481 -20.14 -1.56 -35.54
CA SER C 481 -19.50 -0.42 -34.90
C SER C 481 -20.22 0.87 -35.24
N LEU C 482 -20.68 1.01 -36.48
CA LEU C 482 -21.46 2.18 -36.86
C LEU C 482 -22.77 2.25 -36.09
N LEU C 483 -23.43 1.11 -35.91
CA LEU C 483 -24.67 1.08 -35.14
C LEU C 483 -24.42 1.45 -33.68
N CYS C 484 -23.32 0.96 -33.09
CA CYS C 484 -22.98 1.32 -31.73
C CYS C 484 -22.65 2.81 -31.61
N LYS C 485 -21.96 3.36 -32.60
CA LYS C 485 -21.61 4.79 -32.55
C LYS C 485 -22.84 5.67 -32.75
N LYS C 486 -23.81 5.21 -33.53
CA LYS C 486 -25.02 5.99 -33.75
C LYS C 486 -25.81 6.16 -32.46
N ASN C 487 -25.88 5.12 -31.64
CA ASN C 487 -26.58 5.15 -30.37
C ASN C 487 -25.68 5.54 -29.20
N ASN C 488 -24.45 5.97 -29.48
CA ASN C 488 -23.47 6.37 -28.46
C ASN C 488 -23.22 5.26 -27.45
N ILE C 489 -23.08 4.04 -27.95
CA ILE C 489 -22.81 2.87 -27.11
C ILE C 489 -21.34 2.52 -27.25
N LEU C 490 -20.64 2.45 -26.12
CA LEU C 490 -19.21 2.20 -26.14
C LEU C 490 -18.92 0.75 -26.49
N GLN C 491 -17.80 0.54 -27.18
CA GLN C 491 -17.28 -0.79 -27.49
C GLN C 491 -16.00 -1.00 -26.69
N ILE C 492 -15.96 -2.07 -25.90
CA ILE C 492 -14.87 -2.31 -24.96
C ILE C 492 -14.24 -3.66 -25.30
N CYS C 493 -12.94 -3.65 -25.56
CA CYS C 493 -12.18 -4.88 -25.77
C CYS C 493 -11.69 -5.35 -24.41
N ILE C 494 -12.37 -6.34 -23.84
CA ILE C 494 -12.07 -6.76 -22.47
C ILE C 494 -10.74 -7.51 -22.43
N SER C 495 -10.16 -7.55 -21.23
CA SER C 495 -8.90 -8.26 -21.03
C SER C 495 -9.12 -9.76 -21.09
N ARG C 496 -8.06 -10.47 -21.49
CA ARG C 496 -8.11 -11.93 -21.59
C ARG C 496 -6.69 -12.46 -21.55
N PRO C 497 -6.50 -13.68 -21.09
CA PRO C 497 -5.15 -14.27 -21.12
C PRO C 497 -4.74 -14.69 -22.53
N ALA C 498 -3.50 -15.13 -22.66
CA ALA C 498 -2.99 -15.56 -23.97
C ALA C 498 -3.68 -16.86 -24.40
N ASN C 499 -4.08 -16.89 -25.68
CA ASN C 499 -4.71 -18.06 -26.29
C ASN C 499 -5.96 -18.49 -25.53
N TRP C 500 -6.74 -17.50 -25.06
CA TRP C 500 -8.02 -17.82 -24.44
C TRP C 500 -8.99 -18.43 -25.45
N LEU C 501 -9.00 -17.89 -26.67
CA LEU C 501 -9.84 -18.40 -27.76
C LEU C 501 -8.90 -18.77 -28.91
N THR C 502 -8.52 -20.04 -28.95
CA THR C 502 -7.60 -20.50 -29.99
C THR C 502 -8.34 -20.61 -31.32
N GLU C 503 -7.88 -19.85 -32.32
CA GLU C 503 -8.49 -19.90 -33.64
C GLU C 503 -8.19 -21.25 -34.30
N ASP C 504 -9.21 -21.81 -34.94
CA ASP C 504 -9.09 -23.09 -35.64
C ASP C 504 -9.55 -22.88 -37.08
N ASN C 505 -8.63 -22.44 -37.92
CA ASN C 505 -8.95 -22.26 -39.34
C ASN C 505 -9.03 -23.59 -40.06
N ARG C 506 -8.10 -24.51 -39.76
CA ARG C 506 -8.05 -25.84 -40.35
C ARG C 506 -8.00 -25.78 -41.88
N ASP C 507 -7.15 -24.88 -42.40
CA ASP C 507 -6.88 -24.74 -43.83
C ASP C 507 -8.16 -24.46 -44.62
N SER C 508 -9.02 -23.60 -44.07
CA SER C 508 -10.24 -23.20 -44.74
C SER C 508 -10.07 -21.83 -45.38
N GLU C 509 -11.15 -21.34 -45.97
CA GLU C 509 -11.17 -20.03 -46.62
C GLU C 509 -11.75 -19.00 -45.67
N THR C 510 -11.06 -17.88 -45.51
CA THR C 510 -11.46 -16.83 -44.58
C THR C 510 -11.78 -15.56 -45.34
N LEU C 511 -12.72 -14.77 -44.79
CA LEU C 511 -13.09 -13.51 -45.41
C LEU C 511 -11.97 -12.47 -45.30
N TYR C 512 -11.11 -12.60 -44.30
CA TYR C 512 -9.98 -11.68 -44.18
C TYR C 512 -9.04 -11.79 -45.36
N HIS C 513 -8.73 -13.02 -45.80
CA HIS C 513 -7.89 -13.19 -46.98
C HIS C 513 -8.60 -12.72 -48.24
N GLN C 514 -9.92 -12.83 -48.29
CA GLN C 514 -10.65 -12.41 -49.48
C GLN C 514 -10.69 -10.89 -49.60
N TYR C 515 -10.96 -10.19 -48.51
CA TYR C 515 -11.14 -8.74 -48.53
C TYR C 515 -9.91 -7.98 -48.06
N ARG C 516 -8.78 -8.65 -47.86
CA ARG C 516 -7.57 -7.95 -47.44
C ARG C 516 -7.04 -7.04 -48.54
N ASP C 517 -7.08 -7.49 -49.78
CA ASP C 517 -6.60 -6.71 -50.91
C ASP C 517 -7.72 -6.10 -51.75
N ASN C 518 -8.98 -6.25 -51.31
CA ASN C 518 -10.12 -5.71 -52.06
C ASN C 518 -11.11 -5.05 -51.10
N ASP C 519 -10.59 -4.27 -50.16
CA ASP C 519 -11.45 -3.60 -49.16
C ASP C 519 -11.83 -2.19 -49.60
N GLU C 520 -12.38 -2.06 -50.81
CA GLU C 520 -12.82 -0.75 -51.27
C GLU C 520 -14.05 -0.28 -50.52
N GLN C 521 -15.03 -1.17 -50.34
CA GLN C 521 -16.27 -0.80 -49.65
C GLN C 521 -16.02 -0.50 -48.18
N GLN C 522 -15.16 -1.28 -47.52
CA GLN C 522 -14.86 -1.04 -46.12
C GLN C 522 -14.14 0.29 -45.94
N THR C 523 -13.17 0.58 -46.80
CA THR C 523 -12.48 1.86 -46.74
C THR C 523 -13.43 3.01 -47.00
N GLN C 524 -14.34 2.86 -47.97
CA GLN C 524 -15.32 3.89 -48.26
C GLN C 524 -16.21 4.15 -47.06
N LEU C 525 -16.68 3.08 -46.40
CA LEU C 525 -17.54 3.24 -45.25
C LEU C 525 -16.80 3.91 -44.09
N ILE C 526 -15.56 3.49 -43.83
CA ILE C 526 -14.78 4.08 -42.75
C ILE C 526 -14.53 5.57 -42.99
N MET C 527 -14.18 5.92 -44.23
CA MET C 527 -13.92 7.33 -44.54
C MET C 527 -15.20 8.16 -44.53
N GLU C 528 -16.33 7.57 -44.93
CA GLU C 528 -17.58 8.30 -45.02
C GLU C 528 -18.33 8.39 -43.70
N ASN C 529 -17.98 7.59 -42.71
CA ASN C 529 -18.71 7.54 -41.45
C ASN C 529 -17.79 7.83 -40.28
N GLY C 530 -17.00 8.90 -40.39
CA GLY C 530 -16.17 9.34 -39.30
C GLY C 530 -16.95 10.15 -38.29
N PRO C 531 -16.24 10.65 -37.27
CA PRO C 531 -14.81 10.49 -36.99
C PRO C 531 -14.51 9.19 -36.27
N TRP C 532 -13.23 8.81 -36.20
CA TRP C 532 -12.83 7.56 -35.56
C TRP C 532 -11.71 7.80 -34.55
N GLY C 533 -11.14 6.71 -34.04
CA GLY C 533 -10.08 6.87 -33.06
C GLY C 533 -10.65 7.36 -31.73
N TYR C 534 -9.74 7.91 -30.92
CA TYR C 534 -10.14 8.42 -29.62
C TYR C 534 -11.10 9.60 -29.72
N SER C 535 -11.19 10.24 -30.89
CA SER C 535 -12.19 11.28 -31.09
C SER C 535 -13.60 10.72 -30.99
N SER C 536 -13.78 9.45 -31.33
CA SER C 536 -15.06 8.77 -31.17
C SER C 536 -15.15 7.99 -29.87
N ILE C 537 -14.11 8.02 -29.04
CA ILE C 537 -14.07 7.28 -27.78
C ILE C 537 -14.02 8.21 -26.58
N TYR C 538 -13.24 9.30 -26.66
CA TYR C 538 -13.09 10.19 -25.52
C TYR C 538 -14.41 10.81 -25.05
N PRO C 539 -15.29 11.32 -25.92
CA PRO C 539 -16.60 11.80 -25.41
C PRO C 539 -17.41 10.71 -24.75
N LEU C 540 -17.34 9.48 -25.25
CA LEU C 540 -18.09 8.38 -24.65
C LEU C 540 -17.46 7.87 -23.37
N VAL C 541 -16.14 7.99 -23.26
CA VAL C 541 -15.44 7.47 -22.07
C VAL C 541 -15.33 8.51 -20.96
N LYS C 542 -15.56 9.78 -21.25
CA LYS C 542 -15.52 10.84 -20.26
C LYS C 542 -16.89 11.14 -19.67
N ASN C 543 -17.93 10.45 -20.13
CA ASN C 543 -19.30 10.73 -19.72
C ASN C 543 -19.89 9.62 -18.85
N HIS C 544 -19.05 8.83 -18.20
CA HIS C 544 -19.54 7.78 -17.32
C HIS C 544 -18.45 7.37 -16.33
N PRO C 545 -18.75 7.29 -15.03
CA PRO C 545 -17.73 6.87 -14.06
C PRO C 545 -17.22 5.46 -14.27
N LYS C 546 -18.08 4.54 -14.71
CA LYS C 546 -17.66 3.15 -14.91
C LYS C 546 -16.62 3.02 -16.01
N PHE C 547 -16.48 4.03 -16.87
CA PHE C 547 -15.48 4.03 -17.92
C PHE C 547 -14.25 4.85 -17.55
N THR C 548 -14.12 5.24 -16.28
CA THR C 548 -13.00 6.08 -15.86
C THR C 548 -11.67 5.39 -16.09
N ASP C 549 -11.60 4.08 -15.82
CA ASP C 549 -10.37 3.34 -16.06
C ASP C 549 -10.08 3.13 -17.55
N LEU C 550 -11.03 3.43 -18.43
CA LEU C 550 -10.85 3.26 -19.86
C LEU C 550 -10.49 4.55 -20.57
N ILE C 551 -10.22 5.62 -19.83
CA ILE C 551 -9.87 6.90 -20.46
C ILE C 551 -8.50 6.77 -21.13
N PRO C 552 -8.35 7.20 -22.38
CA PRO C 552 -7.04 7.13 -23.03
C PRO C 552 -6.02 8.01 -22.31
N CYS C 553 -4.76 7.56 -22.34
CA CYS C 553 -3.71 8.24 -21.60
C CYS C 553 -3.32 9.55 -22.27
N LEU C 554 -2.92 9.48 -23.54
CA LEU C 554 -2.48 10.65 -24.30
C LEU C 554 -3.23 10.69 -25.61
N PRO C 555 -4.50 11.11 -25.60
CA PRO C 555 -5.34 11.01 -26.80
C PRO C 555 -5.13 12.12 -27.83
N PHE C 556 -4.12 12.96 -27.68
CA PHE C 556 -3.98 14.09 -28.59
C PHE C 556 -3.40 13.69 -29.95
N TYR C 557 -2.72 12.56 -30.05
CA TYR C 557 -2.20 12.12 -31.34
C TYR C 557 -3.10 11.14 -32.05
N PHE C 558 -3.87 10.34 -31.31
CA PHE C 558 -4.74 9.31 -31.86
C PHE C 558 -6.14 9.85 -32.13
N LEU C 559 -6.21 10.96 -32.85
CA LEU C 559 -7.49 11.60 -33.14
C LEU C 559 -8.18 10.93 -34.34
N THR D 9 -2.25 30.99 -23.80
CA THR D 9 -1.44 29.80 -23.52
C THR D 9 -1.42 28.85 -24.71
N THR D 10 -0.23 28.59 -25.23
CA THR D 10 -0.08 27.69 -26.37
C THR D 10 -0.36 26.25 -25.95
N SER D 11 -1.07 25.52 -26.80
CA SER D 11 -1.44 24.13 -26.54
C SER D 11 -0.83 23.22 -27.60
N ILE D 12 -1.01 21.92 -27.42
CA ILE D 12 -0.45 20.95 -28.35
C ILE D 12 -1.18 21.00 -29.68
N THR D 13 -2.45 21.43 -29.68
CA THR D 13 -3.16 21.62 -30.94
C THR D 13 -2.48 22.69 -31.80
N ASP D 14 -2.00 23.75 -31.15
CA ASP D 14 -1.24 24.76 -31.87
C ASP D 14 0.06 24.19 -32.42
N LEU D 15 0.71 23.30 -31.66
CA LEU D 15 1.92 22.66 -32.16
C LEU D 15 1.64 21.82 -33.40
N TYR D 16 0.55 21.04 -33.37
CA TYR D 16 0.20 20.23 -34.52
C TYR D 16 -0.16 21.10 -35.71
N ASN D 17 -0.87 22.22 -35.47
CA ASN D 17 -1.19 23.13 -36.56
C ASN D 17 0.07 23.74 -37.17
N GLU D 18 1.04 24.10 -36.33
CA GLU D 18 2.29 24.65 -36.84
C GLU D 18 3.08 23.60 -37.62
N VAL D 19 3.07 22.35 -37.15
CA VAL D 19 3.75 21.29 -37.87
C VAL D 19 3.10 21.05 -39.22
N ALA D 20 1.78 21.01 -39.27
CA ALA D 20 1.08 20.80 -40.52
C ALA D 20 1.24 21.99 -41.47
N LYS D 21 1.41 23.19 -40.92
CA LYS D 21 1.55 24.37 -41.77
C LYS D 21 2.92 24.41 -42.44
N SER D 22 3.96 23.99 -41.74
CA SER D 22 5.31 24.03 -42.28
C SER D 22 5.52 22.89 -43.26
N ASP D 23 6.19 23.19 -44.37
CA ASP D 23 6.47 22.21 -45.41
C ASP D 23 7.85 21.59 -45.28
N LEU D 24 8.58 21.91 -44.21
CA LEU D 24 9.92 21.37 -44.05
C LEU D 24 9.88 19.86 -43.85
N GLY D 25 10.84 19.17 -44.48
CA GLY D 25 10.90 17.73 -44.41
C GLY D 25 10.04 17.00 -45.41
N LEU D 26 9.41 17.71 -46.35
CA LEU D 26 8.58 17.08 -47.35
C LEU D 26 9.23 17.13 -48.73
N ALA D 33 15.40 6.46 -52.29
CA ALA D 33 15.04 5.18 -51.70
C ALA D 33 14.52 5.37 -50.28
N ASN D 34 14.13 4.26 -49.65
CA ASN D 34 13.58 4.27 -48.29
C ASN D 34 14.37 3.26 -47.45
N PRO D 35 15.52 3.67 -46.91
CA PRO D 35 16.30 2.75 -46.08
C PRO D 35 15.59 2.40 -44.78
N LEU D 36 15.94 1.24 -44.24
CA LEU D 36 15.35 0.80 -42.98
C LEU D 36 15.75 1.74 -41.86
N VAL D 37 14.77 2.15 -41.06
CA VAL D 37 14.97 3.08 -39.96
C VAL D 37 14.60 2.37 -38.67
N SER D 38 15.53 2.32 -37.73
CA SER D 38 15.30 1.67 -36.44
C SER D 38 15.10 2.75 -35.38
N ILE D 39 13.95 2.70 -34.72
CA ILE D 39 13.64 3.63 -33.63
C ILE D 39 13.82 2.86 -32.32
N ILE D 40 14.68 3.39 -31.46
CA ILE D 40 15.08 2.69 -30.24
C ILE D 40 14.41 3.37 -29.06
N MET D 41 13.62 2.60 -28.32
CA MET D 41 12.88 3.07 -27.17
C MET D 41 13.47 2.47 -25.91
N THR D 42 13.53 3.27 -24.85
CA THR D 42 14.01 2.81 -23.55
C THR D 42 12.87 2.93 -22.55
N SER D 43 12.53 1.84 -21.89
CA SER D 43 11.40 1.80 -20.97
C SER D 43 11.88 1.43 -19.58
N HIS D 44 11.39 2.14 -18.57
CA HIS D 44 11.69 1.85 -17.18
C HIS D 44 10.54 2.37 -16.33
N ASN D 45 9.66 1.45 -15.89
CA ASN D 45 8.51 1.77 -15.06
C ASN D 45 7.62 2.83 -15.70
N THR D 46 7.41 2.70 -17.01
CA THR D 46 6.56 3.62 -17.77
C THR D 46 5.41 2.86 -18.44
N ALA D 47 4.80 1.94 -17.69
CA ALA D 47 3.70 1.14 -18.24
C ALA D 47 2.49 1.98 -18.61
N GLN D 48 2.33 3.16 -18.00
CA GLN D 48 1.18 3.99 -18.31
C GLN D 48 1.31 4.66 -19.67
N PHE D 49 2.54 4.85 -20.15
CA PHE D 49 2.77 5.62 -21.36
C PHE D 49 3.44 4.84 -22.49
N ILE D 50 3.99 3.65 -22.22
CA ILE D 50 4.75 2.95 -23.25
C ILE D 50 3.83 2.48 -24.37
N GLU D 51 2.61 2.06 -24.04
CA GLU D 51 1.68 1.62 -25.07
C GLU D 51 1.32 2.77 -25.98
N ALA D 52 1.06 3.96 -25.41
CA ALA D 52 0.78 5.13 -26.23
C ALA D 52 1.97 5.50 -27.09
N SER D 53 3.19 5.38 -26.53
CA SER D 53 4.38 5.70 -27.31
C SER D 53 4.54 4.77 -28.51
N ILE D 54 4.35 3.47 -28.29
CA ILE D 54 4.47 2.51 -29.39
C ILE D 54 3.38 2.72 -30.41
N ASN D 55 2.16 3.06 -29.95
CA ASN D 55 1.09 3.35 -30.90
C ASN D 55 1.43 4.57 -31.74
N SER D 56 2.03 5.60 -31.13
CA SER D 56 2.43 6.78 -31.87
C SER D 56 3.53 6.45 -32.88
N LEU D 57 4.45 5.58 -32.51
CA LEU D 57 5.52 5.18 -33.43
C LEU D 57 4.98 4.35 -34.58
N LEU D 58 3.97 3.51 -34.32
CA LEU D 58 3.40 2.70 -35.38
C LEU D 58 2.53 3.50 -36.34
N LEU D 59 2.14 4.72 -35.97
CA LEU D 59 1.32 5.57 -36.83
C LEU D 59 2.14 6.48 -37.73
N GLN D 60 3.47 6.33 -37.73
CA GLN D 60 4.32 7.18 -38.56
C GLN D 60 4.07 6.90 -40.04
N THR D 61 4.13 7.96 -40.84
CA THR D 61 3.92 7.81 -42.27
C THR D 61 5.07 7.07 -42.95
N TYR D 62 6.23 7.03 -42.33
CA TYR D 62 7.37 6.27 -42.87
C TYR D 62 7.14 4.80 -42.56
N LYS D 63 6.69 4.05 -43.58
CA LYS D 63 6.29 2.66 -43.36
C LYS D 63 7.47 1.77 -43.07
N ASN D 64 8.58 1.95 -43.79
CA ASN D 64 9.74 1.08 -43.66
C ASN D 64 10.50 1.44 -42.38
N ILE D 65 9.95 1.00 -41.25
CA ILE D 65 10.55 1.24 -39.95
C ILE D 65 10.49 -0.03 -39.12
N GLU D 66 11.38 -0.10 -38.13
CA GLU D 66 11.34 -1.12 -37.09
C GLU D 66 11.52 -0.44 -35.76
N ILE D 67 10.95 -1.02 -34.71
CA ILE D 67 10.92 -0.43 -33.38
C ILE D 67 11.64 -1.39 -32.44
N ILE D 68 12.85 -1.04 -32.04
CA ILE D 68 13.62 -1.83 -31.08
C ILE D 68 13.39 -1.21 -29.70
N ILE D 69 12.80 -1.98 -28.80
CA ILE D 69 12.46 -1.52 -27.46
C ILE D 69 13.32 -2.27 -26.46
N VAL D 70 13.93 -1.54 -25.54
CA VAL D 70 14.77 -2.11 -24.49
C VAL D 70 14.20 -1.70 -23.14
N ASP D 71 13.96 -2.69 -22.29
CA ASP D 71 13.39 -2.45 -20.96
C ASP D 71 14.51 -2.47 -19.93
N ASP D 72 14.60 -1.38 -19.15
CA ASP D 72 15.68 -1.22 -18.19
C ASP D 72 15.28 -1.78 -16.82
N ASP D 73 14.89 -3.07 -16.85
CA ASP D 73 14.51 -3.81 -15.64
C ASP D 73 13.36 -3.11 -14.90
N SER D 74 12.24 -2.97 -15.59
CA SER D 74 11.07 -2.36 -14.99
C SER D 74 10.47 -3.28 -13.94
N SER D 75 9.94 -2.68 -12.87
CA SER D 75 9.28 -3.43 -11.81
C SER D 75 7.78 -3.58 -12.01
N ASP D 76 7.21 -2.88 -12.98
CA ASP D 76 5.80 -2.95 -13.31
C ASP D 76 5.61 -3.80 -14.55
N ASN D 77 4.41 -3.78 -15.13
CA ASN D 77 4.05 -4.63 -16.28
C ASN D 77 4.40 -3.96 -17.60
N THR D 78 5.41 -3.10 -17.60
CA THR D 78 5.86 -2.45 -18.84
C THR D 78 6.35 -3.47 -19.86
N PHE D 79 7.16 -4.44 -19.40
CA PHE D 79 7.69 -5.44 -20.31
C PHE D 79 6.58 -6.34 -20.86
N GLU D 80 5.55 -6.60 -20.06
CA GLU D 80 4.44 -7.42 -20.55
C GLU D 80 3.70 -6.72 -21.69
N ILE D 81 3.44 -5.42 -21.54
CA ILE D 81 2.79 -4.65 -22.60
C ILE D 81 3.67 -4.60 -23.84
N ALA D 82 4.97 -4.38 -23.64
CA ALA D 82 5.89 -4.33 -24.78
C ALA D 82 5.94 -5.67 -25.51
N SER D 83 5.98 -6.77 -24.76
CA SER D 83 5.99 -8.10 -25.39
C SER D 83 4.69 -8.38 -26.12
N ARG D 84 3.55 -7.97 -25.55
CA ARG D 84 2.28 -8.16 -26.24
C ARG D 84 2.24 -7.40 -27.55
N ILE D 85 2.69 -6.14 -27.53
CA ILE D 85 2.67 -5.35 -28.76
C ILE D 85 3.67 -5.92 -29.78
N ALA D 86 4.81 -6.41 -29.30
CA ALA D 86 5.76 -7.05 -30.21
C ALA D 86 5.20 -8.31 -30.82
N ASN D 87 4.34 -9.02 -30.09
CA ASN D 87 3.68 -10.19 -30.65
C ASN D 87 2.58 -9.81 -31.64
N THR D 88 1.95 -8.64 -31.45
CA THR D 88 0.88 -8.24 -32.37
C THR D 88 1.41 -7.96 -33.77
N THR D 89 2.55 -7.27 -33.88
CA THR D 89 3.06 -6.83 -35.17
C THR D 89 4.54 -7.17 -35.29
N SER D 90 4.99 -7.31 -36.54
CA SER D 90 6.37 -7.69 -36.82
C SER D 90 7.33 -6.50 -36.82
N LYS D 91 6.83 -5.28 -36.70
CA LYS D 91 7.68 -4.10 -36.69
C LYS D 91 8.28 -3.80 -35.33
N VAL D 92 7.90 -4.53 -34.30
CA VAL D 92 8.33 -4.26 -32.93
C VAL D 92 9.10 -5.46 -32.41
N ARG D 93 10.33 -5.22 -31.95
CA ARG D 93 11.15 -6.23 -31.32
C ARG D 93 11.58 -5.72 -29.96
N VAL D 94 11.33 -6.52 -28.91
CA VAL D 94 11.47 -6.08 -27.53
C VAL D 94 12.49 -6.97 -26.82
N PHE D 95 13.43 -6.33 -26.13
CA PHE D 95 14.39 -6.99 -25.26
C PHE D 95 14.35 -6.34 -23.89
N ARG D 96 14.71 -7.10 -22.87
CA ARG D 96 14.68 -6.61 -21.50
C ARG D 96 16.05 -6.79 -20.86
N LEU D 97 16.55 -5.73 -20.23
CA LEU D 97 17.76 -5.81 -19.44
C LEU D 97 17.43 -6.33 -18.05
N ASN D 98 18.15 -7.35 -17.61
CA ASN D 98 17.86 -7.94 -16.31
C ASN D 98 18.32 -7.06 -15.14
N SER D 99 19.12 -6.03 -15.40
CA SER D 99 19.56 -5.10 -14.37
C SER D 99 19.38 -3.68 -14.87
N ASN D 100 19.20 -2.76 -13.93
CA ASN D 100 18.98 -1.35 -14.26
C ASN D 100 20.32 -0.69 -14.51
N LEU D 101 20.57 -0.27 -15.76
CA LEU D 101 21.84 0.31 -16.15
C LEU D 101 21.71 1.68 -16.78
N GLY D 102 20.53 2.30 -16.70
CA GLY D 102 20.33 3.62 -17.27
C GLY D 102 19.77 3.55 -18.68
N THR D 103 19.36 4.72 -19.17
CA THR D 103 18.74 4.79 -20.49
C THR D 103 19.75 4.65 -21.62
N TYR D 104 20.99 5.13 -21.42
CA TYR D 104 21.96 5.11 -22.49
C TYR D 104 22.52 3.72 -22.74
N PHE D 105 22.64 2.90 -21.70
CA PHE D 105 23.00 1.50 -21.91
C PHE D 105 21.93 0.80 -22.73
N ALA D 106 20.67 1.08 -22.44
CA ALA D 106 19.58 0.51 -23.23
C ALA D 106 19.62 1.00 -24.67
N LYS D 107 19.95 2.28 -24.86
CA LYS D 107 20.07 2.82 -26.22
C LYS D 107 21.17 2.10 -26.99
N ASN D 108 22.32 1.88 -26.36
CA ASN D 108 23.42 1.18 -27.02
C ASN D 108 23.05 -0.27 -27.31
N THR D 109 22.34 -0.92 -26.39
CA THR D 109 21.88 -2.28 -26.64
C THR D 109 20.92 -2.33 -27.83
N GLY D 110 20.03 -1.34 -27.93
CA GLY D 110 19.15 -1.26 -29.07
C GLY D 110 19.90 -1.01 -30.37
N ILE D 111 20.96 -0.21 -30.31
CA ILE D 111 21.80 0.01 -31.48
C ILE D 111 22.44 -1.30 -31.93
N LEU D 112 22.96 -2.07 -30.97
CA LEU D 112 23.55 -3.36 -31.32
C LEU D 112 22.52 -4.32 -31.90
N LYS D 113 21.31 -4.33 -31.34
CA LYS D 113 20.27 -5.22 -31.82
C LYS D 113 19.57 -4.72 -33.09
N SER D 114 19.78 -3.47 -33.47
CA SER D 114 19.10 -2.92 -34.63
C SER D 114 19.73 -3.43 -35.92
N LYS D 115 18.98 -3.28 -37.01
CA LYS D 115 19.45 -3.66 -38.33
C LYS D 115 19.37 -2.56 -39.37
N GLY D 116 18.72 -1.44 -39.06
CA GLY D 116 18.56 -0.38 -40.04
C GLY D 116 19.81 0.45 -40.22
N ASP D 117 19.86 1.15 -41.35
CA ASP D 117 20.96 2.05 -41.66
C ASP D 117 20.82 3.41 -41.00
N ILE D 118 19.64 3.74 -40.50
CA ILE D 118 19.38 5.01 -39.82
C ILE D 118 18.80 4.70 -38.44
N ILE D 119 19.26 5.44 -37.43
CA ILE D 119 18.90 5.19 -36.04
C ILE D 119 18.24 6.44 -35.48
N PHE D 120 17.05 6.26 -34.90
CA PHE D 120 16.36 7.33 -34.20
C PHE D 120 16.04 6.87 -32.78
N PHE D 121 15.72 7.83 -31.92
CA PHE D 121 15.46 7.55 -30.52
C PHE D 121 14.13 8.17 -30.09
N GLN D 122 13.50 7.54 -29.10
CA GLN D 122 12.27 8.06 -28.51
C GLN D 122 12.06 7.39 -27.16
N ASP D 123 11.86 8.20 -26.13
CA ASP D 123 11.64 7.65 -24.80
C ASP D 123 10.27 7.01 -24.69
N SER D 124 10.14 6.06 -23.77
CA SER D 124 8.88 5.34 -23.62
C SER D 124 7.79 6.22 -23.02
N ASP D 125 8.15 7.15 -22.14
CA ASP D 125 7.16 8.01 -21.52
C ASP D 125 6.71 9.14 -22.43
N ASP D 126 7.32 9.29 -23.60
CA ASP D 126 7.03 10.38 -24.52
C ASP D 126 6.44 9.83 -25.81
N VAL D 127 5.70 10.68 -26.51
CA VAL D 127 5.10 10.34 -27.79
C VAL D 127 5.55 11.35 -28.82
N CYS D 128 5.46 10.96 -30.09
CA CYS D 128 5.96 11.76 -31.19
C CYS D 128 4.86 12.01 -32.21
N HIS D 129 5.05 13.07 -33.00
CA HIS D 129 4.14 13.36 -34.08
C HIS D 129 4.21 12.26 -35.14
N HIS D 130 3.09 12.06 -35.84
CA HIS D 130 3.00 10.98 -36.82
C HIS D 130 3.72 11.30 -38.12
N GLU D 131 4.50 12.38 -38.17
CA GLU D 131 5.28 12.73 -39.35
C GLU D 131 6.71 13.10 -38.98
N ARG D 132 7.16 12.73 -37.77
CA ARG D 132 8.50 13.11 -37.34
C ARG D 132 9.57 12.38 -38.14
N ILE D 133 9.44 11.07 -38.26
CA ILE D 133 10.50 10.25 -38.86
C ILE D 133 10.64 10.54 -40.34
N GLU D 134 9.52 10.74 -41.04
CA GLU D 134 9.57 11.04 -42.46
C GLU D 134 10.31 12.35 -42.72
N ARG D 135 9.93 13.40 -42.00
CA ARG D 135 10.59 14.70 -42.19
C ARG D 135 12.05 14.63 -41.80
N CYS D 136 12.37 13.96 -40.70
CA CYS D 136 13.75 13.86 -40.25
C CYS D 136 14.61 13.10 -41.25
N VAL D 137 14.09 12.00 -41.80
CA VAL D 137 14.84 11.24 -42.79
C VAL D 137 15.02 12.04 -44.07
N ASN D 138 13.99 12.78 -44.48
CA ASN D 138 14.12 13.62 -45.67
C ASN D 138 15.20 14.68 -45.48
N ILE D 139 15.22 15.32 -44.31
CA ILE D 139 16.24 16.33 -44.03
C ILE D 139 17.62 15.68 -43.97
N LEU D 140 17.72 14.50 -43.35
CA LEU D 140 19.01 13.83 -43.23
C LEU D 140 19.57 13.44 -44.59
N LEU D 141 18.74 12.92 -45.48
CA LEU D 141 19.19 12.43 -46.77
C LEU D 141 19.08 13.48 -47.87
N ALA D 142 18.68 14.71 -47.54
CA ALA D 142 18.65 15.77 -48.55
C ALA D 142 20.04 16.07 -49.07
N ASN D 143 21.03 16.10 -48.18
CA ASN D 143 22.42 16.34 -48.55
C ASN D 143 23.26 15.12 -48.17
N LYS D 144 24.15 14.74 -49.08
CA LYS D 144 24.95 13.54 -48.86
C LYS D 144 25.91 13.69 -47.68
N GLU D 145 26.50 14.88 -47.53
CA GLU D 145 27.47 15.11 -46.46
C GLU D 145 26.83 15.16 -45.08
N THR D 146 25.51 15.26 -45.00
CA THR D 146 24.83 15.30 -43.70
C THR D 146 25.02 13.99 -42.96
N ILE D 147 25.34 14.07 -41.67
CA ILE D 147 25.58 12.89 -40.87
C ILE D 147 24.53 12.70 -39.77
N ALA D 148 23.84 13.75 -39.35
CA ALA D 148 22.84 13.60 -38.30
C ALA D 148 21.84 14.75 -38.38
N VAL D 149 20.63 14.49 -37.91
CA VAL D 149 19.55 15.48 -37.91
C VAL D 149 18.86 15.41 -36.56
N ARG D 150 18.52 16.59 -36.02
CA ARG D 150 17.76 16.69 -34.78
C ARG D 150 16.61 17.66 -34.99
N CYS D 151 15.53 17.43 -34.25
CA CYS D 151 14.35 18.26 -34.33
C CYS D 151 13.95 18.72 -32.93
N ALA D 152 13.30 19.88 -32.86
CA ALA D 152 12.95 20.47 -31.59
C ALA D 152 11.89 19.64 -30.85
N TYR D 153 11.97 19.65 -29.52
CA TYR D 153 11.04 18.94 -28.65
C TYR D 153 10.31 19.94 -27.76
N SER D 154 9.38 19.43 -26.96
CA SER D 154 8.62 20.27 -26.04
C SER D 154 8.19 19.46 -24.83
N ARG D 155 7.83 20.16 -23.76
CA ARG D 155 7.39 19.55 -22.52
C ARG D 155 5.88 19.74 -22.38
N LEU D 156 5.18 18.67 -22.02
CA LEU D 156 3.73 18.68 -21.90
C LEU D 156 3.29 18.08 -20.58
N ALA D 157 2.22 18.63 -20.02
CA ALA D 157 1.62 18.06 -18.83
C ALA D 157 0.65 16.96 -19.25
N PRO D 158 0.78 15.73 -18.74
CA PRO D 158 -0.11 14.64 -19.18
C PRO D 158 -1.56 14.85 -18.82
N GLU D 159 -1.86 15.67 -17.82
CA GLU D 159 -3.25 15.85 -17.38
C GLU D 159 -3.99 16.85 -18.26
N THR D 160 -3.51 18.09 -18.30
CA THR D 160 -4.20 19.15 -19.04
C THR D 160 -3.79 19.23 -20.50
N GLN D 161 -2.78 18.45 -20.92
CA GLN D 161 -2.25 18.46 -22.28
C GLN D 161 -1.74 19.84 -22.71
N HIS D 162 -1.38 20.68 -21.76
CA HIS D 162 -0.84 21.99 -22.05
C HIS D 162 0.68 21.90 -22.25
N ILE D 163 1.26 23.02 -22.66
CA ILE D 163 2.70 23.09 -22.94
C ILE D 163 3.41 23.64 -21.71
N ILE D 164 4.42 22.90 -21.24
CA ILE D 164 5.27 23.35 -20.15
C ILE D 164 6.44 24.08 -20.78
N LYS D 165 6.38 25.41 -20.81
CA LYS D 165 7.43 26.19 -21.42
C LYS D 165 8.73 26.06 -20.63
N VAL D 166 9.83 25.87 -21.36
CA VAL D 166 11.16 25.73 -20.77
C VAL D 166 11.99 26.94 -21.20
N ASN D 167 12.50 27.67 -20.20
CA ASN D 167 13.28 28.89 -20.44
C ASN D 167 12.51 29.89 -21.30
N ASN D 168 11.21 30.01 -21.01
CA ASN D 168 10.31 30.95 -21.69
C ASN D 168 10.26 30.70 -23.19
N MET D 169 10.33 29.43 -23.59
CA MET D 169 10.21 29.05 -24.99
C MET D 169 9.31 27.82 -25.10
N ASP D 170 8.44 27.82 -26.11
CA ASP D 170 7.50 26.72 -26.28
C ASP D 170 8.23 25.43 -26.64
N TYR D 171 9.10 25.47 -27.64
CA TYR D 171 9.87 24.30 -28.05
C TYR D 171 11.31 24.70 -28.27
N ARG D 172 12.21 23.77 -27.95
CA ARG D 172 13.64 23.99 -28.06
C ARG D 172 14.30 22.75 -28.68
N LEU D 173 15.44 22.96 -29.30
CA LEU D 173 16.18 21.85 -29.88
C LEU D 173 16.72 20.94 -28.78
N GLY D 174 16.59 19.63 -28.98
CA GLY D 174 17.00 18.67 -27.98
C GLY D 174 17.98 17.65 -28.50
N PHE D 175 18.29 16.65 -27.67
CA PHE D 175 19.25 15.62 -28.05
C PHE D 175 18.64 14.23 -28.13
N ILE D 176 17.50 13.99 -27.48
CA ILE D 176 16.82 12.70 -27.61
C ILE D 176 16.28 12.52 -29.03
N THR D 177 15.89 13.62 -29.68
CA THR D 177 15.34 13.56 -31.02
C THR D 177 16.40 13.45 -32.11
N LEU D 178 17.68 13.46 -31.74
CA LEU D 178 18.74 13.40 -32.72
C LEU D 178 18.78 12.04 -33.41
N GLY D 179 18.82 12.06 -34.73
CA GLY D 179 18.91 10.83 -35.50
C GLY D 179 20.07 10.90 -36.47
N MET D 180 20.71 9.76 -36.69
CA MET D 180 21.94 9.71 -37.47
C MET D 180 22.00 8.39 -38.22
N HIS D 181 23.08 8.21 -38.98
CA HIS D 181 23.30 6.99 -39.73
C HIS D 181 23.81 5.88 -38.82
N ARG D 182 23.75 4.65 -39.32
CA ARG D 182 24.25 3.51 -38.56
C ARG D 182 25.77 3.55 -38.42
N LYS D 183 26.46 4.07 -39.44
CA LYS D 183 27.92 4.09 -39.41
C LYS D 183 28.49 5.09 -38.42
N VAL D 184 27.66 5.97 -37.84
CA VAL D 184 28.15 6.93 -36.86
C VAL D 184 28.63 6.21 -35.61
N PHE D 185 27.88 5.20 -35.16
CA PHE D 185 28.22 4.55 -33.90
C PHE D 185 29.42 3.62 -34.01
N GLN D 186 29.83 3.25 -35.22
CA GLN D 186 31.00 2.40 -35.40
C GLN D 186 32.28 3.19 -35.66
N GLU D 187 32.21 4.52 -35.68
CA GLU D 187 33.38 5.36 -35.90
C GLU D 187 33.79 6.18 -34.70
N ILE D 188 32.85 6.55 -33.83
CA ILE D 188 33.17 7.36 -32.66
C ILE D 188 32.61 6.68 -31.42
N GLY D 189 32.42 5.38 -31.49
CA GLY D 189 31.89 4.68 -30.33
C GLY D 189 30.40 4.90 -30.15
N PHE D 190 29.93 4.53 -28.97
CA PHE D 190 28.51 4.59 -28.63
C PHE D 190 28.30 5.63 -27.53
N PHE D 191 27.07 5.70 -27.03
CA PHE D 191 26.76 6.61 -25.93
C PHE D 191 27.54 6.23 -24.69
N ASN D 192 27.96 7.24 -23.93
CA ASN D 192 28.61 6.98 -22.65
C ASN D 192 27.61 6.42 -21.66
N CYS D 193 27.98 5.32 -20.99
CA CYS D 193 27.06 4.60 -20.13
C CYS D 193 26.97 5.34 -18.78
N THR D 194 26.19 6.40 -18.77
CA THR D 194 25.91 7.18 -17.56
C THR D 194 24.41 7.26 -17.35
N THR D 195 24.03 7.69 -16.14
CA THR D 195 22.61 7.82 -15.83
C THR D 195 21.95 8.92 -16.66
N LYS D 196 22.62 10.06 -16.81
CA LYS D 196 22.03 11.19 -17.50
C LYS D 196 23.13 12.10 -18.01
N GLY D 197 22.77 12.95 -18.98
CA GLY D 197 23.70 13.89 -19.55
C GLY D 197 24.58 13.34 -20.66
N SER D 198 24.46 12.05 -20.99
CA SER D 198 25.29 11.46 -22.03
C SER D 198 24.87 11.87 -23.43
N ASP D 199 23.62 12.30 -23.61
CA ASP D 199 23.17 12.72 -24.93
C ASP D 199 23.91 13.99 -25.38
N ASP D 200 24.08 14.94 -24.47
CA ASP D 200 24.85 16.15 -24.79
C ASP D 200 26.30 15.80 -25.12
N GLU D 201 26.88 14.87 -24.36
CA GLU D 201 28.25 14.45 -24.64
C GLU D 201 28.37 13.80 -26.00
N PHE D 202 27.41 12.94 -26.36
CA PHE D 202 27.45 12.30 -27.66
C PHE D 202 27.26 13.31 -28.79
N PHE D 203 26.36 14.28 -28.62
CA PHE D 203 26.16 15.30 -29.63
C PHE D 203 27.41 16.14 -29.82
N HIS D 204 28.06 16.54 -28.72
CA HIS D 204 29.29 17.30 -28.84
C HIS D 204 30.41 16.46 -29.44
N ARG D 205 30.43 15.15 -29.17
CA ARG D 205 31.40 14.27 -29.81
C ARG D 205 31.20 14.24 -31.31
N ILE D 206 29.95 14.15 -31.76
CA ILE D 206 29.66 14.16 -33.19
C ILE D 206 30.09 15.49 -33.80
N ALA D 207 29.80 16.60 -33.12
CA ALA D 207 30.19 17.90 -33.63
C ALA D 207 31.70 18.05 -33.72
N LYS D 208 32.42 17.52 -32.73
CA LYS D 208 33.88 17.60 -32.75
C LYS D 208 34.47 16.74 -33.86
N TYR D 209 33.92 15.55 -34.06
CA TYR D 209 34.48 14.64 -35.06
C TYR D 209 34.13 15.10 -36.48
N TYR D 210 32.83 15.15 -36.80
CA TYR D 210 32.43 15.47 -38.17
C TYR D 210 32.42 16.97 -38.40
N GLY D 211 31.65 17.71 -37.62
CA GLY D 211 31.57 19.15 -37.75
C GLY D 211 30.15 19.66 -37.53
N LYS D 212 30.06 20.94 -37.18
CA LYS D 212 28.74 21.55 -36.97
C LYS D 212 27.94 21.62 -38.26
N GLU D 213 28.61 21.73 -39.40
CA GLU D 213 27.92 21.76 -40.68
C GLU D 213 27.31 20.41 -41.03
N LYS D 214 27.75 19.34 -40.38
CA LYS D 214 27.25 18.01 -40.64
C LYS D 214 25.99 17.67 -39.85
N ILE D 215 25.51 18.60 -39.02
CA ILE D 215 24.32 18.39 -38.20
C ILE D 215 23.22 19.31 -38.72
N LYS D 216 22.03 18.76 -38.95
CA LYS D 216 20.90 19.54 -39.39
C LYS D 216 19.92 19.74 -38.23
N ASN D 217 19.29 20.90 -38.20
CA ASN D 217 18.33 21.27 -37.16
C ASN D 217 16.97 21.52 -37.79
N LEU D 218 15.93 20.98 -37.18
CA LEU D 218 14.56 21.15 -37.64
C LEU D 218 13.75 21.80 -36.53
N LEU D 219 13.42 23.08 -36.72
CA LEU D 219 12.68 23.84 -35.71
C LEU D 219 11.19 23.54 -35.83
N LEU D 220 10.85 22.28 -35.53
CA LEU D 220 9.48 21.81 -35.54
C LEU D 220 9.25 20.98 -34.29
N PRO D 221 8.15 21.19 -33.57
CA PRO D 221 7.85 20.40 -32.36
C PRO D 221 7.36 19.00 -32.70
N LEU D 222 8.27 18.18 -33.22
CA LEU D 222 7.95 16.82 -33.64
C LEU D 222 8.05 15.82 -32.51
N TYR D 223 8.50 16.23 -31.33
CA TYR D 223 8.63 15.34 -30.19
C TYR D 223 7.97 16.01 -28.98
N TYR D 224 7.40 15.19 -28.11
CA TYR D 224 6.60 15.68 -26.98
C TYR D 224 7.04 14.97 -25.71
N ASN D 225 7.93 15.60 -24.95
CA ASN D 225 8.38 15.05 -23.68
C ASN D 225 7.31 15.22 -22.63
N THR D 226 6.79 14.12 -22.10
CA THR D 226 5.78 14.19 -21.05
C THR D 226 6.43 14.59 -19.74
N MET D 227 5.85 15.59 -19.07
CA MET D 227 6.39 16.10 -17.82
C MET D 227 5.78 15.31 -16.67
N ARG D 228 6.56 14.42 -16.08
CA ARG D 228 6.13 13.62 -14.94
C ARG D 228 7.13 13.75 -13.82
N GLU D 229 6.63 13.64 -12.59
CA GLU D 229 7.45 13.87 -11.41
C GLU D 229 8.46 12.73 -11.23
N ASN D 230 9.54 13.05 -10.51
CA ASN D 230 10.61 12.10 -10.18
C ASN D 230 11.22 11.47 -11.44
N SER D 231 11.40 12.30 -12.47
CA SER D 231 12.07 11.84 -13.68
C SER D 231 13.56 12.12 -13.57
N LEU D 232 14.31 11.89 -14.65
CA LEU D 232 15.75 12.04 -14.59
C LEU D 232 16.17 13.51 -14.56
N PHE D 233 15.44 14.35 -15.30
CA PHE D 233 15.85 15.74 -15.47
C PHE D 233 15.21 16.68 -14.46
N THR D 234 14.47 16.15 -13.49
CA THR D 234 13.85 16.99 -12.47
C THR D 234 14.87 17.74 -11.63
N ASP D 235 16.12 17.28 -11.58
CA ASP D 235 17.16 18.01 -10.89
C ASP D 235 17.46 19.35 -11.56
N MET D 236 17.14 19.49 -12.84
CA MET D 236 17.35 20.74 -13.56
C MET D 236 16.16 21.67 -13.53
N VAL D 237 15.03 21.24 -12.97
CA VAL D 237 13.78 21.98 -13.10
C VAL D 237 13.60 22.88 -11.88
N GLU D 238 13.39 24.17 -12.14
CA GLU D 238 12.91 25.11 -11.15
C GLU D 238 11.54 25.59 -11.58
N TRP D 239 10.53 25.37 -10.75
CA TRP D 239 9.15 25.66 -11.10
C TRP D 239 8.82 27.12 -10.82
N ILE D 240 8.26 27.79 -11.82
CA ILE D 240 7.73 29.14 -11.66
C ILE D 240 6.21 29.12 -11.55
N ASP D 241 5.54 28.43 -12.47
CA ASP D 241 4.10 28.26 -12.42
C ASP D 241 3.78 26.92 -13.09
N ASN D 242 2.51 26.72 -13.42
CA ASN D 242 2.10 25.46 -14.05
C ASN D 242 2.43 25.39 -15.53
N HIS D 243 2.90 26.48 -16.13
CA HIS D 243 3.21 26.51 -17.56
C HIS D 243 4.60 27.03 -17.87
N ASN D 244 5.43 27.30 -16.86
CA ASN D 244 6.77 27.81 -17.08
C ASN D 244 7.74 27.19 -16.10
N ILE D 245 8.87 26.69 -16.60
CA ILE D 245 9.94 26.15 -15.77
C ILE D 245 11.27 26.70 -16.27
N ILE D 246 12.29 26.62 -15.41
CA ILE D 246 13.64 27.03 -15.73
C ILE D 246 14.53 25.80 -15.66
N GLN D 247 15.29 25.54 -16.73
CA GLN D 247 16.16 24.39 -16.82
C GLN D 247 17.61 24.86 -16.71
N LYS D 248 18.27 24.47 -15.63
CA LYS D 248 19.68 24.79 -15.40
C LYS D 248 20.41 23.54 -14.95
N MET D 249 21.61 23.34 -15.46
CA MET D 249 22.40 22.15 -15.13
C MET D 249 22.81 22.17 -13.66
N SER D 250 22.74 21.01 -13.02
CA SER D 250 23.10 20.89 -11.62
C SER D 250 24.62 20.89 -11.46
N ASP D 251 25.08 20.76 -10.22
CA ASP D 251 26.52 20.74 -9.96
C ASP D 251 27.17 19.52 -10.57
N THR D 252 26.57 18.34 -10.39
CA THR D 252 27.12 17.12 -10.99
C THR D 252 27.04 17.18 -12.51
N ARG D 253 25.94 17.70 -13.05
CA ARG D 253 25.83 17.85 -14.50
C ARG D 253 26.87 18.82 -15.04
N GLN D 254 27.11 19.92 -14.32
CA GLN D 254 28.14 20.86 -14.76
C GLN D 254 29.53 20.25 -14.69
N HIS D 255 29.79 19.46 -13.64
CA HIS D 255 31.09 18.79 -13.54
C HIS D 255 31.28 17.79 -14.67
N TYR D 256 30.23 17.05 -15.02
CA TYR D 256 30.31 16.14 -16.15
C TYR D 256 30.51 16.89 -17.47
N ALA D 257 29.83 18.03 -17.62
CA ALA D 257 29.95 18.81 -18.85
C ALA D 257 31.36 19.35 -19.02
N THR D 258 31.94 19.87 -17.95
CA THR D 258 33.32 20.33 -18.01
C THR D 258 34.30 19.18 -18.20
N LEU D 259 33.92 17.96 -17.80
CA LEU D 259 34.83 16.83 -17.86
C LEU D 259 35.09 16.41 -19.31
N PHE D 260 34.04 16.28 -20.11
CA PHE D 260 34.21 15.75 -21.46
C PHE D 260 34.60 16.82 -22.47
N GLN D 261 34.27 18.09 -22.23
CA GLN D 261 34.68 19.14 -23.15
C GLN D 261 36.19 19.26 -23.21
N ALA D 262 36.86 19.18 -22.06
CA ALA D 262 38.31 19.10 -22.04
C ALA D 262 38.81 17.78 -22.61
N MET D 263 38.06 16.70 -22.38
CA MET D 263 38.46 15.40 -22.91
C MET D 263 38.39 15.37 -24.42
N HIS D 264 37.42 16.07 -25.01
CA HIS D 264 37.34 16.14 -26.47
C HIS D 264 38.56 16.84 -27.06
N ASN D 265 39.04 17.89 -26.40
CA ASN D 265 40.21 18.60 -26.89
C ASN D 265 41.50 17.84 -26.62
N GLU D 266 41.56 17.09 -25.52
CA GLU D 266 42.78 16.41 -25.13
C GLU D 266 42.90 15.00 -25.70
N THR D 267 41.92 14.56 -26.50
CA THR D 267 41.96 13.24 -27.11
C THR D 267 41.75 13.37 -28.61
N ALA D 268 42.53 12.62 -29.38
CA ALA D 268 42.37 12.62 -30.83
C ALA D 268 41.01 12.06 -31.22
N SER D 269 40.48 12.56 -32.34
CA SER D 269 39.14 12.16 -32.77
C SER D 269 39.10 10.67 -33.10
N HIS D 270 40.10 10.17 -33.84
CA HIS D 270 40.12 8.77 -34.21
C HIS D 270 40.27 7.84 -33.00
N ASP D 271 40.69 8.39 -31.86
CA ASP D 271 40.77 7.60 -30.64
C ASP D 271 39.42 7.40 -29.96
N PHE D 272 38.38 8.15 -30.38
CA PHE D 272 37.08 8.03 -29.75
C PHE D 272 36.52 6.62 -29.88
N LYS D 273 36.69 6.00 -31.06
CA LYS D 273 36.27 4.62 -31.25
C LYS D 273 36.92 3.68 -30.25
N ASN D 274 38.16 3.97 -29.84
CA ASN D 274 38.87 3.16 -28.88
C ASN D 274 38.57 3.55 -27.44
N LEU D 275 37.77 4.58 -27.22
CA LEU D 275 37.52 5.07 -25.87
C LEU D 275 36.13 4.75 -25.36
N PHE D 276 35.12 4.75 -26.22
CA PHE D 276 33.73 4.52 -25.82
C PHE D 276 33.19 3.24 -26.44
N GLN D 277 33.97 2.17 -26.37
CA GLN D 277 33.53 0.89 -26.90
C GLN D 277 32.39 0.34 -26.06
N PHE D 278 31.40 -0.27 -26.73
CA PHE D 278 30.27 -0.88 -26.08
C PHE D 278 30.14 -2.33 -26.54
N PRO D 279 29.80 -3.26 -25.64
CA PRO D 279 29.47 -3.10 -24.21
C PRO D 279 30.69 -2.87 -23.33
N ARG D 280 30.51 -2.23 -22.18
CA ARG D 280 31.59 -1.94 -21.26
C ARG D 280 31.09 -2.05 -19.84
N ILE D 281 32.01 -2.29 -18.91
CA ILE D 281 31.69 -2.39 -17.49
C ILE D 281 32.45 -1.36 -16.65
N TYR D 282 33.28 -0.53 -17.27
CA TYR D 282 34.00 0.52 -16.57
C TYR D 282 33.65 1.88 -17.17
N ASP D 283 33.60 2.89 -16.32
CA ASP D 283 33.28 4.24 -16.79
C ASP D 283 34.43 4.78 -17.63
N ALA D 284 34.10 5.34 -18.79
CA ALA D 284 35.11 5.94 -19.64
C ALA D 284 35.56 7.30 -19.13
N LEU D 285 34.80 7.90 -18.22
CA LEU D 285 35.13 9.20 -17.65
C LEU D 285 35.05 9.12 -16.13
N PRO D 286 35.86 9.90 -15.43
CA PRO D 286 35.81 9.89 -13.96
C PRO D 286 34.56 10.56 -13.42
N VAL D 287 33.44 9.84 -13.41
CA VAL D 287 32.18 10.37 -12.93
C VAL D 287 31.88 9.79 -11.56
N PRO D 288 31.09 10.47 -10.72
CA PRO D 288 30.75 9.91 -9.40
C PRO D 288 29.79 8.72 -9.54
N GLN D 289 29.59 8.05 -8.41
CA GLN D 289 28.74 6.87 -8.40
C GLN D 289 27.28 7.20 -8.69
N GLU D 290 26.82 8.38 -8.28
CA GLU D 290 25.44 8.78 -8.54
C GLU D 290 25.17 9.13 -9.99
N MET D 291 26.21 9.27 -10.82
CA MET D 291 26.04 9.60 -12.22
C MET D 291 26.22 8.41 -13.15
N SER D 292 26.71 7.28 -12.66
CA SER D 292 26.92 6.09 -13.47
C SER D 292 26.24 4.91 -12.81
N LYS D 293 25.45 4.17 -13.59
CA LYS D 293 24.78 2.97 -13.11
C LYS D 293 25.49 1.69 -13.54
N LEU D 294 26.69 1.80 -14.08
CA LEU D 294 27.47 0.61 -14.40
C LEU D 294 27.91 -0.08 -13.13
N SER D 295 28.31 -1.34 -13.28
CA SER D 295 28.78 -2.11 -12.13
C SER D 295 30.06 -1.52 -11.55
N ASN D 296 31.01 -1.15 -12.42
CA ASN D 296 32.32 -0.60 -12.06
C ASN D 296 33.00 -1.45 -11.00
N PRO D 297 33.45 -2.66 -11.33
CA PRO D 297 34.09 -3.50 -10.32
C PRO D 297 35.44 -2.92 -9.89
N LYS D 298 35.77 -3.15 -8.62
CA LYS D 298 37.05 -2.72 -8.07
C LYS D 298 38.13 -3.78 -8.19
N ILE D 299 37.83 -4.90 -8.82
CA ILE D 299 38.78 -6.00 -8.99
C ILE D 299 38.75 -6.43 -10.46
N PRO D 300 39.84 -7.00 -10.98
CA PRO D 300 39.85 -7.40 -12.39
C PRO D 300 38.80 -8.47 -12.68
N VAL D 301 38.28 -8.45 -13.90
CA VAL D 301 37.24 -9.37 -14.34
C VAL D 301 37.86 -10.39 -15.29
N TYR D 302 37.65 -11.67 -14.99
CA TYR D 302 38.15 -12.76 -15.80
C TYR D 302 36.98 -13.52 -16.40
N ILE D 303 36.98 -13.69 -17.72
CA ILE D 303 35.94 -14.44 -18.42
C ILE D 303 36.58 -15.70 -18.98
N ASN D 304 36.02 -16.86 -18.64
CA ASN D 304 36.56 -18.15 -19.03
C ASN D 304 35.57 -18.85 -19.95
N ILE D 305 36.06 -19.40 -21.06
CA ILE D 305 35.19 -20.01 -22.04
C ILE D 305 35.93 -21.12 -22.75
N CYS D 306 35.23 -22.24 -22.97
CA CYS D 306 35.75 -23.36 -23.75
C CYS D 306 35.06 -23.36 -25.11
N SER D 307 35.80 -23.75 -26.14
CA SER D 307 35.26 -23.72 -27.49
C SER D 307 35.77 -24.90 -28.30
N ILE D 308 34.86 -25.51 -29.07
CA ILE D 308 35.19 -26.57 -30.02
C ILE D 308 35.13 -25.97 -31.41
N PRO D 309 35.85 -26.51 -32.41
CA PRO D 309 35.83 -25.90 -33.74
C PRO D 309 34.46 -25.85 -34.38
N SER D 310 33.59 -26.83 -34.11
CA SER D 310 32.30 -26.90 -34.78
C SER D 310 31.43 -25.68 -34.50
N ARG D 311 31.72 -24.92 -33.43
CA ARG D 311 30.98 -23.72 -33.09
C ARG D 311 31.84 -22.47 -33.18
N ILE D 312 32.90 -22.50 -34.00
CA ILE D 312 33.92 -21.44 -33.97
C ILE D 312 33.28 -20.09 -34.29
N ALA D 313 32.38 -20.03 -35.27
CA ALA D 313 31.74 -18.78 -35.62
C ALA D 313 30.97 -18.22 -34.43
N GLN D 314 30.25 -19.09 -33.71
CA GLN D 314 29.56 -18.65 -32.50
C GLN D 314 30.55 -18.04 -31.51
N LEU D 315 31.71 -18.68 -31.35
CA LEU D 315 32.74 -18.14 -30.48
C LEU D 315 33.10 -16.71 -30.87
N ARG D 316 33.23 -16.46 -32.17
CA ARG D 316 33.55 -15.12 -32.64
C ARG D 316 32.49 -14.13 -32.16
N ARG D 317 31.22 -14.50 -32.28
CA ARG D 317 30.16 -13.62 -31.82
C ARG D 317 30.29 -13.34 -30.33
N ILE D 318 30.66 -14.35 -29.55
CA ILE D 318 30.86 -14.15 -28.12
C ILE D 318 31.97 -13.14 -27.88
N ILE D 319 33.05 -13.25 -28.64
CA ILE D 319 34.11 -12.25 -28.55
C ILE D 319 33.56 -10.87 -28.87
N GLY D 320 32.74 -10.78 -29.92
CA GLY D 320 32.13 -9.53 -30.29
C GLY D 320 31.20 -8.95 -29.25
N ILE D 321 30.84 -9.72 -28.23
CA ILE D 321 30.04 -9.22 -27.13
C ILE D 321 30.80 -9.22 -25.80
N LEU D 322 32.00 -9.81 -25.76
CA LEU D 322 32.72 -9.91 -24.49
C LEU D 322 34.16 -9.43 -24.54
N LYS D 323 34.63 -8.92 -25.69
CA LYS D 323 36.02 -8.47 -25.77
C LYS D 323 36.28 -7.21 -24.96
N ASN D 324 35.25 -6.54 -24.47
CA ASN D 324 35.41 -5.34 -23.66
C ASN D 324 34.75 -5.43 -22.29
N GLN D 325 33.96 -6.46 -22.02
CA GLN D 325 33.28 -6.61 -20.75
C GLN D 325 34.12 -7.34 -19.71
N CYS D 326 35.45 -7.33 -19.85
CA CYS D 326 36.31 -8.01 -18.90
C CYS D 326 37.72 -7.44 -18.99
N ASP D 327 38.54 -7.80 -18.02
CA ASP D 327 39.95 -7.43 -18.03
C ASP D 327 40.86 -8.56 -18.48
N HIS D 328 40.37 -9.79 -18.51
CA HIS D 328 41.20 -10.91 -18.93
C HIS D 328 40.32 -12.02 -19.47
N PHE D 329 40.83 -12.75 -20.45
CA PHE D 329 40.15 -13.87 -21.06
C PHE D 329 40.93 -15.15 -20.78
N HIS D 330 40.19 -16.27 -20.74
CA HIS D 330 40.81 -17.60 -20.67
C HIS D 330 40.02 -18.51 -21.60
N ILE D 331 40.54 -18.70 -22.80
CA ILE D 331 39.87 -19.46 -23.84
C ILE D 331 40.55 -20.82 -23.95
N TYR D 332 39.76 -21.88 -23.82
CA TYR D 332 40.24 -23.25 -23.94
C TYR D 332 39.78 -23.80 -25.29
N LEU D 333 40.71 -23.89 -26.24
CA LEU D 333 40.41 -24.40 -27.57
C LEU D 333 40.56 -25.92 -27.55
N ASP D 334 39.44 -26.63 -27.60
CA ASP D 334 39.43 -28.08 -27.56
C ASP D 334 39.27 -28.60 -28.99
N GLY D 335 40.34 -29.17 -29.54
CA GLY D 335 40.31 -29.72 -30.87
C GLY D 335 40.64 -28.76 -32.00
N TYR D 336 40.93 -27.50 -31.68
CA TYR D 336 41.28 -26.53 -32.71
C TYR D 336 42.62 -26.87 -33.35
N VAL D 337 42.74 -26.56 -34.64
CA VAL D 337 43.98 -26.76 -35.36
C VAL D 337 44.90 -25.57 -35.22
N GLU D 338 44.37 -24.37 -35.42
CA GLU D 338 45.14 -23.14 -35.31
C GLU D 338 44.36 -22.12 -34.52
N ILE D 339 45.08 -21.19 -33.91
CA ILE D 339 44.44 -20.14 -33.10
C ILE D 339 43.67 -19.20 -34.03
N PRO D 340 42.39 -18.94 -33.78
CA PRO D 340 41.62 -18.05 -34.65
C PRO D 340 42.12 -16.62 -34.58
N ASP D 341 41.85 -15.88 -35.65
CA ASP D 341 42.34 -14.51 -35.76
C ASP D 341 41.73 -13.61 -34.70
N PHE D 342 40.43 -13.75 -34.43
CA PHE D 342 39.76 -12.89 -33.47
C PHE D 342 40.20 -13.15 -32.04
N ILE D 343 40.87 -14.26 -31.77
CA ILE D 343 41.42 -14.52 -30.44
C ILE D 343 42.83 -13.95 -30.32
N LYS D 344 43.68 -14.17 -31.32
CA LYS D 344 45.03 -13.63 -31.28
C LYS D 344 45.06 -12.12 -31.45
N ASN D 345 43.99 -11.52 -31.98
CA ASN D 345 43.92 -10.06 -32.06
C ASN D 345 43.80 -9.41 -30.69
N LEU D 346 43.35 -10.16 -29.67
CA LEU D 346 43.23 -9.60 -28.34
C LEU D 346 44.58 -9.33 -27.71
N GLY D 347 45.64 -10.01 -28.15
CA GLY D 347 46.96 -9.81 -27.59
C GLY D 347 47.14 -10.44 -26.24
N ASN D 348 47.78 -9.74 -25.32
CA ASN D 348 48.02 -10.26 -23.98
C ASN D 348 46.76 -10.31 -23.13
N LYS D 349 45.66 -9.71 -23.60
CA LYS D 349 44.42 -9.72 -22.83
C LYS D 349 43.85 -11.13 -22.69
N ALA D 350 44.13 -12.01 -23.64
CA ALA D 350 43.58 -13.37 -23.66
C ALA D 350 44.70 -14.38 -23.50
N THR D 351 44.50 -15.34 -22.61
CA THR D 351 45.41 -16.47 -22.45
C THR D 351 44.70 -17.73 -22.94
N VAL D 352 45.32 -18.45 -23.87
CA VAL D 352 44.67 -19.53 -24.59
C VAL D 352 45.33 -20.85 -24.19
N VAL D 353 44.50 -21.85 -23.89
CA VAL D 353 44.96 -23.20 -23.65
C VAL D 353 44.60 -24.03 -24.87
N HIS D 354 45.62 -24.58 -25.53
CA HIS D 354 45.46 -25.18 -26.85
C HIS D 354 45.82 -26.66 -26.85
N CYS D 355 45.29 -27.41 -25.88
CA CYS D 355 45.49 -28.86 -25.85
C CYS D 355 44.91 -29.50 -27.10
N LYS D 356 45.79 -30.11 -27.90
CA LYS D 356 45.41 -30.67 -29.19
C LYS D 356 44.99 -32.13 -29.11
N ASP D 357 45.11 -32.77 -27.94
CA ASP D 357 44.80 -34.18 -27.79
C ASP D 357 43.46 -34.33 -27.06
N LYS D 358 42.56 -35.10 -27.67
CA LYS D 358 41.25 -35.31 -27.06
C LYS D 358 41.31 -36.22 -25.85
N ASP D 359 42.23 -37.19 -25.85
CA ASP D 359 42.35 -38.09 -24.71
C ASP D 359 42.81 -37.36 -23.47
N ASN D 360 43.76 -36.42 -23.62
CA ASN D 360 44.22 -35.60 -22.51
C ASN D 360 43.39 -34.35 -22.30
N SER D 361 42.36 -34.14 -23.12
CA SER D 361 41.52 -32.96 -22.98
C SER D 361 40.63 -33.07 -21.75
N ILE D 362 40.23 -31.91 -21.24
CA ILE D 362 39.34 -31.82 -20.07
C ILE D 362 38.00 -31.21 -20.40
N ARG D 363 37.79 -30.74 -21.63
CA ARG D 363 36.50 -30.25 -22.12
C ARG D 363 36.08 -29.05 -21.29
N ASP D 364 34.92 -29.06 -20.62
CA ASP D 364 34.42 -27.88 -19.94
C ASP D 364 35.22 -27.55 -18.68
N ASN D 365 35.94 -28.51 -18.12
CA ASN D 365 36.72 -28.25 -16.90
C ASN D 365 37.77 -27.18 -17.12
N GLY D 366 38.19 -26.96 -18.37
CA GLY D 366 39.12 -25.88 -18.66
C GLY D 366 38.63 -24.52 -18.20
N LYS D 367 37.30 -24.34 -18.11
CA LYS D 367 36.74 -23.09 -17.65
C LYS D 367 37.17 -22.74 -16.23
N PHE D 368 37.67 -23.71 -15.47
CA PHE D 368 38.12 -23.45 -14.11
C PHE D 368 39.64 -23.39 -13.99
N ILE D 369 40.38 -23.57 -15.09
CA ILE D 369 41.84 -23.63 -15.02
C ILE D 369 42.40 -22.35 -14.39
N LEU D 370 41.98 -21.20 -14.92
CA LEU D 370 42.45 -19.92 -14.41
C LEU D 370 42.13 -19.77 -12.92
N LEU D 371 40.99 -20.31 -12.49
CA LEU D 371 40.63 -20.23 -11.08
C LEU D 371 41.72 -20.82 -10.21
N GLU D 372 42.26 -21.98 -10.60
CA GLU D 372 43.33 -22.59 -9.83
C GLU D 372 44.53 -21.65 -9.71
N GLU D 373 44.88 -20.99 -10.83
CA GLU D 373 45.98 -20.04 -10.80
C GLU D 373 45.70 -18.91 -9.82
N LEU D 374 44.46 -18.43 -9.78
CA LEU D 374 44.11 -17.38 -8.83
C LEU D 374 44.27 -17.86 -7.39
N ILE D 375 44.00 -19.15 -7.15
CA ILE D 375 44.22 -19.70 -5.82
C ILE D 375 45.70 -19.64 -5.46
N GLU D 376 46.58 -19.82 -6.44
CA GLU D 376 48.00 -19.69 -6.20
C GLU D 376 48.47 -18.23 -6.20
N LYS D 377 47.58 -17.28 -6.49
CA LYS D 377 47.98 -15.88 -6.56
C LYS D 377 47.18 -14.97 -5.64
N ASN D 378 46.03 -15.42 -5.13
CA ASN D 378 45.16 -14.61 -4.26
C ASN D 378 44.76 -13.30 -4.93
N GLN D 379 44.54 -13.35 -6.24
CA GLN D 379 44.09 -12.18 -7.00
C GLN D 379 42.57 -12.17 -7.00
N ASP D 380 41.99 -11.26 -6.24
CA ASP D 380 40.53 -11.16 -6.16
C ASP D 380 39.96 -10.70 -7.51
N GLY D 381 38.77 -11.19 -7.82
CA GLY D 381 38.15 -10.85 -9.08
C GLY D 381 36.78 -11.48 -9.19
N TYR D 382 36.15 -11.26 -10.34
CA TYR D 382 34.82 -11.81 -10.63
C TYR D 382 35.00 -12.88 -11.71
N TYR D 383 35.14 -14.12 -11.28
CA TYR D 383 35.29 -15.24 -12.20
C TYR D 383 33.98 -15.48 -12.93
N ILE D 384 34.04 -15.48 -14.26
CA ILE D 384 32.88 -15.71 -15.11
C ILE D 384 33.18 -16.92 -15.99
N THR D 385 32.23 -17.86 -16.05
CA THR D 385 32.34 -19.03 -16.89
C THR D 385 31.26 -18.98 -17.96
N CYS D 386 31.65 -19.25 -19.21
CA CYS D 386 30.72 -19.14 -20.33
C CYS D 386 30.91 -20.32 -21.27
N ASP D 387 29.85 -20.63 -22.01
CA ASP D 387 29.88 -21.67 -23.03
C ASP D 387 29.75 -21.04 -24.41
N ASP D 388 30.29 -21.73 -25.42
CA ASP D 388 30.38 -21.18 -26.77
C ASP D 388 29.10 -21.35 -27.57
N ASP D 389 28.09 -22.03 -27.04
CA ASP D 389 26.84 -22.26 -27.76
C ASP D 389 25.71 -21.36 -27.26
N ILE D 390 26.03 -20.32 -26.50
CA ILE D 390 25.03 -19.44 -25.90
C ILE D 390 25.30 -18.01 -26.37
N ILE D 391 24.26 -17.34 -26.85
CA ILE D 391 24.36 -15.94 -27.24
C ILE D 391 24.18 -15.08 -26.00
N TYR D 392 25.16 -14.23 -25.71
CA TYR D 392 25.06 -13.44 -24.50
C TYR D 392 24.65 -12.01 -24.82
N PRO D 393 23.87 -11.38 -23.94
CA PRO D 393 23.45 -10.00 -24.18
C PRO D 393 24.56 -9.01 -23.82
N SER D 394 24.32 -7.74 -24.15
CA SER D 394 25.30 -6.70 -23.90
C SER D 394 25.37 -6.29 -22.43
N ASP D 395 24.41 -6.70 -21.61
CA ASP D 395 24.37 -6.33 -20.20
C ASP D 395 24.60 -7.53 -19.29
N TYR D 396 25.17 -8.61 -19.81
CA TYR D 396 25.29 -9.84 -19.04
C TYR D 396 26.25 -9.66 -17.86
N ILE D 397 27.46 -9.15 -18.13
CA ILE D 397 28.46 -9.05 -17.08
C ILE D 397 28.04 -8.03 -16.02
N ASN D 398 27.49 -6.90 -16.45
CA ASN D 398 27.01 -5.90 -15.50
C ASN D 398 25.90 -6.46 -14.63
N THR D 399 24.97 -7.22 -15.22
CA THR D 399 23.89 -7.81 -14.44
C THR D 399 24.43 -8.82 -13.43
N MET D 400 25.38 -9.66 -13.84
CA MET D 400 25.93 -10.64 -12.91
C MET D 400 26.66 -9.96 -11.76
N ILE D 401 27.44 -8.92 -12.05
CA ILE D 401 28.16 -8.23 -10.99
C ILE D 401 27.18 -7.50 -10.06
N LYS D 402 26.13 -6.91 -10.62
CA LYS D 402 25.13 -6.24 -9.79
C LYS D 402 24.41 -7.22 -8.88
N LYS D 403 24.07 -8.41 -9.41
CA LYS D 403 23.43 -9.41 -8.56
C LYS D 403 24.37 -9.89 -7.46
N LEU D 404 25.65 -10.08 -7.79
CA LEU D 404 26.62 -10.50 -6.79
C LEU D 404 26.76 -9.43 -5.70
N ASN D 405 26.80 -8.16 -6.08
CA ASN D 405 26.87 -7.09 -5.10
C ASN D 405 25.59 -7.00 -4.27
N GLU D 406 24.45 -7.28 -4.88
CA GLU D 406 23.19 -7.31 -4.14
C GLU D 406 23.20 -8.41 -3.09
N TYR D 407 23.77 -9.57 -3.42
CA TYR D 407 23.97 -10.62 -2.45
C TYR D 407 25.29 -10.49 -1.70
N ASP D 408 25.95 -9.33 -1.80
CA ASP D 408 27.19 -9.03 -1.06
C ASP D 408 28.31 -10.00 -1.36
N ASP D 409 28.31 -10.55 -2.58
CA ASP D 409 29.34 -11.49 -3.05
C ASP D 409 29.46 -12.71 -2.15
N LYS D 410 28.37 -13.07 -1.46
CA LYS D 410 28.39 -14.18 -0.52
C LYS D 410 27.90 -15.48 -1.14
N ALA D 411 27.51 -15.49 -2.41
CA ALA D 411 26.98 -16.68 -3.03
C ALA D 411 27.25 -16.66 -4.52
N VAL D 412 27.26 -17.84 -5.12
CA VAL D 412 27.42 -17.99 -6.56
C VAL D 412 26.06 -17.85 -7.22
N ILE D 413 26.03 -17.18 -8.38
CA ILE D 413 24.78 -16.98 -9.10
C ILE D 413 24.89 -17.63 -10.48
N GLY D 414 23.74 -17.90 -11.07
CA GLY D 414 23.68 -18.52 -12.37
C GLY D 414 22.32 -18.33 -12.99
N LEU D 415 22.15 -18.89 -14.19
CA LEU D 415 20.90 -18.82 -14.92
C LEU D 415 20.27 -20.17 -15.19
N HIS D 416 21.08 -21.20 -15.44
CA HIS D 416 20.57 -22.54 -15.70
C HIS D 416 20.51 -23.28 -14.37
N GLY D 417 19.31 -23.35 -13.80
CA GLY D 417 19.11 -23.96 -12.49
C GLY D 417 18.57 -25.37 -12.61
N ILE D 418 19.03 -26.25 -11.72
CA ILE D 418 18.57 -27.63 -11.66
C ILE D 418 18.24 -27.95 -10.22
N LEU D 419 17.03 -28.45 -9.97
CA LEU D 419 16.55 -28.72 -8.62
C LEU D 419 15.99 -30.14 -8.58
N PHE D 420 16.61 -31.00 -7.77
CA PHE D 420 16.19 -32.39 -7.67
C PHE D 420 16.19 -32.82 -6.21
N PRO D 421 15.33 -33.76 -5.84
CA PRO D 421 15.29 -34.23 -4.46
C PRO D 421 16.44 -35.18 -4.17
N SER D 422 16.62 -35.47 -2.87
CA SER D 422 17.66 -36.38 -2.43
C SER D 422 17.31 -37.84 -2.65
N ARG D 423 16.07 -38.15 -3.03
CA ARG D 423 15.64 -39.51 -3.30
C ARG D 423 15.77 -39.88 -4.77
N MET D 424 16.33 -39.00 -5.59
CA MET D 424 16.45 -39.25 -7.02
C MET D 424 17.44 -40.38 -7.30
N THR D 425 17.04 -41.31 -8.15
CA THR D 425 17.87 -42.45 -8.52
C THR D 425 18.44 -42.34 -9.93
N LYS D 426 18.14 -41.28 -10.66
CA LYS D 426 18.68 -41.08 -12.00
C LYS D 426 18.75 -39.59 -12.28
N TYR D 427 19.94 -39.10 -12.62
CA TYR D 427 20.14 -37.66 -12.74
C TYR D 427 19.31 -37.05 -13.86
N PHE D 428 19.26 -37.70 -15.02
CA PHE D 428 18.50 -37.19 -16.15
C PHE D 428 17.09 -37.77 -16.22
N SER D 429 16.51 -38.12 -15.08
CA SER D 429 15.15 -38.63 -15.05
C SER D 429 14.16 -37.46 -15.04
N ALA D 430 12.89 -37.76 -14.84
CA ALA D 430 11.85 -36.74 -14.80
C ALA D 430 11.65 -36.16 -13.42
N ASP D 431 12.43 -36.60 -12.43
CA ASP D 431 12.28 -36.11 -11.06
C ASP D 431 13.04 -34.82 -10.81
N ARG D 432 13.74 -34.28 -11.80
CA ARG D 432 14.44 -33.01 -11.64
C ARG D 432 13.69 -31.91 -12.38
N LEU D 433 13.84 -30.69 -11.88
CA LEU D 433 13.22 -29.50 -12.46
C LEU D 433 14.32 -28.61 -13.02
N VAL D 434 14.19 -28.23 -14.27
CA VAL D 434 15.23 -27.48 -14.98
C VAL D 434 14.67 -26.12 -15.35
N TYR D 435 15.32 -25.07 -14.88
CA TYR D 435 15.03 -23.69 -15.27
C TYR D 435 16.14 -23.29 -16.23
N SER D 436 15.84 -23.36 -17.52
CA SER D 436 16.84 -23.10 -18.56
C SER D 436 17.19 -21.61 -18.61
N PHE D 437 18.39 -21.34 -19.13
CA PHE D 437 18.84 -19.95 -19.23
C PHE D 437 18.02 -19.16 -20.23
N TYR D 438 17.44 -19.83 -21.23
CA TYR D 438 16.59 -19.16 -22.21
C TYR D 438 15.13 -19.11 -21.79
N LYS D 439 14.80 -19.61 -20.60
CA LYS D 439 13.43 -19.58 -20.12
C LYS D 439 13.29 -18.57 -19.00
N PRO D 440 12.16 -17.86 -18.93
CA PRO D 440 12.01 -16.80 -17.92
C PRO D 440 11.92 -17.35 -16.51
N LEU D 441 12.29 -16.52 -15.55
CA LEU D 441 12.15 -16.82 -14.14
C LEU D 441 11.69 -15.55 -13.43
N GLU D 442 10.57 -15.65 -12.71
CA GLU D 442 9.97 -14.46 -12.11
C GLU D 442 10.75 -13.98 -10.90
N LYS D 443 11.20 -14.92 -10.06
CA LYS D 443 11.86 -14.59 -8.80
C LYS D 443 13.10 -15.45 -8.64
N ASP D 444 14.11 -14.89 -7.97
CA ASP D 444 15.34 -15.64 -7.72
C ASP D 444 15.06 -16.87 -6.88
N LYS D 445 15.67 -17.99 -7.27
CA LYS D 445 15.47 -19.27 -6.60
C LYS D 445 16.81 -19.94 -6.37
N ALA D 446 17.02 -20.45 -5.17
CA ALA D 446 18.22 -21.21 -4.87
C ALA D 446 18.06 -22.64 -5.38
N VAL D 447 19.05 -23.12 -6.14
CA VAL D 447 18.97 -24.42 -6.78
C VAL D 447 20.16 -25.26 -6.34
N ASN D 448 20.02 -26.57 -6.51
CA ASN D 448 21.10 -27.49 -6.12
C ASN D 448 22.29 -27.39 -7.08
N VAL D 449 22.02 -27.36 -8.38
CA VAL D 449 23.06 -27.39 -9.40
C VAL D 449 22.83 -26.23 -10.37
N LEU D 450 23.88 -25.45 -10.60
CA LEU D 450 23.85 -24.36 -11.58
C LEU D 450 24.70 -24.75 -12.77
N GLY D 451 24.15 -24.58 -13.97
CA GLY D 451 24.88 -24.84 -15.19
C GLY D 451 26.09 -23.93 -15.31
N THR D 452 27.26 -24.51 -15.58
CA THR D 452 28.50 -23.75 -15.60
C THR D 452 28.58 -22.78 -16.78
N GLY D 453 27.67 -22.86 -17.73
CA GLY D 453 27.67 -21.91 -18.82
C GLY D 453 27.19 -20.53 -18.46
N THR D 454 26.64 -20.34 -17.25
CA THR D 454 26.14 -19.05 -16.81
C THR D 454 26.54 -18.73 -15.38
N VAL D 455 27.65 -19.29 -14.91
CA VAL D 455 28.06 -19.15 -13.52
C VAL D 455 28.97 -17.94 -13.39
N SER D 456 28.65 -17.06 -12.44
CA SER D 456 29.48 -15.90 -12.10
C SER D 456 29.66 -15.87 -10.59
N PHE D 457 30.91 -15.72 -10.14
CA PHE D 457 31.16 -15.73 -8.70
C PHE D 457 32.45 -14.99 -8.40
N ARG D 458 32.51 -14.39 -7.21
CA ARG D 458 33.74 -13.75 -6.78
C ARG D 458 34.79 -14.79 -6.41
N VAL D 459 36.03 -14.53 -6.79
CA VAL D 459 37.10 -15.51 -6.58
C VAL D 459 37.41 -15.68 -5.10
N SER D 460 37.25 -14.62 -4.30
CA SER D 460 37.60 -14.66 -2.89
C SER D 460 36.73 -15.62 -2.08
N LEU D 461 35.62 -16.09 -2.64
CA LEU D 461 34.78 -17.04 -1.93
C LEU D 461 35.46 -18.39 -1.73
N PHE D 462 36.48 -18.70 -2.53
CA PHE D 462 37.19 -19.97 -2.44
C PHE D 462 38.63 -19.72 -2.02
N ASN D 463 39.09 -20.46 -1.01
CA ASN D 463 40.44 -20.34 -0.50
C ASN D 463 41.40 -21.35 -1.09
N GLN D 464 40.95 -22.60 -1.25
CA GLN D 464 41.76 -23.66 -1.83
C GLN D 464 40.96 -24.36 -2.92
N PHE D 465 41.57 -24.52 -4.09
CA PHE D 465 40.91 -25.18 -5.21
C PHE D 465 41.95 -25.81 -6.11
N SER D 466 41.68 -27.04 -6.54
CA SER D 466 42.54 -27.76 -7.47
C SER D 466 41.69 -28.40 -8.55
N LEU D 467 42.14 -28.27 -9.81
CA LEU D 467 41.40 -28.84 -10.92
C LEU D 467 41.42 -30.36 -10.92
N SER D 468 42.41 -30.97 -10.26
CA SER D 468 42.49 -32.42 -10.23
C SER D 468 41.32 -33.07 -9.51
N ASP D 469 40.59 -32.30 -8.69
CA ASP D 469 39.40 -32.85 -8.03
C ASP D 469 38.29 -33.15 -9.02
N PHE D 470 38.30 -32.54 -10.20
CA PHE D 470 37.30 -32.80 -11.23
C PHE D 470 37.72 -34.08 -11.96
N THR D 471 37.26 -35.22 -11.44
CA THR D 471 37.73 -36.50 -11.95
C THR D 471 37.29 -36.73 -13.39
N HIS D 472 36.04 -36.41 -13.71
CA HIS D 472 35.47 -36.69 -15.02
C HIS D 472 35.15 -35.38 -15.75
N SER D 473 35.40 -35.37 -17.05
CA SER D 473 35.10 -34.22 -17.87
C SER D 473 33.64 -34.27 -18.34
N GLY D 474 33.13 -33.10 -18.72
CA GLY D 474 31.76 -32.99 -19.16
C GLY D 474 30.73 -32.94 -18.06
N MET D 475 31.16 -32.94 -16.80
CA MET D 475 30.28 -32.87 -15.64
C MET D 475 30.66 -31.69 -14.76
N ALA D 476 30.91 -30.54 -15.38
CA ALA D 476 31.37 -29.37 -14.64
C ALA D 476 30.32 -28.86 -13.68
N ASP D 477 29.04 -28.95 -14.05
CA ASP D 477 27.97 -28.46 -13.19
C ASP D 477 27.94 -29.21 -11.86
N ILE D 478 28.01 -30.55 -11.93
CA ILE D 478 27.91 -31.36 -10.72
C ILE D 478 29.11 -31.13 -9.81
N TYR D 479 30.31 -31.10 -10.39
CA TYR D 479 31.51 -30.91 -9.58
C TYR D 479 31.56 -29.50 -8.98
N PHE D 480 31.14 -28.49 -9.74
CA PHE D 480 31.11 -27.15 -9.20
C PHE D 480 30.08 -27.02 -8.09
N SER D 481 28.93 -27.68 -8.24
CA SER D 481 27.95 -27.68 -7.16
C SER D 481 28.49 -28.38 -5.93
N LEU D 482 29.23 -29.47 -6.11
CA LEU D 482 29.85 -30.14 -4.98
C LEU D 482 30.88 -29.23 -4.29
N LEU D 483 31.66 -28.50 -5.07
CA LEU D 483 32.62 -27.57 -4.50
C LEU D 483 31.93 -26.46 -3.73
N CYS D 484 30.82 -25.93 -4.26
CA CYS D 484 30.05 -24.90 -3.55
C CYS D 484 29.45 -25.44 -2.27
N LYS D 485 28.96 -26.68 -2.29
CA LYS D 485 28.36 -27.28 -1.10
C LYS D 485 29.41 -27.58 -0.04
N LYS D 486 30.63 -27.93 -0.47
CA LYS D 486 31.69 -28.22 0.49
C LYS D 486 32.06 -26.98 1.30
N ASN D 487 32.09 -25.82 0.66
CA ASN D 487 32.40 -24.57 1.33
C ASN D 487 31.16 -23.84 1.84
N ASN D 488 29.99 -24.48 1.79
CA ASN D 488 28.72 -23.90 2.24
C ASN D 488 28.41 -22.59 1.52
N ILE D 489 28.64 -22.57 0.21
CA ILE D 489 28.37 -21.41 -0.62
C ILE D 489 27.08 -21.66 -1.39
N LEU D 490 26.13 -20.74 -1.24
CA LEU D 490 24.83 -20.91 -1.86
C LEU D 490 24.91 -20.70 -3.38
N GLN D 491 24.08 -21.43 -4.10
CA GLN D 491 23.91 -21.27 -5.54
C GLN D 491 22.52 -20.70 -5.80
N ILE D 492 22.46 -19.58 -6.50
CA ILE D 492 21.22 -18.83 -6.70
C ILE D 492 20.96 -18.72 -8.19
N CYS D 493 19.80 -19.18 -8.63
CA CYS D 493 19.36 -19.02 -10.01
C CYS D 493 18.62 -17.69 -10.09
N ILE D 494 19.29 -16.66 -10.61
CA ILE D 494 18.71 -15.33 -10.59
C ILE D 494 17.58 -15.22 -11.61
N SER D 495 16.71 -14.24 -11.40
CA SER D 495 15.60 -14.00 -12.30
C SER D 495 16.10 -13.42 -13.61
N ARG D 496 15.34 -13.67 -14.67
CA ARG D 496 15.67 -13.18 -15.99
C ARG D 496 14.42 -13.18 -16.85
N PRO D 497 14.33 -12.32 -17.85
CA PRO D 497 13.18 -12.36 -18.75
C PRO D 497 13.23 -13.52 -19.72
N ALA D 498 12.18 -13.70 -20.51
CA ALA D 498 12.14 -14.78 -21.48
C ALA D 498 13.14 -14.54 -22.61
N ASN D 499 13.87 -15.59 -22.96
CA ASN D 499 14.84 -15.56 -24.06
C ASN D 499 15.90 -14.48 -23.84
N TRP D 500 16.33 -14.31 -22.59
CA TRP D 500 17.43 -13.39 -22.31
C TRP D 500 18.72 -13.89 -22.94
N LEU D 501 18.98 -15.19 -22.87
CA LEU D 501 20.15 -15.83 -23.47
C LEU D 501 19.65 -16.88 -24.46
N THR D 502 19.52 -16.48 -25.73
CA THR D 502 19.03 -17.39 -26.74
C THR D 502 20.10 -18.41 -27.10
N GLU D 503 19.80 -19.68 -26.89
CA GLU D 503 20.74 -20.75 -27.23
C GLU D 503 20.89 -20.85 -28.74
N ASP D 504 22.13 -21.02 -29.20
CA ASP D 504 22.44 -21.16 -30.62
C ASP D 504 23.22 -22.45 -30.80
N ASN D 505 22.49 -23.57 -30.94
CA ASN D 505 23.15 -24.85 -31.19
C ASN D 505 23.66 -24.95 -32.61
N ARG D 506 22.87 -24.48 -33.58
CA ARG D 506 23.23 -24.48 -35.00
C ARG D 506 23.58 -25.90 -35.49
N ASP D 507 22.75 -26.86 -35.08
CA ASP D 507 22.87 -28.26 -35.53
C ASP D 507 24.24 -28.85 -35.20
N SER D 508 24.74 -28.55 -34.00
CA SER D 508 26.00 -29.08 -33.54
C SER D 508 25.77 -30.24 -32.58
N GLU D 509 26.86 -30.79 -32.05
CA GLU D 509 26.80 -31.88 -31.09
C GLU D 509 26.92 -31.32 -29.68
N THR D 510 26.02 -31.77 -28.81
CA THR D 510 25.96 -31.27 -27.44
C THR D 510 26.23 -32.41 -26.46
N LEU D 511 26.82 -32.06 -25.32
CA LEU D 511 27.12 -33.05 -24.30
C LEU D 511 25.84 -33.57 -23.63
N TYR D 512 24.77 -32.78 -23.64
CA TYR D 512 23.51 -33.24 -23.07
C TYR D 512 22.96 -34.43 -23.84
N HIS D 513 23.01 -34.39 -25.17
CA HIS D 513 22.57 -35.52 -25.97
C HIS D 513 23.49 -36.72 -25.79
N GLN D 514 24.78 -36.48 -25.54
CA GLN D 514 25.71 -37.58 -25.37
C GLN D 514 25.50 -38.30 -24.04
N TYR D 515 25.33 -37.55 -22.96
CA TYR D 515 25.24 -38.12 -21.62
C TYR D 515 23.81 -38.23 -21.10
N ARG D 516 22.82 -37.98 -21.95
CA ARG D 516 21.43 -38.10 -21.50
C ARG D 516 21.07 -39.54 -21.19
N ASP D 517 21.53 -40.47 -22.03
CA ASP D 517 21.24 -41.89 -21.85
C ASP D 517 22.41 -42.67 -21.28
N ASN D 518 23.50 -42.01 -20.92
CA ASN D 518 24.69 -42.68 -20.39
C ASN D 518 25.24 -41.92 -19.20
N ASP D 519 24.37 -41.46 -18.31
CA ASP D 519 24.77 -40.68 -17.14
C ASP D 519 24.99 -41.57 -15.91
N GLU D 520 25.82 -42.60 -16.07
CA GLU D 520 26.12 -43.47 -14.93
C GLU D 520 27.00 -42.76 -13.91
N GLN D 521 28.04 -42.06 -14.39
CA GLN D 521 28.95 -41.38 -13.48
C GLN D 521 28.26 -40.22 -12.77
N GLN D 522 27.43 -39.46 -13.48
CA GLN D 522 26.71 -38.35 -12.85
C GLN D 522 25.74 -38.86 -11.79
N THR D 523 25.00 -39.93 -12.10
CA THR D 523 24.10 -40.50 -11.12
C THR D 523 24.86 -41.02 -9.90
N GLN D 524 26.01 -41.67 -10.14
CA GLN D 524 26.83 -42.17 -9.05
C GLN D 524 27.29 -41.02 -8.16
N LEU D 525 27.75 -39.93 -8.76
CA LEU D 525 28.23 -38.80 -7.98
C LEU D 525 27.10 -38.16 -7.18
N ILE D 526 25.92 -37.99 -7.80
CA ILE D 526 24.79 -37.39 -7.11
C ILE D 526 24.35 -38.25 -5.93
N MET D 527 24.29 -39.57 -6.14
CA MET D 527 23.88 -40.45 -5.05
C MET D 527 24.92 -40.55 -3.95
N GLU D 528 26.20 -40.46 -4.31
CA GLU D 528 27.29 -40.62 -3.35
C GLU D 528 27.62 -39.33 -2.61
N ASN D 529 27.16 -38.18 -3.08
CA ASN D 529 27.53 -36.90 -2.49
C ASN D 529 26.28 -36.13 -2.07
N GLY D 530 25.37 -36.80 -1.37
CA GLY D 530 24.22 -36.14 -0.82
C GLY D 530 24.54 -35.42 0.47
N PRO D 531 23.50 -34.83 1.07
CA PRO D 531 22.09 -34.78 0.64
C PRO D 531 21.85 -33.66 -0.36
N TRP D 532 20.69 -33.67 -1.04
CA TRP D 532 20.38 -32.66 -2.03
C TRP D 532 19.00 -32.07 -1.78
N GLY D 533 18.51 -31.27 -2.72
CA GLY D 533 17.22 -30.64 -2.54
C GLY D 533 17.30 -29.54 -1.49
N TYR D 534 16.13 -29.19 -0.96
CA TYR D 534 16.06 -28.15 0.06
C TYR D 534 16.78 -28.55 1.34
N SER D 535 17.06 -29.84 1.54
CA SER D 535 17.87 -30.26 2.68
C SER D 535 19.28 -29.68 2.59
N SER D 536 19.78 -29.45 1.38
CA SER D 536 21.07 -28.81 1.17
C SER D 536 20.94 -27.31 0.95
N ILE D 537 19.73 -26.77 0.98
CA ILE D 537 19.48 -25.35 0.73
C ILE D 537 18.94 -24.65 1.97
N TYR D 538 18.04 -25.29 2.71
CA TYR D 538 17.43 -24.66 3.87
C TYR D 538 18.42 -24.25 4.94
N PRO D 539 19.40 -25.08 5.34
CA PRO D 539 20.41 -24.56 6.30
C PRO D 539 21.20 -23.39 5.77
N LEU D 540 21.50 -23.36 4.47
CA LEU D 540 22.25 -22.25 3.90
C LEU D 540 21.38 -21.01 3.70
N VAL D 541 20.08 -21.19 3.50
CA VAL D 541 19.20 -20.05 3.24
C VAL D 541 18.62 -19.48 4.53
N LYS D 542 18.66 -20.21 5.64
CA LYS D 542 18.17 -19.75 6.92
C LYS D 542 19.26 -19.10 7.76
N ASN D 543 20.49 -19.04 7.27
CA ASN D 543 21.63 -18.54 8.04
C ASN D 543 22.14 -17.21 7.50
N HIS D 544 21.31 -16.46 6.78
CA HIS D 544 21.73 -15.15 6.28
C HIS D 544 20.51 -14.30 5.95
N PRO D 545 20.46 -13.05 6.41
CA PRO D 545 19.31 -12.20 6.10
C PRO D 545 19.14 -11.92 4.62
N LYS D 546 20.24 -11.79 3.87
CA LYS D 546 20.14 -11.48 2.44
C LYS D 546 19.48 -12.61 1.66
N PHE D 547 19.40 -13.80 2.23
CA PHE D 547 18.74 -14.93 1.60
C PHE D 547 17.33 -15.14 2.13
N THR D 548 16.79 -14.18 2.89
CA THR D 548 15.47 -14.35 3.48
C THR D 548 14.39 -14.52 2.41
N ASP D 549 14.49 -13.76 1.32
CA ASP D 549 13.53 -13.90 0.23
C ASP D 549 13.70 -15.20 -0.54
N LEU D 550 14.78 -15.95 -0.31
CA LEU D 550 15.04 -17.20 -1.02
C LEU D 550 14.65 -18.42 -0.20
N ILE D 551 13.99 -18.24 0.93
CA ILE D 551 13.60 -19.37 1.77
C ILE D 551 12.51 -20.17 1.06
N PRO D 552 12.63 -21.50 0.97
CA PRO D 552 11.58 -22.29 0.33
C PRO D 552 10.27 -22.17 1.08
N CYS D 553 9.17 -22.25 0.32
CA CYS D 553 7.84 -22.05 0.91
C CYS D 553 7.42 -23.24 1.75
N LEU D 554 7.39 -24.42 1.14
CA LEU D 554 6.97 -25.65 1.81
C LEU D 554 8.04 -26.72 1.59
N PRO D 555 9.15 -26.64 2.32
CA PRO D 555 10.29 -27.53 2.05
C PRO D 555 10.17 -28.93 2.62
N PHE D 556 9.01 -29.33 3.17
CA PHE D 556 8.92 -30.62 3.83
C PHE D 556 8.82 -31.78 2.86
N TYR D 557 8.41 -31.55 1.62
CA TYR D 557 8.34 -32.61 0.62
C TYR D 557 9.58 -32.70 -0.26
N PHE D 558 10.24 -31.57 -0.50
CA PHE D 558 11.39 -31.52 -1.39
C PHE D 558 12.69 -31.72 -0.61
N LEU D 559 12.76 -32.80 0.16
CA LEU D 559 13.93 -33.08 0.97
C LEU D 559 15.02 -33.75 0.16
#